data_8XX8
#
_entry.id   8XX8
#
_cell.length_a   90.220
_cell.length_b   126.180
_cell.length_c   97.610
_cell.angle_alpha   90.000
_cell.angle_beta   104.770
_cell.angle_gamma   90.000
#
_symmetry.space_group_name_H-M   'P 1 21 1'
#
loop_
_entity.id
_entity.type
_entity.pdbx_description
1 polymer Rhodopsin
2 non-polymer EICOSANE
3 non-polymer 'CHLORIDE ION'
4 non-polymer 'OLEIC ACID'
5 non-polymer RETINAL
6 water water
#
_entity_poly.entity_id   1
_entity_poly.type   'polypeptide(L)'
_entity_poly.pdbx_seq_one_letter_code
;MNPRPIEPATEAWLWVGVAGMALAAIVMLAFVKRARTPFEESQAVSQFFVLLIAFGTYLAMALGQGSLTADDGRQVFVSR
YITWTFTTPLLLLGLATTALGSPITRRKPVVAGLIGADIIMILTGLVAALSPSGSHEKWIWYGVSSGAFLAVYYLICGPL
LLEARVTGADHRRLYLRNAVVLSVIWFLYPVNFLLGNEGLGQWGGTATTAIYTLLDLASKAAYGFFAITGVRALTDRAGA
PALTLDEAARRAGGTEADPARSG
;
_entity_poly.pdbx_strand_id   A,B,D,E,F,C
#
loop_
_chem_comp.id
_chem_comp.type
_chem_comp.name
_chem_comp.formula
CL non-polymer 'CHLORIDE ION' 'Cl -1'
LFA non-polymer EICOSANE 'C20 H42'
OLA non-polymer 'OLEIC ACID' 'C18 H34 O2'
RET non-polymer RETINAL 'C20 H28 O'
#
# COMPACT_ATOMS: atom_id res chain seq x y z
N MET A 1 5.74 -16.78 -24.85
CA MET A 1 5.66 -16.80 -23.40
C MET A 1 4.25 -17.18 -22.93
N ASN A 2 3.82 -18.39 -23.26
CA ASN A 2 2.53 -18.87 -22.81
C ASN A 2 2.50 -18.89 -21.29
N PRO A 3 1.40 -18.43 -20.67
CA PRO A 3 1.35 -18.38 -19.21
C PRO A 3 1.48 -19.77 -18.59
N ARG A 4 2.24 -19.86 -17.49
CA ARG A 4 2.48 -21.08 -16.73
C ARG A 4 1.48 -21.19 -15.58
N PRO A 5 1.15 -22.41 -15.16
CA PRO A 5 0.21 -22.57 -14.04
C PRO A 5 0.87 -22.18 -12.73
N ILE A 6 0.10 -21.49 -11.88
CA ILE A 6 0.55 -21.10 -10.55
C ILE A 6 -0.48 -21.60 -9.55
N GLU A 7 -0.01 -21.89 -8.33
CA GLU A 7 -0.93 -22.22 -7.26
C GLU A 7 -1.84 -21.03 -6.98
N PRO A 8 -3.12 -21.27 -6.67
CA PRO A 8 -4.03 -20.14 -6.42
C PRO A 8 -3.55 -19.20 -5.32
N ALA A 9 -3.07 -19.75 -4.21
CA ALA A 9 -2.63 -18.90 -3.10
C ALA A 9 -1.42 -18.05 -3.50
N THR A 10 -0.49 -18.61 -4.26
CA THR A 10 0.67 -17.85 -4.72
C THR A 10 0.26 -16.76 -5.70
N GLU A 11 -0.66 -17.08 -6.62
CA GLU A 11 -1.11 -16.09 -7.59
C GLU A 11 -1.87 -14.97 -6.91
N ALA A 12 -2.61 -15.27 -5.83
CA ALA A 12 -3.33 -14.24 -5.11
C ALA A 12 -2.36 -13.23 -4.49
N TRP A 13 -1.30 -13.71 -3.85
CA TRP A 13 -0.30 -12.81 -3.29
C TRP A 13 0.37 -11.96 -4.37
N LEU A 14 0.54 -12.53 -5.57
CA LEU A 14 1.14 -11.77 -6.66
C LEU A 14 0.22 -10.64 -7.12
N TRP A 15 -1.09 -10.88 -7.14
CA TRP A 15 -2.03 -9.82 -7.51
C TRP A 15 -2.08 -8.71 -6.47
N VAL A 16 -1.83 -9.05 -5.20
CA VAL A 16 -1.69 -8.01 -4.18
C VAL A 16 -0.48 -7.14 -4.48
N GLY A 17 0.60 -7.74 -4.99
CA GLY A 17 1.75 -6.97 -5.40
C GLY A 17 1.46 -6.09 -6.61
N VAL A 18 0.64 -6.58 -7.53
CA VAL A 18 0.27 -5.79 -8.70
C VAL A 18 -0.53 -4.56 -8.29
N ALA A 19 -1.61 -4.78 -7.53
CA ALA A 19 -2.45 -3.67 -7.11
C ALA A 19 -1.70 -2.71 -6.20
N GLY A 20 -0.81 -3.24 -5.35
CA GLY A 20 -0.05 -2.38 -4.46
C GLY A 20 0.90 -1.46 -5.22
N MET A 21 1.69 -2.03 -6.12
CA MET A 21 2.64 -1.23 -6.88
C MET A 21 1.95 -0.28 -7.84
N ALA A 22 0.82 -0.69 -8.41
CA ALA A 22 0.11 0.17 -9.35
C ALA A 22 -0.39 1.44 -8.66
N LEU A 23 -1.07 1.29 -7.52
CA LEU A 23 -1.58 2.45 -6.81
C LEU A 23 -0.44 3.33 -6.29
N ALA A 24 0.62 2.72 -5.77
CA ALA A 24 1.74 3.50 -5.26
C ALA A 24 2.44 4.27 -6.37
N ALA A 25 2.53 3.67 -7.57
CA ALA A 25 3.15 4.38 -8.69
C ALA A 25 2.33 5.59 -9.11
N ILE A 26 1.00 5.47 -9.11
CA ILE A 26 0.14 6.58 -9.49
C ILE A 26 0.32 7.75 -8.54
N VAL A 27 0.35 7.48 -7.23
CA VAL A 27 0.57 8.55 -6.27
C VAL A 27 1.99 9.09 -6.38
N MET A 28 2.97 8.21 -6.63
CA MET A 28 4.34 8.66 -6.76
C MET A 28 4.56 9.52 -8.01
N LEU A 29 3.74 9.29 -9.05
CA LEU A 29 3.84 10.13 -10.25
C LEU A 29 3.43 11.57 -9.93
N ALA A 30 2.58 11.77 -8.92
CA ALA A 30 2.23 13.12 -8.50
C ALA A 30 3.42 13.86 -7.95
N PHE A 31 4.26 13.18 -7.15
CA PHE A 31 5.48 13.80 -6.65
C PHE A 31 6.42 14.17 -7.79
N VAL A 32 6.41 13.39 -8.87
CA VAL A 32 7.19 13.74 -10.06
C VAL A 32 6.64 15.02 -10.68
N LYS A 33 5.35 15.05 -10.95
CA LYS A 33 4.75 16.19 -11.64
C LYS A 33 4.85 17.48 -10.83
N ARG A 34 5.06 17.39 -9.52
CA ARG A 34 5.12 18.57 -8.66
C ARG A 34 6.52 18.86 -8.15
N ALA A 35 7.54 18.25 -8.74
CA ALA A 35 8.91 18.51 -8.30
C ALA A 35 9.31 19.95 -8.59
N ARG A 36 10.08 20.54 -7.67
CA ARG A 36 10.43 21.95 -7.74
C ARG A 36 11.91 22.21 -7.96
N THR A 37 12.77 21.25 -7.64
CA THR A 37 14.22 21.38 -7.77
C THR A 37 14.77 20.16 -8.49
N PRO A 38 15.97 20.24 -9.05
CA PRO A 38 16.59 19.04 -9.63
C PRO A 38 16.76 17.91 -8.61
N PHE A 39 17.03 18.23 -7.35
CA PHE A 39 17.12 17.18 -6.33
C PHE A 39 15.76 16.51 -6.12
N GLU A 40 14.69 17.30 -6.05
CA GLU A 40 13.37 16.73 -5.86
C GLU A 40 12.89 15.99 -7.09
N GLU A 41 13.35 16.40 -8.28
CA GLU A 41 12.93 15.72 -9.50
C GLU A 41 13.64 14.39 -9.66
N SER A 42 14.94 14.34 -9.39
CA SER A 42 15.69 13.09 -9.50
C SER A 42 15.13 12.05 -8.54
N GLN A 43 14.92 12.43 -7.27
CA GLN A 43 14.38 11.50 -6.29
C GLN A 43 13.00 11.02 -6.68
N ALA A 44 12.14 11.92 -7.16
CA ALA A 44 10.77 11.54 -7.51
C ALA A 44 10.75 10.58 -8.68
N VAL A 45 11.51 10.86 -9.73
CA VAL A 45 11.52 9.99 -10.90
C VAL A 45 12.10 8.63 -10.55
N SER A 46 13.13 8.59 -9.72
CA SER A 46 13.71 7.31 -9.30
C SER A 46 12.67 6.46 -8.58
N GLN A 47 12.02 7.02 -7.56
CA GLN A 47 11.02 6.27 -6.81
C GLN A 47 9.88 5.81 -7.72
N PHE A 48 9.45 6.67 -8.64
CA PHE A 48 8.35 6.30 -9.53
C PHE A 48 8.71 5.08 -10.38
N PHE A 49 9.92 5.07 -10.94
CA PHE A 49 10.33 3.93 -11.75
C PHE A 49 10.59 2.69 -10.92
N VAL A 50 10.90 2.84 -9.64
CA VAL A 50 10.95 1.68 -8.74
C VAL A 50 9.57 1.02 -8.68
N LEU A 51 8.53 1.82 -8.42
CA LEU A 51 7.17 1.28 -8.34
C LEU A 51 6.69 0.79 -9.71
N LEU A 52 6.98 1.54 -10.78
CA LEU A 52 6.46 1.19 -12.10
C LEU A 52 7.06 -0.12 -12.61
N ILE A 53 8.38 -0.29 -12.46
CA ILE A 53 8.99 -1.55 -12.85
C ILE A 53 8.52 -2.69 -11.95
N ALA A 54 8.38 -2.42 -10.65
CA ALA A 54 7.87 -3.42 -9.72
C ALA A 54 6.44 -3.84 -10.09
N PHE A 55 5.63 -2.88 -10.54
CA PHE A 55 4.30 -3.24 -11.03
C PHE A 55 4.39 -4.17 -12.23
N GLY A 56 5.31 -3.88 -13.15
CA GLY A 56 5.44 -4.73 -14.33
C GLY A 56 5.88 -6.13 -14.00
N THR A 57 6.85 -6.29 -13.11
CA THR A 57 7.35 -7.62 -12.79
C THR A 57 6.33 -8.43 -12.00
N TYR A 58 5.48 -7.77 -11.20
CA TYR A 58 4.42 -8.50 -10.53
C TYR A 58 3.28 -8.84 -11.48
N LEU A 59 3.00 -7.97 -12.44
CA LEU A 59 2.04 -8.32 -13.49
C LEU A 59 2.54 -9.52 -14.29
N ALA A 60 3.83 -9.53 -14.64
CA ALA A 60 4.39 -10.68 -15.34
C ALA A 60 4.27 -11.95 -14.51
N MET A 61 4.56 -11.87 -13.22
CA MET A 61 4.46 -13.05 -12.37
C MET A 61 3.02 -13.48 -12.17
N ALA A 62 2.12 -12.52 -11.93
CA ALA A 62 0.71 -12.87 -11.72
C ALA A 62 0.10 -13.50 -12.96
N LEU A 63 0.45 -12.99 -14.14
CA LEU A 63 -0.04 -13.57 -15.39
C LEU A 63 0.62 -14.90 -15.73
N GLY A 64 1.49 -15.41 -14.86
CA GLY A 64 2.16 -16.67 -15.14
C GLY A 64 3.23 -16.58 -16.22
N GLN A 65 3.85 -15.40 -16.38
CA GLN A 65 4.85 -15.18 -17.41
C GLN A 65 6.19 -14.73 -16.83
N GLY A 66 6.41 -14.91 -15.53
CA GLY A 66 7.62 -14.44 -14.91
C GLY A 66 8.37 -15.49 -14.14
N SER A 67 8.13 -16.76 -14.46
CA SER A 67 8.78 -17.86 -13.76
C SER A 67 9.18 -18.93 -14.76
N LEU A 68 10.18 -19.71 -14.39
CA LEU A 68 10.61 -20.86 -15.16
C LEU A 68 10.99 -21.98 -14.19
N THR A 69 11.18 -23.18 -14.75
CA THR A 69 11.53 -24.34 -13.94
C THR A 69 13.05 -24.46 -13.86
N ALA A 70 13.57 -24.50 -12.64
CA ALA A 70 14.99 -24.74 -12.45
C ALA A 70 15.31 -26.21 -12.74
N ASP A 71 16.61 -26.51 -12.81
CA ASP A 71 17.02 -27.86 -13.18
C ASP A 71 16.67 -28.87 -12.09
N ASP A 72 16.55 -28.44 -10.85
CA ASP A 72 16.14 -29.34 -9.78
C ASP A 72 14.63 -29.56 -9.75
N GLY A 73 13.86 -28.78 -10.52
CA GLY A 73 12.42 -28.92 -10.57
C GLY A 73 11.65 -27.81 -9.89
N ARG A 74 12.32 -26.98 -9.09
CA ARG A 74 11.63 -25.90 -8.40
C ARG A 74 11.17 -24.83 -9.38
N GLN A 75 10.18 -24.05 -8.96
CA GLN A 75 9.69 -22.91 -9.71
C GLN A 75 10.32 -21.65 -9.12
N VAL A 76 11.12 -20.95 -9.91
CA VAL A 76 11.77 -19.71 -9.50
C VAL A 76 11.19 -18.56 -10.31
N PHE A 77 10.74 -17.52 -9.60
CA PHE A 77 10.22 -16.31 -10.24
C PHE A 77 11.39 -15.43 -10.67
N VAL A 78 11.94 -15.75 -11.83
CA VAL A 78 13.12 -15.05 -12.33
C VAL A 78 12.81 -13.62 -12.70
N SER A 79 11.56 -13.31 -13.04
CA SER A 79 11.20 -11.92 -13.34
C SER A 79 11.46 -11.01 -12.14
N ARG A 80 11.25 -11.53 -10.93
CA ARG A 80 11.55 -10.75 -9.73
C ARG A 80 13.02 -10.38 -9.67
N TYR A 81 13.91 -11.31 -10.02
CA TYR A 81 15.34 -11.03 -10.00
C TYR A 81 15.73 -10.10 -11.14
N ILE A 82 15.09 -10.24 -12.31
CA ILE A 82 15.45 -9.43 -13.48
C ILE A 82 15.21 -7.96 -13.19
N THR A 83 14.05 -7.63 -12.60
CA THR A 83 13.71 -6.24 -12.33
C THR A 83 14.37 -5.73 -11.06
N TRP A 84 14.63 -6.60 -10.09
CA TRP A 84 15.45 -6.22 -8.95
C TRP A 84 16.78 -5.63 -9.38
N THR A 85 17.33 -6.13 -10.50
CA THR A 85 18.60 -5.62 -11.02
C THR A 85 18.50 -4.14 -11.37
N PHE A 86 17.31 -3.65 -11.70
CA PHE A 86 17.12 -2.25 -12.06
C PHE A 86 16.49 -1.41 -10.95
N THR A 87 15.59 -1.99 -10.16
CA THR A 87 14.90 -1.20 -9.14
C THR A 87 15.79 -0.94 -7.93
N THR A 88 16.52 -1.94 -7.47
CA THR A 88 17.37 -1.74 -6.29
C THR A 88 18.48 -0.73 -6.50
N PRO A 89 19.11 -0.59 -7.69
CA PRO A 89 20.04 0.53 -7.87
C PRO A 89 19.38 1.88 -7.81
N LEU A 90 18.13 2.00 -8.28
CA LEU A 90 17.42 3.27 -8.20
C LEU A 90 17.14 3.65 -6.76
N LEU A 91 16.83 2.67 -5.91
CA LEU A 91 16.67 2.93 -4.49
C LEU A 91 17.97 3.43 -3.88
N LEU A 92 19.07 2.71 -4.13
CA LEU A 92 20.36 3.13 -3.59
C LEU A 92 20.79 4.46 -4.18
N LEU A 93 20.48 4.71 -5.46
CA LEU A 93 20.78 6.01 -6.05
C LEU A 93 20.09 7.13 -5.30
N GLY A 94 18.87 6.89 -4.82
CA GLY A 94 18.19 7.87 -3.99
C GLY A 94 18.97 8.21 -2.73
N LEU A 95 19.51 7.19 -2.06
CA LEU A 95 20.36 7.43 -0.90
C LEU A 95 21.58 8.25 -1.29
N ALA A 96 22.28 7.83 -2.35
CA ALA A 96 23.49 8.53 -2.77
C ALA A 96 23.18 9.96 -3.22
N THR A 97 22.03 10.17 -3.85
CA THR A 97 21.64 11.53 -4.23
C THR A 97 21.36 12.39 -3.01
N THR A 98 20.73 11.81 -1.99
CA THR A 98 20.51 12.54 -0.74
C THR A 98 21.83 12.95 -0.11
N ALA A 99 22.84 12.08 -0.16
CA ALA A 99 24.11 12.35 0.49
C ALA A 99 25.00 13.26 -0.35
N LEU A 100 24.88 13.24 -1.67
CA LEU A 100 25.78 13.97 -2.54
C LEU A 100 25.10 15.04 -3.38
N GLY A 101 23.79 15.24 -3.22
CA GLY A 101 23.08 16.22 -4.01
C GLY A 101 22.78 15.74 -5.43
N SER A 102 21.98 16.53 -6.14
CA SER A 102 21.61 16.22 -7.51
C SER A 102 21.79 17.49 -8.34
N PRO A 103 22.63 17.48 -9.39
CA PRO A 103 23.40 16.32 -9.86
C PRO A 103 24.59 15.98 -8.95
N ILE A 104 25.10 14.76 -9.05
CA ILE A 104 26.19 14.32 -8.18
C ILE A 104 27.42 15.18 -8.47
N THR A 105 27.88 15.91 -7.46
CA THR A 105 28.98 16.85 -7.61
C THR A 105 30.33 16.25 -7.27
N ARG A 106 30.36 15.12 -6.58
CA ARG A 106 31.62 14.54 -6.13
C ARG A 106 31.39 13.08 -5.77
N ARG A 107 32.50 12.33 -5.70
CA ARG A 107 32.49 10.93 -5.27
C ARG A 107 31.57 10.08 -6.16
N LYS A 108 31.56 10.37 -7.46
CA LYS A 108 30.77 9.58 -8.39
C LYS A 108 31.20 8.11 -8.45
N PRO A 109 32.49 7.76 -8.45
CA PRO A 109 32.85 6.33 -8.46
C PRO A 109 32.37 5.56 -7.25
N VAL A 110 32.07 6.21 -6.12
CA VAL A 110 31.49 5.46 -5.01
C VAL A 110 30.00 5.22 -5.24
N VAL A 111 29.34 6.10 -5.99
CA VAL A 111 27.96 5.84 -6.38
C VAL A 111 27.90 4.70 -7.37
N ALA A 112 28.80 4.69 -8.37
CA ALA A 112 28.85 3.60 -9.33
C ALA A 112 29.19 2.28 -8.65
N GLY A 113 30.10 2.31 -7.68
CA GLY A 113 30.41 1.12 -6.91
C GLY A 113 29.25 0.65 -6.06
N LEU A 114 28.45 1.58 -5.55
CA LEU A 114 27.22 1.21 -4.85
C LEU A 114 26.30 0.42 -5.77
N ILE A 115 25.98 0.98 -6.94
CA ILE A 115 25.11 0.30 -7.90
C ILE A 115 25.73 -1.03 -8.32
N GLY A 116 27.04 -1.03 -8.59
CA GLY A 116 27.70 -2.24 -9.06
C GLY A 116 27.63 -3.37 -8.04
N ALA A 117 27.95 -3.07 -6.78
CA ALA A 117 27.86 -4.08 -5.74
C ALA A 117 26.43 -4.57 -5.56
N ASP A 118 25.46 -3.69 -5.78
CA ASP A 118 24.06 -4.08 -5.65
C ASP A 118 23.63 -5.00 -6.80
N ILE A 119 23.96 -4.61 -8.03
CA ILE A 119 23.61 -5.43 -9.18
C ILE A 119 24.21 -6.82 -9.05
N ILE A 120 25.47 -6.89 -8.60
CA ILE A 120 26.11 -8.18 -8.37
C ILE A 120 25.36 -8.97 -7.30
N MET A 121 24.86 -8.27 -6.28
CA MET A 121 24.11 -8.95 -5.22
C MET A 121 22.87 -9.64 -5.76
N ILE A 122 22.12 -8.96 -6.63
CA ILE A 122 20.91 -9.56 -7.20
C ILE A 122 21.27 -10.69 -8.15
N LEU A 123 22.24 -10.44 -9.03
CA LEU A 123 22.57 -11.43 -10.07
C LEU A 123 23.15 -12.70 -9.46
N THR A 124 24.04 -12.57 -8.48
CA THR A 124 24.53 -13.75 -7.78
C THR A 124 23.44 -14.39 -6.93
N GLY A 125 22.45 -13.61 -6.49
CA GLY A 125 21.31 -14.18 -5.81
C GLY A 125 20.48 -15.05 -6.74
N LEU A 126 20.23 -14.58 -7.96
CA LEU A 126 19.50 -15.37 -8.93
C LEU A 126 20.20 -16.70 -9.20
N VAL A 127 21.53 -16.67 -9.35
CA VAL A 127 22.29 -17.90 -9.55
C VAL A 127 22.12 -18.84 -8.36
N ALA A 128 22.17 -18.30 -7.14
CA ALA A 128 21.94 -19.12 -5.96
C ALA A 128 20.52 -19.68 -5.95
N ALA A 129 19.55 -18.91 -6.44
CA ALA A 129 18.17 -19.39 -6.48
C ALA A 129 17.99 -20.47 -7.55
N LEU A 130 18.72 -20.38 -8.65
CA LEU A 130 18.65 -21.38 -9.71
C LEU A 130 19.51 -22.61 -9.44
N SER A 131 20.44 -22.53 -8.50
CA SER A 131 21.26 -23.68 -8.17
C SER A 131 20.42 -24.73 -7.45
N PRO A 132 20.77 -26.01 -7.57
CA PRO A 132 19.92 -27.07 -7.01
C PRO A 132 19.96 -27.07 -5.49
N SER A 133 18.86 -27.55 -4.90
CA SER A 133 18.73 -27.59 -3.45
C SER A 133 19.71 -28.58 -2.84
N GLY A 134 20.28 -28.21 -1.70
CA GLY A 134 21.20 -29.08 -1.00
C GLY A 134 22.57 -29.21 -1.64
N SER A 135 22.94 -28.27 -2.50
CA SER A 135 24.23 -28.28 -3.18
C SER A 135 25.14 -27.22 -2.60
N HIS A 136 26.44 -27.49 -2.63
CA HIS A 136 27.42 -26.53 -2.11
C HIS A 136 27.45 -25.26 -2.94
N GLU A 137 27.31 -25.39 -4.27
CA GLU A 137 27.35 -24.20 -5.13
C GLU A 137 26.16 -23.28 -4.88
N LYS A 138 25.05 -23.83 -4.39
CA LYS A 138 23.88 -23.01 -4.09
C LYS A 138 24.20 -21.99 -3.00
N TRP A 139 24.98 -22.40 -2.00
CA TRP A 139 25.32 -21.53 -0.89
C TRP A 139 26.64 -20.80 -1.08
N ILE A 140 27.49 -21.28 -2.00
CA ILE A 140 28.64 -20.47 -2.39
C ILE A 140 28.18 -19.15 -2.99
N TRP A 141 27.18 -19.21 -3.88
CA TRP A 141 26.64 -17.98 -4.44
C TRP A 141 25.83 -17.20 -3.42
N TYR A 142 25.24 -17.88 -2.44
CA TYR A 142 24.56 -17.18 -1.36
C TYR A 142 25.55 -16.36 -0.54
N GLY A 143 26.68 -16.97 -0.18
CA GLY A 143 27.72 -16.22 0.51
C GLY A 143 28.35 -15.16 -0.36
N VAL A 144 28.43 -15.41 -1.67
CA VAL A 144 28.90 -14.39 -2.60
C VAL A 144 27.92 -13.21 -2.63
N SER A 145 26.63 -13.50 -2.70
CA SER A 145 25.63 -12.43 -2.72
C SER A 145 25.59 -11.71 -1.37
N SER A 146 25.75 -12.44 -0.28
CA SER A 146 25.77 -11.81 1.04
C SER A 146 26.99 -10.92 1.21
N GLY A 147 28.11 -11.27 0.58
CA GLY A 147 29.28 -10.41 0.62
C GLY A 147 29.06 -9.11 -0.13
N ALA A 148 28.35 -9.17 -1.26
CA ALA A 148 27.98 -7.95 -1.96
C ALA A 148 27.01 -7.11 -1.12
N PHE A 149 26.08 -7.78 -0.43
CA PHE A 149 25.18 -7.09 0.48
C PHE A 149 25.94 -6.38 1.59
N LEU A 150 26.98 -7.04 2.12
CA LEU A 150 27.77 -6.44 3.19
C LEU A 150 28.52 -5.21 2.70
N ALA A 151 28.98 -5.22 1.45
CA ALA A 151 29.67 -4.06 0.89
C ALA A 151 28.70 -2.91 0.63
N VAL A 152 27.47 -3.21 0.22
CA VAL A 152 26.45 -2.17 0.12
C VAL A 152 26.19 -1.54 1.48
N TYR A 153 26.10 -2.37 2.53
CA TYR A 153 25.98 -1.85 3.88
C TYR A 153 27.19 -0.98 4.25
N TYR A 154 28.39 -1.42 3.87
CA TYR A 154 29.60 -0.67 4.21
C TYR A 154 29.63 0.69 3.52
N LEU A 155 29.25 0.73 2.25
CA LEU A 155 29.26 2.01 1.53
C LEU A 155 28.21 2.96 2.10
N ILE A 156 27.06 2.43 2.48
CA ILE A 156 25.99 3.27 3.04
C ILE A 156 26.39 3.81 4.40
N CYS A 157 27.05 2.98 5.22
CA CYS A 157 27.39 3.34 6.58
C CYS A 157 28.77 3.99 6.71
N GLY A 158 29.59 3.94 5.67
CA GLY A 158 30.94 4.46 5.74
C GLY A 158 31.15 5.69 4.87
N PRO A 159 31.58 5.47 3.62
CA PRO A 159 31.89 6.62 2.76
C PRO A 159 30.70 7.53 2.50
N LEU A 160 29.57 6.95 2.06
CA LEU A 160 28.41 7.77 1.71
C LEU A 160 27.87 8.53 2.90
N LEU A 161 27.97 7.96 4.10
CA LEU A 161 27.55 8.68 5.30
C LEU A 161 28.52 9.79 5.64
N LEU A 162 29.82 9.56 5.42
CA LEU A 162 30.81 10.62 5.64
C LEU A 162 30.55 11.80 4.72
N GLU A 163 30.08 11.54 3.50
CA GLU A 163 29.80 12.62 2.55
C GLU A 163 28.48 13.31 2.87
N ALA A 164 27.54 12.62 3.52
CA ALA A 164 26.30 13.27 3.94
C ALA A 164 26.58 14.40 4.92
N ARG A 165 27.53 14.19 5.84
CA ARG A 165 27.90 15.24 6.77
C ARG A 165 28.51 16.44 6.05
N VAL A 166 29.19 16.18 4.92
CA VAL A 166 29.81 17.27 4.17
C VAL A 166 28.76 18.07 3.41
N THR A 167 27.73 17.39 2.89
CA THR A 167 26.73 18.07 2.06
C THR A 167 25.96 19.11 2.86
N GLY A 168 25.42 18.72 4.02
CA GLY A 168 24.68 19.67 4.82
C GLY A 168 23.97 18.99 5.97
N ALA A 169 23.40 19.82 6.83
CA ALA A 169 22.70 19.31 8.02
C ALA A 169 21.43 18.57 7.63
N ASP A 170 20.55 19.22 6.85
CA ASP A 170 19.30 18.59 6.46
C ASP A 170 19.54 17.38 5.56
N HIS A 171 20.57 17.43 4.71
CA HIS A 171 20.93 16.26 3.91
C HIS A 171 21.45 15.12 4.79
N ARG A 172 22.17 15.44 5.85
CA ARG A 172 22.67 14.39 6.74
C ARG A 172 21.53 13.74 7.53
N ARG A 173 20.57 14.55 7.99
CA ARG A 173 19.43 14.00 8.71
C ARG A 173 18.59 13.11 7.81
N LEU A 174 18.25 13.61 6.62
CA LEU A 174 17.43 12.82 5.69
C LEU A 174 18.14 11.53 5.28
N TYR A 175 19.46 11.61 5.03
CA TYR A 175 20.20 10.42 4.64
C TYR A 175 20.20 9.39 5.77
N LEU A 176 20.53 9.81 6.99
CA LEU A 176 20.50 8.88 8.12
C LEU A 176 19.11 8.31 8.33
N ARG A 177 18.08 9.14 8.19
CA ARG A 177 16.71 8.66 8.35
C ARG A 177 16.35 7.62 7.30
N ASN A 178 16.71 7.89 6.04
CA ASN A 178 16.34 6.97 4.95
C ASN A 178 17.26 5.75 4.90
N ALA A 179 18.55 5.92 5.19
CA ALA A 179 19.47 4.80 5.12
C ALA A 179 19.22 3.77 6.22
N VAL A 180 18.73 4.22 7.38
CA VAL A 180 18.46 3.29 8.47
C VAL A 180 17.23 2.45 8.15
N VAL A 181 16.15 3.09 7.69
CA VAL A 181 14.92 2.36 7.39
C VAL A 181 15.14 1.39 6.23
N LEU A 182 15.85 1.83 5.20
CA LEU A 182 16.13 0.95 4.08
C LEU A 182 16.95 -0.26 4.51
N SER A 183 17.96 -0.03 5.37
CA SER A 183 18.84 -1.11 5.78
C SER A 183 18.12 -2.18 6.60
N VAL A 184 17.10 -1.77 7.37
CA VAL A 184 16.37 -2.75 8.18
C VAL A 184 15.45 -3.59 7.30
N ILE A 185 14.82 -2.97 6.31
CA ILE A 185 13.91 -3.70 5.42
C ILE A 185 14.70 -4.67 4.56
N TRP A 186 15.79 -4.19 3.95
CA TRP A 186 16.58 -5.02 3.04
C TRP A 186 17.19 -6.22 3.74
N PHE A 187 17.52 -6.08 5.03
CA PHE A 187 18.14 -7.18 5.77
C PHE A 187 17.28 -8.44 5.75
N LEU A 188 15.96 -8.29 5.72
CA LEU A 188 15.07 -9.44 5.75
C LEU A 188 15.04 -10.21 4.44
N TYR A 189 15.57 -9.65 3.35
CA TYR A 189 15.53 -10.35 2.07
C TYR A 189 16.35 -11.63 2.07
N PRO A 190 17.64 -11.64 2.45
CA PRO A 190 18.35 -12.92 2.53
C PRO A 190 17.79 -13.86 3.58
N VAL A 191 17.09 -13.35 4.60
CA VAL A 191 16.43 -14.22 5.57
C VAL A 191 15.34 -15.04 4.90
N ASN A 192 14.55 -14.41 4.04
CA ASN A 192 13.51 -15.14 3.31
C ASN A 192 14.12 -16.13 2.34
N PHE A 193 15.24 -15.75 1.71
CA PHE A 193 15.93 -16.67 0.81
C PHE A 193 16.46 -17.88 1.58
N LEU A 194 17.09 -17.63 2.73
CA LEU A 194 17.70 -18.72 3.49
C LEU A 194 16.65 -19.71 3.98
N LEU A 195 15.47 -19.23 4.35
CA LEU A 195 14.44 -20.07 4.94
C LEU A 195 13.33 -20.46 3.99
N GLY A 196 13.18 -19.75 2.86
CA GLY A 196 12.19 -20.11 1.87
C GLY A 196 12.64 -21.27 0.99
N ASN A 197 11.77 -21.63 0.04
CA ASN A 197 12.07 -22.76 -0.83
C ASN A 197 13.18 -22.46 -1.83
N GLU A 198 13.67 -21.23 -1.88
CA GLU A 198 14.87 -20.91 -2.64
C GLU A 198 16.15 -21.22 -1.87
N GLY A 199 16.03 -21.74 -0.64
CA GLY A 199 17.19 -22.05 0.16
C GLY A 199 17.03 -23.32 0.98
N LEU A 200 16.97 -23.18 2.31
CA LEU A 200 16.81 -24.35 3.17
C LEU A 200 15.39 -24.89 3.15
N GLY A 201 14.42 -24.11 2.67
CA GLY A 201 13.05 -24.58 2.56
C GLY A 201 12.40 -24.92 3.87
N GLN A 202 12.43 -23.97 4.83
CA GLN A 202 11.70 -24.18 6.07
C GLN A 202 10.21 -23.89 5.88
N TRP A 203 9.88 -22.88 5.09
CA TRP A 203 8.52 -22.68 4.60
C TRP A 203 8.50 -22.83 3.09
N GLY A 204 7.31 -23.11 2.56
CA GLY A 204 7.16 -23.49 1.17
C GLY A 204 7.22 -22.31 0.21
N GLY A 205 6.83 -22.59 -1.04
CA GLY A 205 6.91 -21.58 -2.07
C GLY A 205 5.89 -20.47 -1.92
N THR A 206 4.67 -20.81 -1.50
CA THR A 206 3.65 -19.79 -1.32
C THR A 206 4.06 -18.80 -0.23
N ALA A 207 4.59 -19.30 0.90
CA ALA A 207 5.06 -18.40 1.94
C ALA A 207 6.26 -17.57 1.47
N THR A 208 7.15 -18.18 0.69
CA THR A 208 8.28 -17.43 0.15
C THR A 208 7.81 -16.31 -0.77
N THR A 209 6.85 -16.61 -1.64
CA THR A 209 6.33 -15.60 -2.55
C THR A 209 5.58 -14.50 -1.79
N ALA A 210 4.87 -14.88 -0.73
CA ALA A 210 4.15 -13.90 0.07
C ALA A 210 5.11 -12.94 0.77
N ILE A 211 6.16 -13.47 1.40
CA ILE A 211 7.09 -12.63 2.13
C ILE A 211 7.83 -11.69 1.18
N TYR A 212 8.25 -12.20 0.02
CA TYR A 212 8.86 -11.32 -0.98
C TYR A 212 7.89 -10.24 -1.43
N THR A 213 6.60 -10.57 -1.53
CA THR A 213 5.61 -9.57 -1.90
C THR A 213 5.50 -8.49 -0.84
N LEU A 214 5.46 -8.89 0.44
CA LEU A 214 5.36 -7.91 1.52
C LEU A 214 6.63 -7.10 1.65
N LEU A 215 7.79 -7.74 1.48
CA LEU A 215 9.05 -7.00 1.49
C LEU A 215 9.12 -6.00 0.35
N ASP A 216 8.66 -6.39 -0.84
CA ASP A 216 8.68 -5.48 -1.98
C ASP A 216 7.75 -4.30 -1.76
N LEU A 217 6.54 -4.54 -1.24
CA LEU A 217 5.65 -3.44 -0.89
C LEU A 217 6.27 -2.54 0.18
N ALA A 218 7.05 -3.11 1.08
CA ALA A 218 7.66 -2.31 2.14
C ALA A 218 8.85 -1.51 1.62
N SER A 219 9.74 -2.17 0.87
CA SER A 219 10.97 -1.50 0.44
C SER A 219 10.73 -0.51 -0.69
N LYS A 220 9.60 -0.59 -1.38
CA LYS A 220 9.33 0.27 -2.53
C LYS A 220 8.17 1.23 -2.27
N ALA A 221 7.00 0.72 -1.89
CA ALA A 221 5.85 1.60 -1.66
C ALA A 221 5.94 2.31 -0.32
N ALA A 222 6.02 1.54 0.76
CA ALA A 222 6.07 2.14 2.09
C ALA A 222 7.31 2.99 2.27
N TYR A 223 8.48 2.44 1.94
CA TYR A 223 9.72 3.21 2.07
C TYR A 223 9.76 4.36 1.06
N GLY A 224 9.22 4.16 -0.14
CA GLY A 224 9.24 5.21 -1.14
C GLY A 224 8.53 6.46 -0.68
N PHE A 225 7.30 6.30 -0.16
CA PHE A 225 6.60 7.45 0.39
C PHE A 225 7.25 7.95 1.67
N PHE A 226 7.86 7.06 2.45
CA PHE A 226 8.67 7.50 3.58
C PHE A 226 9.81 8.40 3.11
N ALA A 227 10.47 8.02 2.02
CA ALA A 227 11.62 8.77 1.53
C ALA A 227 11.20 10.01 0.75
N ILE A 228 10.16 9.91 -0.07
CA ILE A 228 9.78 11.04 -0.91
C ILE A 228 9.15 12.16 -0.09
N THR A 229 8.56 11.83 1.07
CA THR A 229 8.08 12.87 1.95
C THR A 229 9.23 13.55 2.69
N GLY A 230 10.30 12.81 2.96
CA GLY A 230 11.49 13.45 3.52
C GLY A 230 12.21 14.33 2.53
N VAL A 231 12.22 13.92 1.25
CA VAL A 231 12.75 14.78 0.21
C VAL A 231 11.93 16.06 0.11
N ARG A 232 10.61 15.92 0.13
CA ARG A 232 9.72 17.09 0.06
C ARG A 232 9.91 17.99 1.28
N ALA A 233 10.08 17.39 2.45
CA ALA A 233 10.30 18.17 3.67
C ALA A 233 11.63 18.91 3.61
N LEU A 234 12.68 18.23 3.15
CA LEU A 234 13.97 18.90 2.98
C LEU A 234 13.87 20.04 1.97
N THR A 235 13.13 19.80 0.88
CA THR A 235 12.96 20.84 -0.13
C THR A 235 12.11 21.99 0.40
N ASP A 236 11.22 21.72 1.35
CA ASP A 236 10.49 22.80 2.01
C ASP A 236 11.41 23.58 2.95
N ARG A 237 12.20 22.88 3.77
CA ARG A 237 13.13 23.55 4.66
C ARG A 237 14.19 24.32 3.88
N ALA A 238 14.59 23.82 2.71
CA ALA A 238 15.56 24.51 1.88
C ALA A 238 14.96 25.72 1.17
N GLY A 239 13.69 26.03 1.39
CA GLY A 239 13.05 27.15 0.74
C GLY A 239 13.03 26.97 -0.77
N ALA A 240 12.18 26.10 -1.26
CA ALA A 240 12.07 25.86 -2.69
C ALA A 240 11.08 26.82 -3.32
N PRO A 241 11.23 27.10 -4.60
CA PRO A 241 10.23 27.92 -5.29
C PRO A 241 8.87 27.24 -5.28
N ALA A 242 7.82 28.03 -5.07
CA ALA A 242 6.46 27.50 -5.11
C ALA A 242 6.03 27.28 -6.56
N LEU A 243 6.85 26.54 -7.31
CA LEU A 243 6.67 26.38 -8.74
C LEU A 243 7.28 25.05 -9.15
N THR A 244 6.57 24.28 -9.98
CA THR A 244 7.14 23.07 -10.51
C THR A 244 8.19 23.41 -11.58
N LEU A 245 9.06 22.44 -11.87
CA LEU A 245 10.09 22.67 -12.87
C LEU A 245 9.49 22.90 -14.25
N ASP A 246 8.36 22.26 -14.55
CA ASP A 246 7.68 22.50 -15.82
C ASP A 246 7.12 23.92 -15.88
N GLU A 247 6.48 24.37 -14.79
CA GLU A 247 5.95 25.73 -14.76
C GLU A 247 7.07 26.76 -14.83
N ALA A 248 8.21 26.46 -14.21
CA ALA A 248 9.35 27.36 -14.31
C ALA A 248 9.93 27.38 -15.72
N ALA A 249 9.81 26.27 -16.45
CA ALA A 249 10.22 26.24 -17.85
C ALA A 249 9.24 26.97 -18.76
N ARG A 250 7.95 26.91 -18.44
CA ARG A 250 6.96 27.60 -19.27
C ARG A 250 7.11 29.11 -19.17
N ARG A 251 7.45 29.61 -17.98
CA ARG A 251 7.60 31.06 -17.80
C ARG A 251 8.93 31.57 -18.31
N ALA A 252 9.95 30.71 -18.33
CA ALA A 252 11.27 31.13 -18.82
C ALA A 252 11.30 31.30 -20.33
N GLY A 253 10.33 30.75 -21.04
CA GLY A 253 10.29 30.85 -22.50
C GLY A 253 9.48 32.04 -22.99
N MET B 1 23.74 -21.33 -31.55
CA MET B 1 23.23 -20.38 -32.52
C MET B 1 23.40 -20.88 -33.95
N ASN B 2 22.87 -22.04 -34.24
CA ASN B 2 22.90 -22.50 -35.63
C ASN B 2 21.73 -21.88 -36.40
N PRO B 3 21.96 -21.46 -37.63
CA PRO B 3 20.91 -20.73 -38.36
C PRO B 3 19.70 -21.58 -38.66
N ARG B 4 18.52 -20.95 -38.45
CA ARG B 4 17.20 -21.48 -38.76
C ARG B 4 16.69 -20.86 -40.06
N PRO B 5 16.28 -21.66 -41.03
CA PRO B 5 15.92 -21.11 -42.35
C PRO B 5 14.71 -20.21 -42.27
N ILE B 6 14.65 -19.25 -43.21
CA ILE B 6 13.58 -18.27 -43.30
C ILE B 6 12.94 -18.39 -44.68
N GLU B 7 11.72 -17.87 -44.79
CA GLU B 7 11.09 -17.71 -46.08
C GLU B 7 11.97 -16.84 -46.97
N PRO B 8 12.25 -17.24 -48.21
CA PRO B 8 13.14 -16.43 -49.06
C PRO B 8 12.62 -15.02 -49.30
N ALA B 9 11.31 -14.84 -49.42
CA ALA B 9 10.75 -13.50 -49.56
C ALA B 9 11.00 -12.68 -48.30
N THR B 10 10.90 -13.31 -47.13
CA THR B 10 11.22 -12.62 -45.88
C THR B 10 12.71 -12.33 -45.77
N GLU B 11 13.55 -13.31 -46.12
CA GLU B 11 15.00 -13.10 -46.08
C GLU B 11 15.42 -12.02 -47.06
N ALA B 12 14.72 -11.89 -48.20
CA ALA B 12 15.04 -10.84 -49.16
C ALA B 12 14.84 -9.46 -48.55
N TRP B 13 13.72 -9.25 -47.86
CA TRP B 13 13.49 -7.98 -47.19
C TRP B 13 14.49 -7.73 -46.08
N LEU B 14 14.99 -8.79 -45.44
CA LEU B 14 15.98 -8.61 -44.39
C LEU B 14 17.32 -8.18 -44.96
N TRP B 15 17.69 -8.70 -46.13
CA TRP B 15 18.96 -8.33 -46.74
C TRP B 15 18.93 -6.91 -47.31
N VAL B 16 17.74 -6.42 -47.70
CA VAL B 16 17.66 -5.03 -48.10
C VAL B 16 17.80 -4.12 -46.88
N GLY B 17 17.42 -4.62 -45.71
CA GLY B 17 17.68 -3.87 -44.49
C GLY B 17 19.15 -3.84 -44.11
N VAL B 18 19.86 -4.93 -44.38
CA VAL B 18 21.31 -4.95 -44.17
C VAL B 18 21.99 -3.94 -45.10
N ALA B 19 21.60 -3.95 -46.38
CA ALA B 19 22.23 -3.04 -47.34
C ALA B 19 21.89 -1.59 -47.03
N GLY B 20 20.66 -1.32 -46.59
CA GLY B 20 20.28 0.04 -46.29
C GLY B 20 20.95 0.57 -45.03
N MET B 21 20.94 -0.23 -43.96
CA MET B 21 21.55 0.21 -42.71
C MET B 21 23.07 0.33 -42.83
N ALA B 22 23.70 -0.52 -43.64
CA ALA B 22 25.13 -0.40 -43.86
C ALA B 22 25.46 0.87 -44.64
N LEU B 23 24.71 1.13 -45.72
CA LEU B 23 24.98 2.31 -46.53
C LEU B 23 24.78 3.59 -45.74
N ALA B 24 23.75 3.63 -44.90
CA ALA B 24 23.50 4.83 -44.11
C ALA B 24 24.55 5.00 -43.01
N ALA B 25 24.99 3.90 -42.41
CA ALA B 25 25.98 3.98 -41.34
C ALA B 25 27.32 4.48 -41.86
N ILE B 26 27.73 4.05 -43.06
CA ILE B 26 28.99 4.51 -43.63
C ILE B 26 28.97 6.01 -43.86
N VAL B 27 27.87 6.52 -44.42
CA VAL B 27 27.74 7.95 -44.65
C VAL B 27 27.66 8.70 -43.33
N MET B 28 26.90 8.16 -42.36
CA MET B 28 26.77 8.83 -41.07
C MET B 28 28.09 8.90 -40.33
N LEU B 29 28.97 7.91 -40.54
CA LEU B 29 30.31 8.01 -39.97
C LEU B 29 31.08 9.18 -40.54
N ALA B 30 30.81 9.56 -41.79
CA ALA B 30 31.44 10.75 -42.37
C ALA B 30 31.00 12.01 -41.65
N PHE B 31 29.73 12.07 -41.24
CA PHE B 31 29.27 13.19 -40.41
C PHE B 31 29.97 13.19 -39.06
N VAL B 32 30.27 12.01 -38.51
CA VAL B 32 31.01 11.93 -37.25
C VAL B 32 32.38 12.58 -37.41
N LYS B 33 33.11 12.20 -38.46
CA LYS B 33 34.44 12.75 -38.69
C LYS B 33 34.40 14.27 -38.85
N ARG B 34 33.33 14.80 -39.42
CA ARG B 34 33.21 16.23 -39.70
C ARG B 34 32.60 17.01 -38.54
N ALA B 35 32.38 16.38 -37.39
CA ALA B 35 31.75 17.07 -36.28
C ALA B 35 32.62 18.22 -35.79
N ARG B 36 31.98 19.38 -35.57
CA ARG B 36 32.68 20.60 -35.22
C ARG B 36 32.42 21.09 -33.79
N THR B 37 31.30 20.71 -33.20
CA THR B 37 30.93 21.12 -31.86
C THR B 37 30.55 19.90 -31.05
N PRO B 38 30.66 19.97 -29.72
CA PRO B 38 30.18 18.84 -28.90
C PRO B 38 28.74 18.47 -29.14
N PHE B 39 27.88 19.44 -29.48
CA PHE B 39 26.51 19.10 -29.84
C PHE B 39 26.45 18.35 -31.16
N GLU B 40 27.21 18.80 -32.15
CA GLU B 40 27.23 18.12 -33.44
C GLU B 40 27.86 16.73 -33.33
N GLU B 41 28.85 16.57 -32.45
CA GLU B 41 29.48 15.26 -32.28
C GLU B 41 28.59 14.30 -31.50
N SER B 42 27.79 14.81 -30.56
CA SER B 42 26.89 13.95 -29.81
C SER B 42 25.81 13.38 -30.72
N GLN B 43 25.17 14.23 -31.53
CA GLN B 43 24.13 13.77 -32.43
C GLN B 43 24.68 12.82 -33.47
N ALA B 44 25.89 13.10 -33.98
CA ALA B 44 26.46 12.30 -35.06
C ALA B 44 26.74 10.87 -34.62
N VAL B 45 27.48 10.70 -33.52
CA VAL B 45 27.82 9.35 -33.09
C VAL B 45 26.59 8.63 -32.54
N SER B 46 25.63 9.36 -31.98
CA SER B 46 24.38 8.73 -31.56
C SER B 46 23.63 8.17 -32.75
N GLN B 47 23.43 8.99 -33.78
CA GLN B 47 22.76 8.52 -34.98
C GLN B 47 23.59 7.45 -35.70
N PHE B 48 24.92 7.54 -35.63
CA PHE B 48 25.76 6.52 -36.23
C PHE B 48 25.53 5.15 -35.59
N PHE B 49 25.57 5.09 -34.27
CA PHE B 49 25.36 3.83 -33.58
C PHE B 49 23.94 3.30 -33.75
N VAL B 50 22.98 4.17 -34.02
CA VAL B 50 21.65 3.70 -34.38
C VAL B 50 21.70 2.87 -35.65
N LEU B 51 22.34 3.41 -36.70
CA LEU B 51 22.46 2.68 -37.96
C LEU B 51 23.32 1.43 -37.80
N LEU B 52 24.43 1.54 -37.06
CA LEU B 52 25.34 0.41 -36.92
C LEU B 52 24.67 -0.76 -36.23
N ILE B 53 24.01 -0.52 -35.09
CA ILE B 53 23.34 -1.60 -34.37
C ILE B 53 22.20 -2.17 -35.21
N ALA B 54 21.52 -1.32 -35.97
CA ALA B 54 20.47 -1.81 -36.86
C ALA B 54 21.05 -2.64 -37.99
N PHE B 55 22.27 -2.33 -38.44
CA PHE B 55 22.92 -3.16 -39.44
C PHE B 55 23.19 -4.56 -38.89
N GLY B 56 23.68 -4.64 -37.65
CA GLY B 56 24.01 -5.94 -37.08
C GLY B 56 22.78 -6.78 -36.79
N THR B 57 21.68 -6.14 -36.37
CA THR B 57 20.48 -6.92 -36.06
C THR B 57 19.81 -7.44 -37.32
N TYR B 58 19.85 -6.65 -38.40
CA TYR B 58 19.33 -7.16 -39.67
C TYR B 58 20.28 -8.19 -40.26
N LEU B 59 21.58 -8.04 -40.01
CA LEU B 59 22.51 -9.10 -40.39
C LEU B 59 22.21 -10.38 -39.62
N ALA B 60 21.93 -10.28 -38.33
CA ALA B 60 21.60 -11.45 -37.53
C ALA B 60 20.29 -12.08 -37.99
N MET B 61 19.30 -11.25 -38.34
CA MET B 61 18.04 -11.78 -38.83
C MET B 61 18.18 -12.37 -40.23
N ALA B 62 18.98 -11.72 -41.08
CA ALA B 62 19.16 -12.24 -42.45
C ALA B 62 19.94 -13.55 -42.44
N LEU B 63 20.89 -13.71 -41.52
CA LEU B 63 21.62 -14.96 -41.42
C LEU B 63 20.81 -16.07 -40.76
N GLY B 64 19.55 -15.82 -40.42
CA GLY B 64 18.74 -16.81 -39.74
C GLY B 64 19.11 -17.04 -38.29
N GLN B 65 19.78 -16.08 -37.66
CA GLN B 65 20.27 -16.24 -36.29
C GLN B 65 19.65 -15.22 -35.34
N GLY B 66 18.52 -14.62 -35.71
CA GLY B 66 17.92 -13.61 -34.87
C GLY B 66 16.44 -13.79 -34.64
N SER B 67 15.94 -14.99 -34.82
CA SER B 67 14.53 -15.30 -34.64
C SER B 67 14.35 -16.33 -33.53
N LEU B 68 13.12 -16.47 -33.08
CA LEU B 68 12.78 -17.40 -32.01
C LEU B 68 11.44 -18.04 -32.32
N THR B 69 11.25 -19.27 -31.84
CA THR B 69 9.98 -19.96 -31.94
C THR B 69 9.24 -19.78 -30.61
N ALA B 70 8.19 -18.97 -30.61
CA ALA B 70 7.42 -18.75 -29.41
C ALA B 70 6.66 -20.02 -29.02
N ASP B 71 6.23 -20.06 -27.76
CA ASP B 71 5.56 -21.25 -27.24
C ASP B 71 4.30 -21.59 -28.04
N ASP B 72 3.65 -20.59 -28.62
CA ASP B 72 2.43 -20.82 -29.39
C ASP B 72 2.70 -21.28 -30.81
N GLY B 73 3.95 -21.27 -31.26
CA GLY B 73 4.33 -21.83 -32.54
C GLY B 73 4.85 -20.82 -33.56
N ARG B 74 4.56 -19.53 -33.38
CA ARG B 74 4.96 -18.55 -34.37
C ARG B 74 6.47 -18.31 -34.32
N GLN B 75 6.96 -17.56 -35.31
CA GLN B 75 8.36 -17.17 -35.40
C GLN B 75 8.44 -15.67 -35.10
N VAL B 76 9.24 -15.31 -34.10
CA VAL B 76 9.40 -13.93 -33.67
C VAL B 76 10.86 -13.54 -33.82
N PHE B 77 11.12 -12.42 -34.49
CA PHE B 77 12.48 -11.92 -34.67
C PHE B 77 12.89 -11.15 -33.42
N VAL B 78 13.32 -11.91 -32.41
CA VAL B 78 13.67 -11.31 -31.12
C VAL B 78 14.88 -10.39 -31.25
N SER B 79 15.75 -10.63 -32.24
CA SER B 79 16.89 -9.76 -32.46
C SER B 79 16.44 -8.32 -32.69
N ARG B 80 15.33 -8.13 -33.40
CA ARG B 80 14.82 -6.79 -33.63
C ARG B 80 14.43 -6.11 -32.32
N TYR B 81 13.75 -6.84 -31.43
CA TYR B 81 13.39 -6.28 -30.14
C TYR B 81 14.61 -6.04 -29.26
N ILE B 82 15.60 -6.93 -29.34
CA ILE B 82 16.79 -6.80 -28.50
C ILE B 82 17.54 -5.51 -28.83
N THR B 83 17.70 -5.22 -30.12
CA THR B 83 18.43 -4.02 -30.51
C THR B 83 17.56 -2.77 -30.50
N TRP B 84 16.24 -2.92 -30.64
CA TRP B 84 15.34 -1.79 -30.43
C TRP B 84 15.53 -1.19 -29.04
N THR B 85 15.82 -2.04 -28.04
CA THR B 85 16.04 -1.57 -26.68
C THR B 85 17.23 -0.61 -26.58
N PHE B 86 18.15 -0.66 -27.54
CA PHE B 86 19.32 0.21 -27.53
C PHE B 86 19.24 1.35 -28.54
N THR B 87 18.67 1.11 -29.72
CA THR B 87 18.64 2.14 -30.75
C THR B 87 17.57 3.19 -30.50
N THR B 88 16.39 2.78 -30.03
CA THR B 88 15.31 3.72 -29.80
C THR B 88 15.60 4.72 -28.68
N PRO B 89 16.32 4.37 -27.60
CA PRO B 89 16.72 5.41 -26.65
C PRO B 89 17.72 6.39 -27.23
N LEU B 90 18.60 5.95 -28.13
CA LEU B 90 19.56 6.86 -28.77
C LEU B 90 18.83 7.88 -29.63
N LEU B 91 17.76 7.46 -30.32
CA LEU B 91 16.98 8.39 -31.13
C LEU B 91 16.36 9.47 -30.25
N LEU B 92 15.76 9.07 -29.13
CA LEU B 92 15.17 10.04 -28.22
C LEU B 92 16.24 10.85 -27.51
N LEU B 93 17.41 10.26 -27.29
CA LEU B 93 18.56 11.03 -26.80
C LEU B 93 18.86 12.20 -27.72
N GLY B 94 18.73 11.99 -29.04
CA GLY B 94 18.96 13.07 -29.98
C GLY B 94 17.97 14.22 -29.79
N LEU B 95 16.69 13.89 -29.65
CA LEU B 95 15.70 14.92 -29.36
C LEU B 95 15.98 15.60 -28.03
N ALA B 96 16.27 14.80 -26.99
CA ALA B 96 16.58 15.38 -25.69
C ALA B 96 17.82 16.26 -25.75
N THR B 97 18.85 15.83 -26.49
CA THR B 97 20.03 16.66 -26.66
C THR B 97 19.71 17.92 -27.45
N THR B 98 18.82 17.82 -28.44
CA THR B 98 18.38 19.01 -29.16
C THR B 98 17.69 19.99 -28.23
N ALA B 99 16.90 19.48 -27.29
CA ALA B 99 16.10 20.35 -26.43
C ALA B 99 16.94 20.98 -25.31
N LEU B 100 17.91 20.24 -24.79
CA LEU B 100 18.66 20.66 -23.61
C LEU B 100 20.14 20.94 -23.89
N GLY B 101 20.60 20.71 -25.11
CA GLY B 101 22.00 20.92 -25.45
C GLY B 101 22.89 19.80 -24.97
N SER B 102 24.09 19.76 -25.55
CA SER B 102 25.11 18.77 -25.18
C SER B 102 26.32 19.47 -24.59
N PRO B 103 26.72 19.16 -23.35
CA PRO B 103 26.10 18.12 -22.52
C PRO B 103 24.79 18.55 -21.86
N ILE B 104 23.97 17.58 -21.47
CA ILE B 104 22.71 17.87 -20.78
C ILE B 104 23.05 18.46 -19.42
N THR B 105 22.76 19.75 -19.24
CA THR B 105 23.10 20.45 -18.01
C THR B 105 21.92 20.61 -17.05
N ARG B 106 20.70 20.30 -17.49
CA ARG B 106 19.54 20.44 -16.63
C ARG B 106 18.48 19.44 -17.05
N ARG B 107 17.54 19.18 -16.13
CA ARG B 107 16.42 18.27 -16.36
C ARG B 107 16.92 16.89 -16.78
N LYS B 108 17.97 16.42 -16.14
CA LYS B 108 18.49 15.09 -16.47
C LYS B 108 17.52 13.96 -16.15
N PRO B 109 16.77 13.97 -15.04
CA PRO B 109 15.83 12.87 -14.80
C PRO B 109 14.69 12.80 -15.80
N VAL B 110 14.42 13.86 -16.55
CA VAL B 110 13.37 13.74 -17.58
C VAL B 110 13.92 13.05 -18.82
N VAL B 111 15.23 13.12 -19.04
CA VAL B 111 15.84 12.33 -20.12
C VAL B 111 15.92 10.87 -19.73
N ALA B 112 16.27 10.59 -18.47
CA ALA B 112 16.31 9.20 -18.00
C ALA B 112 14.94 8.55 -18.06
N GLY B 113 13.89 9.30 -17.68
CA GLY B 113 12.54 8.77 -17.80
C GLY B 113 12.13 8.58 -19.25
N LEU B 114 12.57 9.47 -20.13
CA LEU B 114 12.35 9.28 -21.56
C LEU B 114 12.97 7.97 -22.03
N ILE B 115 14.24 7.75 -21.70
CA ILE B 115 14.90 6.48 -22.02
C ILE B 115 14.20 5.32 -21.31
N GLY B 116 13.86 5.52 -20.04
CA GLY B 116 13.27 4.44 -19.26
C GLY B 116 11.92 3.99 -19.80
N ALA B 117 11.05 4.94 -20.12
CA ALA B 117 9.74 4.59 -20.67
C ALA B 117 9.87 3.95 -22.05
N ASP B 118 10.85 4.40 -22.84
CA ASP B 118 11.05 3.80 -24.17
C ASP B 118 11.54 2.36 -24.04
N ILE B 119 12.43 2.09 -23.07
CA ILE B 119 12.92 0.73 -22.88
C ILE B 119 11.79 -0.19 -22.46
N ILE B 120 10.99 0.25 -21.48
CA ILE B 120 9.82 -0.52 -21.05
C ILE B 120 8.90 -0.82 -22.23
N MET B 121 8.75 0.15 -23.13
CA MET B 121 7.87 -0.03 -24.28
C MET B 121 8.35 -1.17 -25.18
N ILE B 122 9.63 -1.18 -25.51
CA ILE B 122 10.16 -2.25 -26.37
C ILE B 122 10.12 -3.59 -25.65
N LEU B 123 10.51 -3.60 -24.36
CA LEU B 123 10.54 -4.84 -23.60
C LEU B 123 9.14 -5.44 -23.46
N THR B 124 8.18 -4.63 -22.99
CA THR B 124 6.81 -5.14 -22.89
C THR B 124 6.22 -5.45 -24.25
N GLY B 125 6.70 -4.78 -25.31
CA GLY B 125 6.28 -5.15 -26.65
C GLY B 125 6.80 -6.52 -27.06
N LEU B 126 8.04 -6.83 -26.68
CA LEU B 126 8.58 -8.17 -26.93
C LEU B 126 7.78 -9.22 -26.18
N VAL B 127 7.44 -8.96 -24.92
CA VAL B 127 6.60 -9.89 -24.17
C VAL B 127 5.24 -10.06 -24.85
N ALA B 128 4.71 -8.95 -25.39
CA ALA B 128 3.46 -9.05 -26.16
C ALA B 128 3.65 -9.89 -27.41
N ALA B 129 4.81 -9.77 -28.06
CA ALA B 129 5.07 -10.55 -29.27
C ALA B 129 5.26 -12.02 -28.96
N LEU B 130 5.86 -12.35 -27.82
CA LEU B 130 6.06 -13.75 -27.46
C LEU B 130 4.81 -14.38 -26.84
N SER B 131 3.89 -13.59 -26.32
CA SER B 131 2.67 -14.11 -25.75
C SER B 131 1.82 -14.77 -26.83
N PRO B 132 1.04 -15.79 -26.48
CA PRO B 132 0.30 -16.55 -27.50
C PRO B 132 -0.72 -15.70 -28.23
N SER B 133 -0.97 -16.06 -29.49
CA SER B 133 -1.95 -15.35 -30.30
C SER B 133 -3.35 -15.62 -29.80
N GLY B 134 -4.19 -14.58 -29.82
CA GLY B 134 -5.56 -14.72 -29.38
C GLY B 134 -5.73 -14.85 -27.89
N SER B 135 -4.73 -14.48 -27.10
CA SER B 135 -4.79 -14.58 -25.65
C SER B 135 -4.86 -13.17 -25.05
N HIS B 136 -5.43 -13.11 -23.84
CA HIS B 136 -5.55 -11.84 -23.14
C HIS B 136 -4.19 -11.28 -22.75
N GLU B 137 -3.25 -12.16 -22.41
CA GLU B 137 -1.94 -11.70 -21.96
C GLU B 137 -1.22 -10.91 -23.05
N LYS B 138 -1.37 -11.32 -24.31
CA LYS B 138 -0.75 -10.62 -25.41
C LYS B 138 -1.21 -9.16 -25.47
N TRP B 139 -2.52 -8.95 -25.39
CA TRP B 139 -3.07 -7.60 -25.51
C TRP B 139 -3.02 -6.83 -24.20
N ILE B 140 -2.85 -7.51 -23.07
CA ILE B 140 -2.54 -6.81 -21.84
C ILE B 140 -1.17 -6.14 -21.94
N TRP B 141 -0.19 -6.87 -22.48
CA TRP B 141 1.13 -6.28 -22.67
C TRP B 141 1.15 -5.30 -23.84
N TYR B 142 0.28 -5.50 -24.83
CA TYR B 142 0.16 -4.51 -25.89
C TYR B 142 -0.34 -3.18 -25.34
N GLY B 143 -1.35 -3.23 -24.47
CA GLY B 143 -1.83 -2.01 -23.84
C GLY B 143 -0.82 -1.40 -22.89
N VAL B 144 -0.14 -2.25 -22.11
CA VAL B 144 0.93 -1.78 -21.23
C VAL B 144 2.03 -1.11 -22.05
N SER B 145 2.42 -1.72 -23.16
CA SER B 145 3.42 -1.11 -24.03
C SER B 145 2.90 0.18 -24.66
N SER B 146 1.61 0.20 -25.02
N SER B 146 1.61 0.20 -25.02
CA SER B 146 1.01 1.40 -25.58
CA SER B 146 1.03 1.42 -25.59
C SER B 146 0.99 2.55 -24.58
C SER B 146 1.01 2.55 -24.57
N GLY B 147 0.82 2.23 -23.28
CA GLY B 147 0.88 3.26 -22.27
C GLY B 147 2.27 3.85 -22.12
N ALA B 148 3.29 2.99 -22.20
CA ALA B 148 4.66 3.50 -22.21
C ALA B 148 4.93 4.35 -23.45
N PHE B 149 4.28 4.03 -24.56
CA PHE B 149 4.41 4.85 -25.76
C PHE B 149 3.82 6.23 -25.53
N LEU B 150 2.62 6.28 -24.93
CA LEU B 150 1.98 7.57 -24.64
C LEU B 150 2.82 8.41 -23.69
N ALA B 151 3.52 7.76 -22.75
CA ALA B 151 4.45 8.50 -21.90
C ALA B 151 5.56 9.14 -22.72
N VAL B 152 6.12 8.40 -23.68
CA VAL B 152 7.13 8.96 -24.58
C VAL B 152 6.56 10.15 -25.34
N TYR B 153 5.37 9.99 -25.90
CA TYR B 153 4.72 11.10 -26.59
C TYR B 153 4.46 12.28 -25.66
N TYR B 154 4.14 12.01 -24.39
CA TYR B 154 3.88 13.09 -23.44
C TYR B 154 5.16 13.86 -23.12
N LEU B 155 6.26 13.14 -22.87
CA LEU B 155 7.51 13.82 -22.53
C LEU B 155 8.02 14.64 -23.70
N ILE B 156 7.90 14.12 -24.92
CA ILE B 156 8.36 14.85 -26.10
C ILE B 156 7.50 16.09 -26.32
N CYS B 157 6.18 15.93 -26.26
CA CYS B 157 5.26 17.05 -26.45
C CYS B 157 5.06 17.89 -25.19
N GLY B 158 5.72 17.53 -24.08
CA GLY B 158 5.52 18.22 -22.84
C GLY B 158 6.75 18.92 -22.32
N PRO B 159 7.40 18.34 -21.30
CA PRO B 159 8.53 19.03 -20.67
C PRO B 159 9.71 19.27 -21.59
N LEU B 160 10.01 18.31 -22.48
CA LEU B 160 11.11 18.51 -23.41
C LEU B 160 10.82 19.66 -24.39
N LEU B 161 9.57 19.75 -24.85
CA LEU B 161 9.20 20.84 -25.75
C LEU B 161 9.31 22.20 -25.05
N LEU B 162 8.88 22.27 -23.79
CA LEU B 162 9.02 23.51 -23.03
C LEU B 162 10.49 23.85 -22.79
N GLU B 163 11.32 22.83 -22.55
CA GLU B 163 12.74 23.07 -22.33
C GLU B 163 13.46 23.46 -23.61
N ALA B 164 13.02 22.94 -24.76
CA ALA B 164 13.60 23.36 -26.03
C ALA B 164 13.35 24.84 -26.29
N ARG B 165 12.20 25.36 -25.86
CA ARG B 165 11.92 26.78 -26.00
C ARG B 165 12.84 27.62 -25.12
N VAL B 166 13.28 27.07 -24.00
CA VAL B 166 14.19 27.80 -23.11
C VAL B 166 15.60 27.81 -23.67
N THR B 167 16.02 26.74 -24.34
CA THR B 167 17.40 26.65 -24.82
C THR B 167 17.69 27.69 -25.89
N GLY B 168 16.75 27.92 -26.79
CA GLY B 168 16.94 28.91 -27.83
C GLY B 168 16.00 28.69 -28.99
N ALA B 169 15.82 29.75 -29.78
CA ALA B 169 14.92 29.67 -30.92
C ALA B 169 15.41 28.67 -31.96
N ASP B 170 16.74 28.57 -32.14
N ASP B 170 16.73 28.59 -32.15
CA ASP B 170 17.27 27.63 -33.10
CA ASP B 170 17.30 27.63 -33.08
C ASP B 170 17.08 26.19 -32.63
C ASP B 170 17.08 26.20 -32.62
N HIS B 171 17.26 25.94 -31.32
CA HIS B 171 17.05 24.60 -30.80
C HIS B 171 15.56 24.26 -30.76
N ARG B 172 14.71 25.24 -30.45
CA ARG B 172 13.27 25.00 -30.45
C ARG B 172 12.76 24.72 -31.86
N ARG B 173 13.29 25.44 -32.86
CA ARG B 173 12.88 25.19 -34.23
C ARG B 173 13.33 23.81 -34.70
N LEU B 174 14.57 23.42 -34.38
CA LEU B 174 15.06 22.11 -34.75
C LEU B 174 14.34 21.00 -34.00
N TYR B 175 14.07 21.21 -32.71
CA TYR B 175 13.39 20.19 -31.91
C TYR B 175 12.03 19.86 -32.49
N LEU B 176 11.18 20.87 -32.69
CA LEU B 176 9.86 20.63 -33.25
C LEU B 176 9.94 19.98 -34.63
N ARG B 177 10.93 20.37 -35.42
CA ARG B 177 11.11 19.78 -36.75
C ARG B 177 11.36 18.28 -36.65
N ASN B 178 12.32 17.87 -35.82
CA ASN B 178 12.64 16.45 -35.70
C ASN B 178 11.64 15.69 -34.84
N ALA B 179 10.98 16.36 -33.90
CA ALA B 179 10.05 15.67 -33.01
C ALA B 179 8.76 15.28 -33.74
N VAL B 180 8.33 16.08 -34.71
CA VAL B 180 7.09 15.76 -35.41
C VAL B 180 7.31 14.61 -36.41
N VAL B 181 8.46 14.61 -37.10
CA VAL B 181 8.74 13.55 -38.06
C VAL B 181 8.97 12.23 -37.33
N LEU B 182 9.69 12.27 -36.21
CA LEU B 182 9.91 11.05 -35.42
C LEU B 182 8.60 10.50 -34.89
N SER B 183 7.72 11.37 -34.40
CA SER B 183 6.47 10.91 -33.79
C SER B 183 5.55 10.26 -34.82
N VAL B 184 5.47 10.83 -36.02
CA VAL B 184 4.60 10.27 -37.05
C VAL B 184 5.08 8.88 -37.46
N ILE B 185 6.39 8.71 -37.62
CA ILE B 185 6.94 7.43 -38.06
C ILE B 185 6.79 6.37 -36.98
N TRP B 186 7.07 6.74 -35.72
CA TRP B 186 6.98 5.78 -34.62
C TRP B 186 5.54 5.30 -34.41
N PHE B 187 4.56 6.16 -34.72
CA PHE B 187 3.16 5.77 -34.56
C PHE B 187 2.81 4.55 -35.40
N LEU B 188 3.49 4.34 -36.52
CA LEU B 188 3.19 3.22 -37.40
C LEU B 188 3.68 1.89 -36.86
N TYR B 189 4.58 1.90 -35.88
CA TYR B 189 5.08 0.63 -35.34
C TYR B 189 4.00 -0.18 -34.63
N PRO B 190 3.25 0.37 -33.66
CA PRO B 190 2.16 -0.42 -33.07
C PRO B 190 1.06 -0.76 -34.05
N VAL B 191 0.89 0.02 -35.12
CA VAL B 191 -0.05 -0.35 -36.18
C VAL B 191 0.38 -1.65 -36.83
N ASN B 192 1.67 -1.77 -37.16
CA ASN B 192 2.16 -2.99 -37.77
C ASN B 192 2.09 -4.16 -36.79
N PHE B 193 2.35 -3.90 -35.50
CA PHE B 193 2.22 -4.96 -34.51
C PHE B 193 0.78 -5.42 -34.38
N LEU B 194 -0.17 -4.47 -34.34
CA LEU B 194 -1.57 -4.82 -34.15
C LEU B 194 -2.08 -5.65 -35.33
N LEU B 195 -1.68 -5.30 -36.55
CA LEU B 195 -2.21 -5.95 -37.74
C LEU B 195 -1.30 -7.04 -38.30
N GLY B 196 -0.06 -7.14 -37.83
CA GLY B 196 0.87 -8.14 -38.32
C GLY B 196 0.66 -9.50 -37.69
N ASN B 197 1.60 -10.40 -37.97
CA ASN B 197 1.48 -11.79 -37.53
C ASN B 197 1.83 -11.98 -36.05
N GLU B 198 2.42 -10.98 -35.41
CA GLU B 198 2.56 -10.96 -33.95
C GLU B 198 1.40 -10.25 -33.27
N GLY B 199 0.27 -10.12 -33.96
CA GLY B 199 -0.91 -9.49 -33.41
C GLY B 199 -2.18 -10.14 -33.93
N LEU B 200 -3.07 -9.35 -34.54
CA LEU B 200 -4.34 -9.87 -35.03
C LEU B 200 -4.18 -10.77 -36.24
N GLY B 201 -3.08 -10.62 -36.99
CA GLY B 201 -2.85 -11.46 -38.14
C GLY B 201 -3.56 -11.01 -39.40
N GLN B 202 -3.69 -9.70 -39.63
CA GLN B 202 -4.27 -9.22 -40.88
C GLN B 202 -3.41 -9.62 -42.07
N TRP B 203 -2.09 -9.54 -41.91
CA TRP B 203 -1.15 -10.02 -42.92
C TRP B 203 -0.11 -10.92 -42.26
N GLY B 204 0.52 -11.75 -43.08
CA GLY B 204 1.42 -12.78 -42.59
C GLY B 204 2.77 -12.23 -42.16
N GLY B 205 3.67 -13.17 -41.86
CA GLY B 205 5.00 -12.83 -41.39
C GLY B 205 5.87 -12.15 -42.43
N THR B 206 5.61 -12.38 -43.71
CA THR B 206 6.39 -11.72 -44.76
C THR B 206 6.10 -10.23 -44.81
N ALA B 207 4.82 -9.86 -44.82
CA ALA B 207 4.45 -8.45 -44.85
C ALA B 207 4.86 -7.73 -43.57
N THR B 208 4.74 -8.41 -42.43
CA THR B 208 5.14 -7.81 -41.16
C THR B 208 6.63 -7.50 -41.15
N THR B 209 7.45 -8.47 -41.58
CA THR B 209 8.90 -8.24 -41.63
C THR B 209 9.25 -7.19 -42.67
N ALA B 210 8.51 -7.11 -43.76
CA ALA B 210 8.78 -6.10 -44.79
C ALA B 210 8.43 -4.71 -44.31
N ILE B 211 7.33 -4.57 -43.57
CA ILE B 211 6.93 -3.25 -43.07
C ILE B 211 7.89 -2.78 -41.98
N TYR B 212 8.26 -3.67 -41.07
CA TYR B 212 9.25 -3.32 -40.05
C TYR B 212 10.58 -2.91 -40.69
N THR B 213 10.96 -3.55 -41.79
CA THR B 213 12.15 -3.15 -42.52
C THR B 213 12.00 -1.74 -43.06
N LEU B 214 10.88 -1.46 -43.74
CA LEU B 214 10.64 -0.13 -44.27
C LEU B 214 10.52 0.90 -43.14
N LEU B 215 9.87 0.53 -42.04
CA LEU B 215 9.75 1.45 -40.92
C LEU B 215 11.10 1.72 -40.26
N ASP B 216 11.92 0.68 -40.10
CA ASP B 216 13.25 0.87 -39.53
C ASP B 216 14.13 1.68 -40.46
N LEU B 217 14.04 1.43 -41.77
CA LEU B 217 14.79 2.23 -42.73
C LEU B 217 14.38 3.70 -42.66
N ALA B 218 13.08 3.96 -42.48
CA ALA B 218 12.60 5.34 -42.47
C ALA B 218 12.91 6.03 -41.15
N SER B 219 12.74 5.33 -40.02
CA SER B 219 12.95 5.95 -38.72
C SER B 219 14.43 6.07 -38.35
N LYS B 220 15.30 5.30 -38.98
CA LYS B 220 16.73 5.31 -38.66
C LYS B 220 17.58 5.92 -39.76
N ALA B 221 17.46 5.44 -41.00
CA ALA B 221 18.27 5.98 -42.08
C ALA B 221 17.70 7.30 -42.60
N ALA B 222 16.45 7.27 -43.08
CA ALA B 222 15.87 8.47 -43.66
C ALA B 222 15.74 9.59 -42.62
N TYR B 223 15.13 9.29 -41.48
CA TYR B 223 14.99 10.31 -40.44
C TYR B 223 16.36 10.73 -39.90
N GLY B 224 17.30 9.78 -39.81
CA GLY B 224 18.61 10.10 -39.28
C GLY B 224 19.32 11.19 -40.07
N PHE B 225 19.25 11.10 -41.40
CA PHE B 225 19.83 12.15 -42.23
C PHE B 225 18.97 13.40 -42.23
N PHE B 226 17.66 13.25 -42.10
CA PHE B 226 16.79 14.42 -41.92
C PHE B 226 17.11 15.15 -40.62
N ALA B 227 17.42 14.40 -39.56
CA ALA B 227 17.75 15.00 -38.28
C ALA B 227 19.15 15.60 -38.27
N ILE B 228 20.15 14.84 -38.74
CA ILE B 228 21.53 15.31 -38.71
C ILE B 228 21.76 16.47 -39.68
N THR B 229 20.91 16.61 -40.70
CA THR B 229 21.02 17.78 -41.57
C THR B 229 20.53 19.03 -40.85
N GLY B 230 19.51 18.89 -40.01
CA GLY B 230 19.08 20.01 -39.19
C GLY B 230 20.06 20.34 -38.07
N VAL B 231 20.75 19.33 -37.55
CA VAL B 231 21.78 19.56 -36.54
C VAL B 231 22.93 20.37 -37.13
N ARG B 232 23.36 20.02 -38.35
CA ARG B 232 24.45 20.77 -38.97
C ARG B 232 23.99 22.15 -39.41
N ALA B 233 22.74 22.28 -39.85
CA ALA B 233 22.20 23.59 -40.19
C ALA B 233 22.12 24.50 -38.96
N LEU B 234 21.75 23.93 -37.82
CA LEU B 234 21.69 24.70 -36.58
C LEU B 234 23.05 25.26 -36.21
N THR B 235 24.06 24.39 -36.13
CA THR B 235 25.41 24.86 -35.83
C THR B 235 25.95 25.78 -36.92
N ASP B 236 25.50 25.60 -38.17
CA ASP B 236 25.87 26.51 -39.24
C ASP B 236 25.35 27.92 -38.96
N ARG B 237 24.08 28.03 -38.55
CA ARG B 237 23.55 29.33 -38.18
C ARG B 237 24.25 29.89 -36.94
N ALA B 238 24.80 29.02 -36.10
CA ALA B 238 25.61 29.44 -34.96
C ALA B 238 27.04 29.79 -35.35
N GLY B 239 27.36 29.78 -36.64
CA GLY B 239 28.69 30.13 -37.10
C GLY B 239 29.78 29.16 -36.67
N ALA B 240 29.43 27.86 -36.50
CA ALA B 240 30.31 26.82 -36.00
C ALA B 240 31.70 26.87 -36.63
N PRO B 241 32.74 26.51 -35.88
CA PRO B 241 34.11 26.57 -36.42
C PRO B 241 34.29 25.65 -37.60
N ALA B 242 35.11 26.08 -38.56
CA ALA B 242 35.46 25.22 -39.69
C ALA B 242 36.41 24.10 -39.29
N LEU B 243 36.73 23.97 -38.01
CA LEU B 243 37.60 22.92 -37.50
C LEU B 243 36.77 21.79 -36.88
N THR B 244 37.19 20.56 -37.12
CA THR B 244 36.60 19.44 -36.41
C THR B 244 37.18 19.37 -35.00
N LEU B 245 36.51 18.60 -34.14
CA LEU B 245 36.97 18.48 -32.76
C LEU B 245 38.32 17.78 -32.67
N ASP B 246 38.60 16.85 -33.58
CA ASP B 246 39.92 16.22 -33.60
C ASP B 246 40.98 17.18 -34.09
N GLU B 247 40.65 17.99 -35.11
CA GLU B 247 41.60 19.00 -35.59
C GLU B 247 41.89 20.03 -34.51
N ALA B 248 40.89 20.38 -33.71
CA ALA B 248 41.12 21.30 -32.59
C ALA B 248 41.99 20.67 -31.52
N ALA B 249 41.85 19.35 -31.30
CA ALA B 249 42.66 18.68 -30.29
C ALA B 249 44.12 18.61 -30.72
N ARG B 250 44.38 18.41 -32.01
CA ARG B 250 45.76 18.36 -32.49
C ARG B 250 46.45 19.71 -32.33
N ARG B 251 45.75 20.80 -32.60
CA ARG B 251 46.36 22.12 -32.47
C ARG B 251 46.55 22.51 -31.01
N ALA B 252 45.72 21.98 -30.11
CA ALA B 252 45.82 22.29 -28.69
C ALA B 252 46.49 21.15 -27.93
N MET C 1 -10.31 17.24 31.41
CA MET C 1 -11.59 17.27 32.10
C MET C 1 -11.42 17.76 33.53
N ASN C 2 -10.95 18.99 33.69
CA ASN C 2 -10.87 19.59 35.01
C ASN C 2 -12.26 19.68 35.62
N PRO C 3 -12.43 19.31 36.89
CA PRO C 3 -13.75 19.39 37.52
C PRO C 3 -14.26 20.82 37.57
N ARG C 4 -15.49 21.00 37.10
CA ARG C 4 -16.19 22.28 37.10
C ARG C 4 -17.02 22.43 38.37
N PRO C 5 -17.04 23.62 38.97
CA PRO C 5 -17.75 23.79 40.25
C PRO C 5 -19.25 23.57 40.11
N ILE C 6 -19.85 23.11 41.20
CA ILE C 6 -21.29 22.84 41.26
C ILE C 6 -21.85 23.46 42.53
N GLU C 7 -23.08 23.93 42.45
CA GLU C 7 -23.82 24.37 43.63
C GLU C 7 -23.81 23.26 44.67
N PRO C 8 -23.48 23.56 45.93
CA PRO C 8 -23.39 22.49 46.94
C PRO C 8 -24.66 21.67 47.09
N ALA C 9 -25.83 22.31 47.00
CA ALA C 9 -27.08 21.55 47.06
C ALA C 9 -27.22 20.63 45.86
N THR C 10 -26.86 21.12 44.67
CA THR C 10 -26.93 20.29 43.48
C THR C 10 -25.95 19.13 43.56
N GLU C 11 -24.73 19.41 44.02
CA GLU C 11 -23.73 18.34 44.18
C GLU C 11 -24.18 17.32 45.22
N ALA C 12 -24.86 17.78 46.29
CA ALA C 12 -25.32 16.86 47.31
C ALA C 12 -26.34 15.87 46.75
N TRP C 13 -27.30 16.39 45.98
CA TRP C 13 -28.28 15.50 45.33
C TRP C 13 -27.60 14.52 44.39
N LEU C 14 -26.53 14.97 43.70
CA LEU C 14 -25.79 14.06 42.82
C LEU C 14 -25.15 12.94 43.61
N TRP C 15 -24.63 13.23 44.82
CA TRP C 15 -24.00 12.20 45.62
C TRP C 15 -24.99 11.17 46.12
N VAL C 16 -26.23 11.58 46.40
CA VAL C 16 -27.24 10.60 46.81
C VAL C 16 -27.59 9.71 45.63
N GLY C 17 -27.41 10.20 44.39
CA GLY C 17 -27.54 9.35 43.23
C GLY C 17 -26.39 8.35 43.10
N VAL C 18 -25.18 8.76 43.49
CA VAL C 18 -24.03 7.86 43.42
C VAL C 18 -24.22 6.70 44.39
N ALA C 19 -24.52 7.01 45.65
CA ALA C 19 -24.68 5.96 46.66
C ALA C 19 -25.87 5.06 46.33
N GLY C 20 -26.95 5.64 45.81
CA GLY C 20 -28.12 4.85 45.48
C GLY C 20 -27.84 3.87 44.34
N MET C 21 -27.22 4.35 43.26
CA MET C 21 -26.91 3.46 42.15
C MET C 21 -25.85 2.43 42.53
N ALA C 22 -24.89 2.83 43.37
CA ALA C 22 -23.84 1.91 43.80
C ALA C 22 -24.43 0.73 44.58
N LEU C 23 -25.19 1.03 45.63
CA LEU C 23 -25.77 -0.05 46.45
C LEU C 23 -26.69 -0.94 45.62
N ALA C 24 -27.54 -0.34 44.79
CA ALA C 24 -28.49 -1.11 44.00
C ALA C 24 -27.76 -2.04 43.03
N ALA C 25 -26.67 -1.58 42.44
CA ALA C 25 -25.90 -2.42 41.53
C ALA C 25 -25.25 -3.59 42.26
N ILE C 26 -24.84 -3.38 43.51
CA ILE C 26 -24.24 -4.47 44.28
C ILE C 26 -25.28 -5.54 44.59
N VAL C 27 -26.49 -5.13 44.95
CA VAL C 27 -27.56 -6.09 45.19
C VAL C 27 -28.02 -6.73 43.88
N MET C 28 -28.09 -5.92 42.81
CA MET C 28 -28.49 -6.46 41.52
C MET C 28 -27.47 -7.47 40.99
N LEU C 29 -26.18 -7.27 41.30
CA LEU C 29 -25.18 -8.25 40.90
C LEU C 29 -25.42 -9.61 41.55
N ALA C 30 -26.02 -9.63 42.74
CA ALA C 30 -26.37 -10.90 43.36
C ALA C 30 -27.42 -11.65 42.55
N PHE C 31 -28.33 -10.92 41.89
CA PHE C 31 -29.27 -11.57 40.99
C PHE C 31 -28.57 -12.11 39.76
N VAL C 32 -27.45 -11.50 39.35
CA VAL C 32 -26.75 -11.96 38.16
C VAL C 32 -26.14 -13.34 38.39
N LYS C 33 -25.35 -13.48 39.46
CA LYS C 33 -24.67 -14.75 39.71
C LYS C 33 -25.59 -15.82 40.28
N ARG C 34 -26.87 -15.51 40.51
CA ARG C 34 -27.83 -16.50 40.97
C ARG C 34 -28.87 -16.84 39.91
N ALA C 35 -28.68 -16.36 38.68
CA ALA C 35 -29.63 -16.66 37.62
C ALA C 35 -29.57 -18.15 37.26
N ARG C 36 -30.73 -18.72 36.95
CA ARG C 36 -30.84 -20.15 36.67
C ARG C 36 -31.21 -20.47 35.23
N THR C 37 -31.73 -19.51 34.48
CA THR C 37 -32.18 -19.70 33.12
C THR C 37 -31.60 -18.61 32.23
N PRO C 38 -31.56 -18.83 30.91
CA PRO C 38 -31.17 -17.74 30.01
C PRO C 38 -31.99 -16.47 30.19
N PHE C 39 -33.31 -16.61 30.29
CA PHE C 39 -34.18 -15.45 30.47
C PHE C 39 -33.85 -14.70 31.75
N GLU C 40 -33.53 -15.44 32.82
CA GLU C 40 -33.21 -14.78 34.09
C GLU C 40 -31.86 -14.09 34.02
N GLU C 41 -30.90 -14.67 33.29
CA GLU C 41 -29.57 -14.07 33.18
C GLU C 41 -29.61 -12.79 32.35
N SER C 42 -30.28 -12.84 31.20
CA SER C 42 -30.42 -11.66 30.35
C SER C 42 -31.01 -10.49 31.15
N GLN C 43 -32.12 -10.73 31.83
CA GLN C 43 -32.74 -9.69 32.65
C GLN C 43 -31.79 -9.23 33.75
N ALA C 44 -31.02 -10.15 34.32
CA ALA C 44 -30.18 -9.80 35.46
C ALA C 44 -29.03 -8.88 35.05
N VAL C 45 -28.29 -9.24 34.01
CA VAL C 45 -27.15 -8.41 33.64
C VAL C 45 -27.59 -7.15 32.91
N SER C 46 -28.75 -7.18 32.25
CA SER C 46 -29.28 -5.95 31.64
C SER C 46 -29.60 -4.92 32.71
N GLN C 47 -30.33 -5.33 33.75
CA GLN C 47 -30.65 -4.41 34.84
C GLN C 47 -29.39 -4.02 35.61
N PHE C 48 -28.45 -4.94 35.77
CA PHE C 48 -27.22 -4.63 36.50
C PHE C 48 -26.43 -3.51 35.81
N PHE C 49 -26.26 -3.62 34.49
CA PHE C 49 -25.54 -2.58 33.76
C PHE C 49 -26.30 -1.26 33.74
N VAL C 50 -27.63 -1.30 33.89
CA VAL C 50 -28.39 -0.06 34.06
C VAL C 50 -27.96 0.64 35.34
N LEU C 51 -27.86 -0.12 36.44
CA LEU C 51 -27.43 0.46 37.70
C LEU C 51 -25.94 0.79 37.70
N LEU C 52 -25.13 0.00 37.00
CA LEU C 52 -23.69 0.23 36.99
C LEU C 52 -23.33 1.47 36.18
N ILE C 53 -23.92 1.61 34.99
CA ILE C 53 -23.65 2.79 34.18
C ILE C 53 -24.21 4.04 34.85
N ALA C 54 -25.38 3.92 35.49
CA ALA C 54 -25.94 5.06 36.20
C ALA C 54 -25.05 5.49 37.36
N PHE C 55 -24.42 4.52 38.03
CA PHE C 55 -23.44 4.86 39.05
C PHE C 55 -22.29 5.68 38.48
N GLY C 56 -21.79 5.27 37.30
CA GLY C 56 -20.68 5.99 36.70
C GLY C 56 -21.04 7.41 36.30
N THR C 57 -22.25 7.61 35.77
CA THR C 57 -22.62 8.93 35.29
C THR C 57 -22.88 9.91 36.43
N TYR C 58 -23.42 9.42 37.56
CA TYR C 58 -23.59 10.28 38.72
C TYR C 58 -22.25 10.55 39.40
N LEU C 59 -21.34 9.57 39.37
CA LEU C 59 -20.00 9.82 39.88
C LEU C 59 -19.29 10.87 39.04
N ALA C 60 -19.44 10.81 37.72
CA ALA C 60 -18.88 11.86 36.87
C ALA C 60 -19.53 13.21 37.15
N MET C 61 -20.86 13.22 37.33
CA MET C 61 -21.55 14.48 37.59
C MET C 61 -21.20 15.03 38.97
N ALA C 62 -21.12 14.16 39.98
CA ALA C 62 -20.83 14.63 41.33
C ALA C 62 -19.40 15.15 41.45
N LEU C 63 -18.45 14.51 40.77
CA LEU C 63 -17.08 14.98 40.75
C LEU C 63 -16.89 16.25 39.93
N GLY C 64 -17.96 16.81 39.38
CA GLY C 64 -17.85 17.99 38.54
C GLY C 64 -17.28 17.73 37.17
N GLN C 65 -17.39 16.50 36.67
CA GLN C 65 -16.82 16.15 35.37
C GLN C 65 -17.88 15.69 34.38
N GLY C 66 -19.15 16.00 34.64
CA GLY C 66 -20.21 15.54 33.76
C GLY C 66 -21.14 16.66 33.30
N SER C 67 -20.66 17.89 33.34
CA SER C 67 -21.45 19.05 32.99
C SER C 67 -20.77 19.86 31.89
N LEU C 68 -21.58 20.50 31.07
CA LEU C 68 -21.12 21.43 30.05
C LEU C 68 -21.87 22.75 30.21
N THR C 69 -21.30 23.81 29.67
CA THR C 69 -21.92 25.12 29.65
C THR C 69 -22.44 25.38 28.25
N ALA C 70 -23.77 25.37 28.09
CA ALA C 70 -24.37 25.66 26.80
C ALA C 70 -24.04 27.09 26.38
N ASP C 71 -24.22 27.35 25.08
CA ASP C 71 -23.85 28.66 24.54
C ASP C 71 -24.69 29.78 25.12
N ASP C 72 -25.84 29.48 25.73
CA ASP C 72 -26.64 30.50 26.40
C ASP C 72 -26.23 30.72 27.85
N GLY C 73 -25.31 29.92 28.38
CA GLY C 73 -24.79 30.10 29.72
C GLY C 73 -25.30 29.09 30.73
N ARG C 74 -26.30 28.28 30.40
CA ARG C 74 -26.84 27.33 31.35
C ARG C 74 -25.91 26.15 31.54
N GLN C 75 -25.91 25.60 32.76
CA GLN C 75 -25.19 24.37 33.05
C GLN C 75 -26.08 23.19 32.66
N VAL C 76 -25.55 22.31 31.82
CA VAL C 76 -26.28 21.13 31.36
C VAL C 76 -25.44 19.92 31.70
N PHE C 77 -26.02 18.98 32.47
CA PHE C 77 -25.34 17.74 32.84
C PHE C 77 -25.45 16.77 31.66
N VAL C 78 -24.58 16.97 30.68
CA VAL C 78 -24.61 16.16 29.47
C VAL C 78 -24.24 14.72 29.74
N SER C 79 -23.52 14.44 30.83
CA SER C 79 -23.16 13.08 31.17
C SER C 79 -24.40 12.23 31.38
N ARG C 80 -25.44 12.81 31.97
CA ARG C 80 -26.69 12.08 32.18
C ARG C 80 -27.30 11.66 30.85
N TYR C 81 -27.32 12.57 29.87
CA TYR C 81 -27.88 12.24 28.56
C TYR C 81 -27.05 11.17 27.85
N ILE C 82 -25.72 11.26 27.93
CA ILE C 82 -24.86 10.33 27.21
C ILE C 82 -25.11 8.90 27.70
N THR C 83 -25.21 8.71 29.02
CA THR C 83 -25.44 7.38 29.56
C THR C 83 -26.91 6.97 29.48
N TRP C 84 -27.83 7.95 29.48
CA TRP C 84 -29.22 7.65 29.19
C TRP C 84 -29.36 6.91 27.85
N THR C 85 -28.51 7.26 26.88
CA THR C 85 -28.55 6.63 25.56
C THR C 85 -28.26 5.13 25.64
N PHE C 86 -27.58 4.67 26.69
CA PHE C 86 -27.26 3.26 26.84
C PHE C 86 -28.12 2.55 27.88
N THR C 87 -28.56 3.24 28.94
CA THR C 87 -29.34 2.58 29.97
C THR C 87 -30.81 2.47 29.60
N THR C 88 -31.38 3.49 28.96
CA THR C 88 -32.80 3.45 28.62
C THR C 88 -33.12 2.37 27.59
N PRO C 89 -32.25 2.06 26.61
CA PRO C 89 -32.52 0.89 25.77
C PRO C 89 -32.45 -0.43 26.53
N LEU C 90 -31.58 -0.54 27.53
CA LEU C 90 -31.49 -1.78 28.30
C LEU C 90 -32.76 -2.02 29.11
N LEU C 91 -33.35 -0.96 29.67
CA LEU C 91 -34.62 -1.11 30.38
C LEU C 91 -35.70 -1.61 29.44
N LEU C 92 -35.81 -0.99 28.26
CA LEU C 92 -36.80 -1.44 27.28
C LEU C 92 -36.48 -2.82 26.75
N LEU C 93 -35.20 -3.16 26.64
CA LEU C 93 -34.83 -4.52 26.28
C LEU C 93 -35.40 -5.54 27.26
N GLY C 94 -35.39 -5.20 28.56
CA GLY C 94 -35.98 -6.08 29.55
C GLY C 94 -37.45 -6.31 29.31
N LEU C 95 -38.21 -5.25 29.01
CA LEU C 95 -39.60 -5.42 28.65
C LEU C 95 -39.75 -6.28 27.40
N ALA C 96 -38.90 -6.05 26.39
CA ALA C 96 -39.02 -6.77 25.13
C ALA C 96 -38.73 -8.26 25.32
N THR C 97 -37.70 -8.61 26.09
CA THR C 97 -37.41 -10.02 26.30
C THR C 97 -38.41 -10.67 27.24
N THR C 98 -39.04 -9.89 28.12
CA THR C 98 -40.16 -10.43 28.89
C THR C 98 -41.32 -10.81 27.98
N ALA C 99 -41.56 -10.01 26.93
CA ALA C 99 -42.65 -10.29 26.01
C ALA C 99 -42.27 -11.36 24.99
N LEU C 100 -41.04 -11.33 24.49
CA LEU C 100 -40.65 -12.18 23.37
C LEU C 100 -39.76 -13.36 23.76
N GLY C 101 -39.30 -13.42 25.01
CA GLY C 101 -38.40 -14.48 25.43
C GLY C 101 -36.94 -14.09 25.27
N SER C 102 -36.07 -14.94 25.82
CA SER C 102 -34.63 -14.75 25.75
C SER C 102 -33.99 -16.06 25.33
N PRO C 103 -33.32 -16.13 24.17
CA PRO C 103 -33.11 -15.02 23.24
C PRO C 103 -34.35 -14.65 22.45
N ILE C 104 -34.33 -13.49 21.78
CA ILE C 104 -35.49 -13.04 21.01
C ILE C 104 -35.75 -14.01 19.88
N THR C 105 -36.91 -14.66 19.91
CA THR C 105 -37.25 -15.68 18.93
C THR C 105 -37.99 -15.14 17.73
N ARG C 106 -38.61 -13.96 17.84
CA ARG C 106 -39.43 -13.42 16.75
C ARG C 106 -39.56 -11.92 16.95
N ARG C 107 -40.03 -11.25 15.90
CA ARG C 107 -40.30 -9.81 15.92
C ARG C 107 -39.08 -9.02 16.36
N LYS C 108 -37.90 -9.49 15.96
CA LYS C 108 -36.66 -8.77 16.30
C LYS C 108 -36.64 -7.33 15.80
N PRO C 109 -37.12 -6.98 14.60
CA PRO C 109 -37.11 -5.57 14.19
C PRO C 109 -38.00 -4.66 15.03
N VAL C 110 -38.97 -5.21 15.77
CA VAL C 110 -39.75 -4.33 16.64
C VAL C 110 -38.96 -3.99 17.89
N VAL C 111 -38.02 -4.84 18.29
CA VAL C 111 -37.14 -4.52 19.41
C VAL C 111 -36.12 -3.46 18.98
N ALA C 112 -35.50 -3.64 17.82
CA ALA C 112 -34.58 -2.65 17.30
C ALA C 112 -35.28 -1.31 17.10
N GLY C 113 -36.51 -1.33 16.59
CA GLY C 113 -37.29 -0.10 16.48
C GLY C 113 -37.61 0.51 17.84
N LEU C 114 -37.82 -0.33 18.85
CA LEU C 114 -38.00 0.18 20.21
C LEU C 114 -36.74 0.90 20.68
N ILE C 115 -35.59 0.25 20.57
CA ILE C 115 -34.33 0.87 20.97
C ILE C 115 -34.04 2.09 20.10
N GLY C 116 -34.33 2.00 18.81
CA GLY C 116 -34.06 3.12 17.91
C GLY C 116 -34.87 4.34 18.26
N ALA C 117 -36.17 4.16 18.50
CA ALA C 117 -37.01 5.29 18.89
C ALA C 117 -36.61 5.84 20.26
N ASP C 118 -36.07 4.98 21.13
CA ASP C 118 -35.64 5.45 22.44
C ASP C 118 -34.34 6.25 22.35
N ILE C 119 -33.38 5.78 21.56
CA ILE C 119 -32.12 6.50 21.40
C ILE C 119 -32.37 7.86 20.76
N ILE C 120 -33.29 7.92 19.80
CA ILE C 120 -33.65 9.21 19.20
C ILE C 120 -34.26 10.13 20.25
N MET C 121 -35.03 9.57 21.18
CA MET C 121 -35.67 10.38 22.21
C MET C 121 -34.64 11.07 23.10
N ILE C 122 -33.68 10.29 23.63
CA ILE C 122 -32.67 10.87 24.51
C ILE C 122 -31.78 11.85 23.74
N LEU C 123 -31.35 11.45 22.53
CA LEU C 123 -30.43 12.28 21.76
C LEU C 123 -31.07 13.61 21.38
N THR C 124 -32.30 13.57 20.87
CA THR C 124 -32.99 14.82 20.56
C THR C 124 -33.32 15.61 21.83
N GLY C 125 -33.54 14.92 22.95
CA GLY C 125 -33.68 15.62 24.21
C GLY C 125 -32.41 16.33 24.63
N LEU C 126 -31.26 15.73 24.35
CA LEU C 126 -29.99 16.41 24.59
C LEU C 126 -29.87 17.67 23.76
N VAL C 127 -30.32 17.63 22.51
CA VAL C 127 -30.26 18.82 21.66
C VAL C 127 -31.23 19.88 22.17
N ALA C 128 -32.42 19.47 22.62
CA ALA C 128 -33.36 20.42 23.20
C ALA C 128 -32.79 21.05 24.46
N ALA C 129 -32.05 20.28 25.27
CA ALA C 129 -31.46 20.81 26.48
C ALA C 129 -30.38 21.83 26.17
N LEU C 130 -29.56 21.57 25.14
CA LEU C 130 -28.46 22.46 24.77
C LEU C 130 -28.91 23.65 23.93
N SER C 131 -30.15 23.66 23.45
CA SER C 131 -30.64 24.77 22.68
C SER C 131 -30.92 25.98 23.59
N PRO C 132 -30.88 27.20 23.04
CA PRO C 132 -31.03 28.39 23.89
C PRO C 132 -32.39 28.45 24.55
N SER C 133 -32.42 29.07 25.74
CA SER C 133 -33.66 29.25 26.48
C SER C 133 -34.60 30.20 25.74
N GLY C 134 -35.87 29.83 25.66
CA GLY C 134 -36.84 30.65 24.98
C GLY C 134 -36.69 30.72 23.49
N SER C 135 -36.02 29.74 22.89
CA SER C 135 -35.81 29.69 21.45
C SER C 135 -36.77 28.70 20.81
N HIS C 136 -37.06 28.91 19.52
CA HIS C 136 -37.92 27.99 18.81
C HIS C 136 -37.27 26.63 18.63
N GLU C 137 -35.94 26.59 18.52
CA GLU C 137 -35.24 25.32 18.30
C GLU C 137 -35.37 24.40 19.50
N LYS C 138 -35.36 24.96 20.71
CA LYS C 138 -35.44 24.12 21.90
C LYS C 138 -36.72 23.29 21.92
N TRP C 139 -37.85 23.91 21.57
CA TRP C 139 -39.13 23.22 21.64
C TRP C 139 -39.45 22.45 20.37
N ILE C 140 -38.82 22.78 19.24
CA ILE C 140 -38.86 21.89 18.08
C ILE C 140 -38.26 20.54 18.45
N TRP C 141 -37.07 20.56 19.06
CA TRP C 141 -36.42 19.32 19.47
C TRP C 141 -37.14 18.68 20.65
N TYR C 142 -37.80 19.49 21.50
CA TYR C 142 -38.63 18.91 22.53
C TYR C 142 -39.81 18.15 21.93
N GLY C 143 -40.45 18.73 20.91
CA GLY C 143 -41.56 18.04 20.26
C GLY C 143 -41.11 16.80 19.52
N VAL C 144 -39.93 16.84 18.91
CA VAL C 144 -39.41 15.66 18.23
C VAL C 144 -39.12 14.55 19.23
N SER C 145 -38.53 14.89 20.37
CA SER C 145 -38.28 13.89 21.41
C SER C 145 -39.59 13.36 21.99
N SER C 146 -40.57 14.24 22.15
CA SER C 146 -41.89 13.80 22.61
C SER C 146 -42.56 12.88 21.60
N GLY C 147 -42.28 13.09 20.30
CA GLY C 147 -42.80 12.18 19.29
C GLY C 147 -42.13 10.83 19.33
N ALA C 148 -40.83 10.78 19.67
CA ALA C 148 -40.17 9.50 19.88
C ALA C 148 -40.67 8.83 21.14
N PHE C 149 -41.01 9.61 22.17
CA PHE C 149 -41.59 9.06 23.38
C PHE C 149 -42.92 8.37 23.09
N LEU C 150 -43.73 8.97 22.22
CA LEU C 150 -45.01 8.36 21.84
C LEU C 150 -44.80 7.06 21.08
N ALA C 151 -43.79 7.02 20.20
CA ALA C 151 -43.49 5.79 19.47
C ALA C 151 -43.11 4.68 20.43
N VAL C 152 -42.33 4.99 21.47
CA VAL C 152 -41.99 4.00 22.49
C VAL C 152 -43.25 3.53 23.20
N TYR C 153 -44.09 4.47 23.64
CA TYR C 153 -45.35 4.11 24.28
C TYR C 153 -46.22 3.27 23.35
N TYR C 154 -46.24 3.61 22.05
CA TYR C 154 -47.04 2.83 21.10
C TYR C 154 -46.51 1.40 20.98
N LEU C 155 -45.20 1.24 20.87
CA LEU C 155 -44.62 -0.10 20.72
C LEU C 155 -44.84 -0.93 21.98
N ILE C 156 -44.74 -0.30 23.15
CA ILE C 156 -44.94 -1.03 24.40
C ILE C 156 -46.41 -1.45 24.54
N CYS C 157 -47.34 -0.54 24.27
CA CYS C 157 -48.76 -0.81 24.45
C CYS C 157 -49.40 -1.47 23.24
N GLY C 158 -48.66 -1.71 22.17
CA GLY C 158 -49.25 -2.25 20.96
C GLY C 158 -48.64 -3.57 20.54
N PRO C 159 -47.67 -3.53 19.61
CA PRO C 159 -47.09 -4.77 19.10
C PRO C 159 -46.44 -5.63 20.20
N LEU C 160 -45.62 -5.01 21.06
CA LEU C 160 -44.95 -5.76 22.10
C LEU C 160 -45.93 -6.30 23.12
N LEU C 161 -47.07 -5.62 23.33
CA LEU C 161 -48.11 -6.15 24.19
C LEU C 161 -48.87 -7.29 23.52
N LEU C 162 -49.10 -7.17 22.21
CA LEU C 162 -49.73 -8.27 21.47
C LEU C 162 -48.87 -9.53 21.52
N GLU C 163 -47.55 -9.37 21.40
CA GLU C 163 -46.67 -10.54 21.43
C GLU C 163 -46.57 -11.13 22.84
N ALA C 164 -46.77 -10.31 23.87
CA ALA C 164 -46.73 -10.82 25.23
C ALA C 164 -47.84 -11.84 25.45
N ARG C 165 -49.05 -11.57 24.96
CA ARG C 165 -50.15 -12.51 25.11
C ARG C 165 -49.85 -13.84 24.41
N VAL C 166 -49.10 -13.80 23.31
CA VAL C 166 -48.82 -15.02 22.57
C VAL C 166 -47.79 -15.89 23.30
N THR C 167 -46.84 -15.26 24.00
CA THR C 167 -45.75 -16.01 24.60
C THR C 167 -46.25 -16.92 25.72
N GLY C 168 -47.01 -16.37 26.67
CA GLY C 168 -47.52 -17.18 27.75
C GLY C 168 -48.29 -16.33 28.75
N ALA C 169 -48.98 -17.02 29.65
CA ALA C 169 -49.78 -16.33 30.66
C ALA C 169 -48.90 -15.57 31.64
N ASP C 170 -47.89 -16.24 32.20
CA ASP C 170 -47.00 -15.58 33.15
C ASP C 170 -46.21 -14.46 32.48
N HIS C 171 -45.77 -14.68 31.23
CA HIS C 171 -45.06 -13.63 30.50
C HIS C 171 -45.96 -12.43 30.24
N ARG C 172 -47.23 -12.69 29.90
CA ARG C 172 -48.17 -11.59 29.71
C ARG C 172 -48.38 -10.82 31.01
N ARG C 173 -48.52 -11.54 32.13
CA ARG C 173 -48.75 -10.88 33.41
C ARG C 173 -47.52 -10.10 33.85
N LEU C 174 -46.33 -10.69 33.72
CA LEU C 174 -45.11 -9.97 34.08
C LEU C 174 -44.88 -8.78 33.17
N TYR C 175 -45.22 -8.90 31.88
CA TYR C 175 -45.06 -7.79 30.96
C TYR C 175 -46.01 -6.66 31.30
N LEU C 176 -47.30 -6.97 31.49
CA LEU C 176 -48.26 -5.94 31.86
C LEU C 176 -47.87 -5.25 33.16
N ARG C 177 -47.34 -6.01 34.11
CA ARG C 177 -46.96 -5.44 35.40
C ARG C 177 -45.79 -4.48 35.24
N ASN C 178 -44.75 -4.89 34.52
CA ASN C 178 -43.56 -4.05 34.37
C ASN C 178 -43.78 -2.90 33.40
N ALA C 179 -44.60 -3.10 32.36
CA ALA C 179 -44.76 -2.05 31.35
C ALA C 179 -45.52 -0.85 31.91
N VAL C 180 -46.52 -1.09 32.78
CA VAL C 180 -47.30 0.02 33.31
C VAL C 180 -46.48 0.81 34.32
N VAL C 181 -45.72 0.13 35.18
CA VAL C 181 -44.89 0.82 36.16
C VAL C 181 -43.84 1.67 35.47
N LEU C 182 -43.21 1.12 34.43
CA LEU C 182 -42.22 1.89 33.67
C LEU C 182 -42.85 3.10 32.99
N SER C 183 -44.04 2.91 32.40
CA SER C 183 -44.68 4.00 31.67
C SER C 183 -44.99 5.18 32.59
N VAL C 184 -45.46 4.90 33.81
CA VAL C 184 -45.78 5.97 34.75
C VAL C 184 -44.53 6.74 35.14
N ILE C 185 -43.42 6.03 35.37
CA ILE C 185 -42.20 6.68 35.82
C ILE C 185 -41.60 7.52 34.69
N TRP C 186 -41.49 6.95 33.49
CA TRP C 186 -40.86 7.66 32.38
C TRP C 186 -41.65 8.91 31.99
N PHE C 187 -42.97 8.90 32.21
CA PHE C 187 -43.79 10.04 31.84
C PHE C 187 -43.36 11.32 32.56
N LEU C 188 -42.81 11.19 33.77
CA LEU C 188 -42.40 12.36 34.54
C LEU C 188 -41.08 12.96 34.08
N TYR C 189 -40.34 12.27 33.19
CA TYR C 189 -39.09 12.84 32.70
C TYR C 189 -39.31 14.06 31.82
N PRO C 190 -40.14 14.02 30.76
CA PRO C 190 -40.39 15.25 30.00
C PRO C 190 -41.07 16.34 30.81
N VAL C 191 -41.79 15.99 31.87
CA VAL C 191 -42.42 17.01 32.71
C VAL C 191 -41.35 17.80 33.47
N ASN C 192 -40.35 17.11 34.02
CA ASN C 192 -39.25 17.81 34.67
C ASN C 192 -38.44 18.63 33.66
N PHE C 193 -38.29 18.13 32.44
CA PHE C 193 -37.63 18.93 31.42
C PHE C 193 -38.45 20.17 31.08
N LEU C 194 -39.77 20.02 30.96
CA LEU C 194 -40.61 21.12 30.53
C LEU C 194 -40.57 22.27 31.53
N LEU C 195 -40.60 21.96 32.83
CA LEU C 195 -40.67 22.98 33.87
C LEU C 195 -39.32 23.31 34.49
N GLY C 196 -38.28 22.52 34.21
CA GLY C 196 -36.98 22.70 34.84
C GLY C 196 -36.13 23.74 34.15
N ASN C 197 -34.86 23.77 34.55
CA ASN C 197 -33.93 24.80 34.08
C ASN C 197 -33.64 24.67 32.59
N GLU C 198 -33.64 23.44 32.06
CA GLU C 198 -33.43 23.24 30.64
C GLU C 198 -34.69 23.43 29.81
N GLY C 199 -35.79 23.89 30.41
CA GLY C 199 -37.03 24.12 29.70
C GLY C 199 -37.61 25.50 29.97
N LEU C 200 -38.82 25.54 30.54
CA LEU C 200 -39.47 26.81 30.83
C LEU C 200 -38.90 27.52 32.04
N GLY C 201 -38.25 26.78 32.95
CA GLY C 201 -37.66 27.41 34.11
C GLY C 201 -38.63 27.70 35.23
N GLN C 202 -39.61 26.81 35.46
CA GLN C 202 -40.49 26.97 36.61
C GLN C 202 -39.71 26.84 37.92
N TRP C 203 -38.76 25.90 37.97
CA TRP C 203 -37.84 25.77 39.08
C TRP C 203 -36.41 25.73 38.56
N GLY C 204 -35.48 26.14 39.40
CA GLY C 204 -34.09 26.32 39.00
C GLY C 204 -33.38 25.00 38.75
N GLY C 205 -32.05 25.11 38.63
CA GLY C 205 -31.23 23.96 38.31
C GLY C 205 -31.15 22.94 39.42
N THR C 206 -31.12 23.39 40.68
CA THR C 206 -31.04 22.45 41.79
C THR C 206 -32.26 21.54 41.85
N ALA C 207 -33.46 22.11 41.70
CA ALA C 207 -34.66 21.30 41.70
C ALA C 207 -34.71 20.38 40.47
N THR C 208 -34.24 20.87 39.33
CA THR C 208 -34.18 20.03 38.12
C THR C 208 -33.28 18.83 38.35
N THR C 209 -32.07 19.06 38.85
CA THR C 209 -31.12 17.98 39.09
C THR C 209 -31.67 17.01 40.14
N ALA C 210 -32.27 17.53 41.20
CA ALA C 210 -32.81 16.67 42.26
C ALA C 210 -33.92 15.78 41.73
N ILE C 211 -34.85 16.33 40.95
CA ILE C 211 -35.95 15.53 40.41
C ILE C 211 -35.42 14.49 39.44
N TYR C 212 -34.45 14.87 38.59
CA TYR C 212 -33.82 13.88 37.72
C TYR C 212 -33.15 12.77 38.54
N THR C 213 -32.53 13.14 39.66
CA THR C 213 -31.89 12.15 40.53
C THR C 213 -32.92 11.17 41.07
N LEU C 214 -33.99 11.68 41.68
CA LEU C 214 -35.03 10.83 42.23
C LEU C 214 -35.68 9.96 41.16
N LEU C 215 -35.93 10.53 39.97
CA LEU C 215 -36.51 9.75 38.88
C LEU C 215 -35.59 8.60 38.49
N ASP C 216 -34.29 8.88 38.36
CA ASP C 216 -33.35 7.83 37.98
C ASP C 216 -33.28 6.73 39.04
N LEU C 217 -33.30 7.11 40.32
CA LEU C 217 -33.39 6.11 41.37
C LEU C 217 -34.70 5.32 41.28
N ALA C 218 -35.77 5.97 40.80
CA ALA C 218 -37.05 5.28 40.67
C ALA C 218 -37.05 4.34 39.48
N SER C 219 -36.65 4.82 38.30
CA SER C 219 -36.73 4.03 37.08
C SER C 219 -35.65 2.97 36.99
N LYS C 220 -34.59 3.05 37.79
CA LYS C 220 -33.48 2.10 37.72
C LYS C 220 -33.35 1.24 38.96
N ALA C 221 -33.30 1.84 40.15
CA ALA C 221 -33.16 1.06 41.38
C ALA C 221 -34.49 0.48 41.82
N ALA C 222 -35.47 1.33 42.09
CA ALA C 222 -36.76 0.86 42.58
C ALA C 222 -37.45 -0.03 41.54
N TYR C 223 -37.54 0.45 40.30
CA TYR C 223 -38.12 -0.36 39.24
C TYR C 223 -37.26 -1.60 38.94
N GLY C 224 -35.95 -1.47 39.07
CA GLY C 224 -35.07 -2.60 38.79
C GLY C 224 -35.33 -3.79 39.71
N PHE C 225 -35.49 -3.52 41.01
CA PHE C 225 -35.79 -4.61 41.93
C PHE C 225 -37.25 -5.03 41.84
N PHE C 226 -38.14 -4.11 41.44
CA PHE C 226 -39.50 -4.50 41.12
C PHE C 226 -39.52 -5.43 39.91
N ALA C 227 -38.76 -5.08 38.87
CA ALA C 227 -38.74 -5.87 37.64
C ALA C 227 -38.04 -7.21 37.85
N ILE C 228 -36.87 -7.21 38.51
CA ILE C 228 -36.08 -8.43 38.59
C ILE C 228 -36.72 -9.42 39.57
N THR C 229 -37.46 -8.94 40.58
CA THR C 229 -38.19 -9.86 41.45
C THR C 229 -39.31 -10.54 40.69
N GLY C 230 -39.95 -9.83 39.76
CA GLY C 230 -40.94 -10.47 38.91
C GLY C 230 -40.33 -11.49 37.98
N VAL C 231 -39.13 -11.21 37.47
CA VAL C 231 -38.41 -12.21 36.69
C VAL C 231 -38.10 -13.44 37.55
N ARG C 232 -37.69 -13.21 38.79
CA ARG C 232 -37.42 -14.32 39.70
C ARG C 232 -38.68 -15.13 39.97
N ALA C 233 -39.80 -14.46 40.22
CA ALA C 233 -41.04 -15.16 40.53
C ALA C 233 -41.54 -15.96 39.33
N LEU C 234 -41.51 -15.35 38.13
CA LEU C 234 -41.89 -16.08 36.93
C LEU C 234 -41.00 -17.28 36.70
N THR C 235 -39.70 -17.14 36.96
CA THR C 235 -38.78 -18.27 36.83
C THR C 235 -39.04 -19.34 37.88
N ASP C 236 -39.48 -18.94 39.08
CA ASP C 236 -39.88 -19.92 40.08
C ASP C 236 -41.14 -20.66 39.64
N ARG C 237 -42.17 -19.92 39.23
CA ARG C 237 -43.41 -20.56 38.77
C ARG C 237 -43.17 -21.44 37.56
N ALA C 238 -42.23 -21.06 36.68
CA ALA C 238 -41.87 -21.89 35.55
C ALA C 238 -41.11 -23.15 35.98
N GLY C 239 -40.82 -23.31 37.26
CA GLY C 239 -40.05 -24.45 37.73
C GLY C 239 -38.62 -24.37 37.26
N ALA C 240 -37.87 -23.38 37.74
CA ALA C 240 -36.49 -23.25 37.33
C ALA C 240 -35.62 -24.26 38.06
N PRO C 241 -34.52 -24.70 37.44
CA PRO C 241 -33.57 -25.54 38.16
C PRO C 241 -32.95 -24.78 39.32
N ALA C 242 -32.89 -25.44 40.49
CA ALA C 242 -32.29 -24.84 41.68
C ALA C 242 -30.76 -24.88 41.57
N LEU C 243 -30.26 -24.25 40.51
CA LEU C 243 -28.85 -24.33 40.16
C LEU C 243 -28.53 -23.15 39.25
N THR C 244 -27.50 -22.38 39.61
CA THR C 244 -27.10 -21.27 38.77
C THR C 244 -26.48 -21.76 37.47
N LEU C 245 -26.39 -20.85 36.49
CA LEU C 245 -25.82 -21.22 35.20
C LEU C 245 -24.34 -21.59 35.32
N ASP C 246 -23.62 -20.90 36.21
CA ASP C 246 -22.22 -21.25 36.46
C ASP C 246 -22.11 -22.63 37.10
N GLU C 247 -22.97 -22.92 38.09
CA GLU C 247 -22.99 -24.25 38.68
C GLU C 247 -23.40 -25.30 37.67
N ALA C 248 -24.29 -24.95 36.73
CA ALA C 248 -24.70 -25.89 35.69
C ALA C 248 -23.56 -26.16 34.71
N ALA C 249 -22.77 -25.13 34.38
CA ALA C 249 -21.67 -25.33 33.46
C ALA C 249 -20.49 -26.03 34.14
N ARG C 250 -20.30 -25.81 35.43
CA ARG C 250 -19.23 -26.49 36.15
C ARG C 250 -19.49 -27.99 36.25
N ARG C 251 -20.74 -28.37 36.56
CA ARG C 251 -21.06 -29.79 36.68
C ARG C 251 -21.06 -30.48 35.33
N ALA C 252 -21.55 -29.80 34.29
CA ALA C 252 -21.58 -30.40 32.96
C ALA C 252 -20.19 -30.49 32.34
N GLY C 253 -19.20 -29.79 32.89
CA GLY C 253 -17.86 -29.86 32.37
C GLY C 253 -17.09 -31.09 32.82
N GLY C 254 -17.41 -31.62 33.99
CA GLY C 254 -16.77 -32.81 34.50
C GLY C 254 -15.46 -32.54 35.22
N MET D 1 -26.00 24.48 22.06
CA MET D 1 -26.10 24.41 20.61
C MET D 1 -26.90 25.58 20.05
N ASN D 2 -26.35 26.79 20.18
CA ASN D 2 -26.98 27.96 19.59
C ASN D 2 -26.92 27.86 18.06
N PRO D 3 -28.03 28.17 17.37
CA PRO D 3 -28.03 28.02 15.91
C PRO D 3 -27.03 28.94 15.25
N ARG D 4 -26.19 28.36 14.39
CA ARG D 4 -25.11 28.94 13.60
C ARG D 4 -25.65 29.43 12.26
N PRO D 5 -25.21 30.61 11.80
CA PRO D 5 -25.76 31.17 10.57
C PRO D 5 -25.41 30.32 9.35
N ILE D 6 -26.38 30.16 8.46
CA ILE D 6 -26.22 29.42 7.21
C ILE D 6 -26.57 30.34 6.05
N GLU D 7 -25.87 30.14 4.94
CA GLU D 7 -26.19 30.87 3.72
C GLU D 7 -27.63 30.60 3.33
N PRO D 8 -28.40 31.63 2.97
CA PRO D 8 -29.81 31.40 2.59
C PRO D 8 -30.01 30.36 1.49
N ALA D 9 -29.17 30.39 0.45
CA ALA D 9 -29.29 29.40 -0.61
C ALA D 9 -28.97 28.00 -0.10
N THR D 10 -27.95 27.88 0.76
CA THR D 10 -27.62 26.59 1.35
C THR D 10 -28.73 26.13 2.29
N GLU D 11 -29.20 27.02 3.18
CA GLU D 11 -30.26 26.67 4.11
C GLU D 11 -31.52 26.22 3.38
N ALA D 12 -31.79 26.81 2.21
CA ALA D 12 -32.95 26.40 1.43
C ALA D 12 -32.85 24.93 1.03
N TRP D 13 -31.71 24.52 0.47
CA TRP D 13 -31.52 23.12 0.10
C TRP D 13 -31.62 22.20 1.31
N LEU D 14 -31.17 22.66 2.48
CA LEU D 14 -31.26 21.83 3.68
C LEU D 14 -32.71 21.59 4.08
N TRP D 15 -33.59 22.55 3.82
CA TRP D 15 -35.00 22.36 4.14
C TRP D 15 -35.73 21.46 3.13
N VAL D 16 -35.23 21.33 1.90
CA VAL D 16 -35.86 20.38 1.00
C VAL D 16 -35.53 18.95 1.43
N GLY D 17 -34.38 18.75 2.07
CA GLY D 17 -34.09 17.44 2.65
C GLY D 17 -34.97 17.14 3.84
N VAL D 18 -35.29 18.16 4.64
CA VAL D 18 -36.23 17.99 5.75
C VAL D 18 -37.59 17.55 5.21
N ALA D 19 -38.11 18.27 4.21
CA ALA D 19 -39.42 17.93 3.66
C ALA D 19 -39.38 16.60 2.92
N GLY D 20 -38.29 16.31 2.20
CA GLY D 20 -38.21 15.06 1.48
C GLY D 20 -38.15 13.86 2.40
N MET D 21 -37.26 13.90 3.40
CA MET D 21 -37.12 12.79 4.32
C MET D 21 -38.36 12.61 5.20
N ALA D 22 -38.97 13.72 5.63
CA ALA D 22 -40.18 13.61 6.44
C ALA D 22 -41.33 13.00 5.64
N LEU D 23 -41.53 13.47 4.42
CA LEU D 23 -42.58 12.91 3.58
C LEU D 23 -42.35 11.43 3.31
N ALA D 24 -41.11 11.05 3.00
CA ALA D 24 -40.82 9.65 2.67
C ALA D 24 -40.93 8.76 3.89
N ALA D 25 -40.53 9.25 5.06
CA ALA D 25 -40.61 8.44 6.28
C ALA D 25 -42.06 8.14 6.66
N ILE D 26 -42.94 9.13 6.50
CA ILE D 26 -44.35 8.92 6.81
C ILE D 26 -44.97 7.89 5.87
N VAL D 27 -44.68 8.00 4.57
CA VAL D 27 -45.20 7.03 3.62
C VAL D 27 -44.56 5.66 3.86
N MET D 28 -43.26 5.63 4.18
CA MET D 28 -42.59 4.37 4.45
C MET D 28 -43.14 3.71 5.70
N LEU D 29 -43.67 4.49 6.65
CA LEU D 29 -44.27 3.92 7.84
C LEU D 29 -45.49 3.05 7.49
N ALA D 30 -46.18 3.37 6.40
CA ALA D 30 -47.28 2.53 5.95
C ALA D 30 -46.80 1.14 5.57
N PHE D 31 -45.60 1.04 4.99
CA PHE D 31 -45.03 -0.28 4.70
C PHE D 31 -44.68 -1.02 5.98
N VAL D 32 -44.45 -0.30 7.07
CA VAL D 32 -44.16 -0.95 8.35
C VAL D 32 -45.44 -1.53 8.95
N LYS D 33 -46.53 -0.75 8.92
CA LYS D 33 -47.78 -1.22 9.50
C LYS D 33 -48.39 -2.38 8.74
N ARG D 34 -47.98 -2.61 7.50
CA ARG D 34 -48.60 -3.62 6.65
C ARG D 34 -47.66 -4.79 6.34
N ALA D 35 -46.52 -4.86 7.01
CA ALA D 35 -45.59 -5.97 6.80
C ALA D 35 -46.23 -7.29 7.22
N ARG D 36 -45.93 -8.35 6.46
CA ARG D 36 -46.56 -9.65 6.66
C ARG D 36 -45.61 -10.74 7.11
N THR D 37 -44.36 -10.73 6.67
CA THR D 37 -43.37 -11.73 7.03
C THR D 37 -42.27 -11.12 7.85
N PRO D 38 -41.47 -11.93 8.57
CA PRO D 38 -40.30 -11.37 9.26
C PRO D 38 -39.35 -10.65 8.33
N PHE D 39 -39.10 -11.21 7.14
CA PHE D 39 -38.22 -10.53 6.17
C PHE D 39 -38.81 -9.21 5.73
N GLU D 40 -40.13 -9.15 5.56
CA GLU D 40 -40.78 -7.91 5.12
C GLU D 40 -40.80 -6.86 6.22
N GLU D 41 -40.93 -7.29 7.49
CA GLU D 41 -40.93 -6.34 8.59
C GLU D 41 -39.54 -5.76 8.82
N SER D 42 -38.51 -6.62 8.79
CA SER D 42 -37.14 -6.14 8.97
C SER D 42 -36.77 -5.12 7.89
N GLN D 43 -37.15 -5.38 6.63
CA GLN D 43 -36.82 -4.48 5.54
C GLN D 43 -37.50 -3.12 5.73
N ALA D 44 -38.80 -3.13 6.03
CA ALA D 44 -39.54 -1.88 6.12
C ALA D 44 -39.10 -1.04 7.31
N VAL D 45 -38.89 -1.68 8.48
CA VAL D 45 -38.47 -0.93 9.66
C VAL D 45 -37.06 -0.39 9.47
N SER D 46 -36.16 -1.19 8.88
CA SER D 46 -34.82 -0.70 8.60
C SER D 46 -34.86 0.51 7.67
N GLN D 47 -35.67 0.43 6.62
CA GLN D 47 -35.79 1.55 5.69
C GLN D 47 -36.46 2.75 6.33
N PHE D 48 -37.40 2.53 7.26
CA PHE D 48 -38.07 3.64 7.93
C PHE D 48 -37.08 4.45 8.76
N PHE D 49 -36.23 3.77 9.53
CA PHE D 49 -35.26 4.50 10.35
C PHE D 49 -34.21 5.20 9.51
N VAL D 50 -33.94 4.68 8.30
CA VAL D 50 -33.07 5.41 7.37
C VAL D 50 -33.65 6.78 7.06
N LEU D 51 -34.94 6.82 6.69
CA LEU D 51 -35.60 8.10 6.42
C LEU D 51 -35.76 8.92 7.70
N LEU D 52 -36.06 8.26 8.82
CA LEU D 52 -36.33 8.98 10.06
C LEU D 52 -35.08 9.67 10.58
N ILE D 53 -33.94 8.98 10.57
CA ILE D 53 -32.71 9.60 11.03
C ILE D 53 -32.23 10.66 10.04
N ALA D 54 -32.47 10.45 8.75
CA ALA D 54 -32.10 11.46 7.76
C ALA D 54 -32.93 12.73 7.93
N PHE D 55 -34.21 12.59 8.29
CA PHE D 55 -35.03 13.75 8.60
C PHE D 55 -34.43 14.54 9.76
N GLY D 56 -34.03 13.83 10.82
CA GLY D 56 -33.49 14.51 11.99
C GLY D 56 -32.20 15.25 11.71
N THR D 57 -31.34 14.68 10.87
CA THR D 57 -30.06 15.32 10.61
C THR D 57 -30.20 16.52 9.68
N TYR D 58 -31.17 16.49 8.77
CA TYR D 58 -31.40 17.66 7.93
C TYR D 58 -32.10 18.76 8.72
N LEU D 59 -32.98 18.39 9.64
CA LEU D 59 -33.55 19.38 10.55
C LEU D 59 -32.46 20.03 11.40
N ALA D 60 -31.54 19.22 11.94
CA ALA D 60 -30.45 19.77 12.72
C ALA D 60 -29.57 20.69 11.88
N MET D 61 -29.32 20.32 10.62
CA MET D 61 -28.51 21.17 9.76
C MET D 61 -29.28 22.43 9.35
N ALA D 62 -30.57 22.29 9.04
CA ALA D 62 -31.35 23.45 8.60
C ALA D 62 -31.60 24.43 9.75
N LEU D 63 -31.69 23.93 10.98
CA LEU D 63 -31.87 24.82 12.12
C LEU D 63 -30.60 25.56 12.49
N GLY D 64 -29.46 25.21 11.91
CA GLY D 64 -28.21 25.86 12.23
C GLY D 64 -27.43 25.23 13.36
N GLN D 65 -27.74 23.98 13.71
CA GLN D 65 -27.05 23.28 14.79
C GLN D 65 -26.59 21.91 14.34
N GLY D 66 -26.19 21.81 13.07
CA GLY D 66 -25.68 20.56 12.52
C GLY D 66 -24.37 20.75 11.78
N SER D 67 -23.81 21.95 11.84
CA SER D 67 -22.57 22.26 11.17
C SER D 67 -21.48 22.58 12.20
N LEU D 68 -20.25 22.62 11.70
CA LEU D 68 -19.09 22.93 12.54
C LEU D 68 -18.09 23.69 11.67
N THR D 69 -17.35 24.59 12.30
CA THR D 69 -16.33 25.38 11.61
C THR D 69 -15.01 24.62 11.69
N ALA D 70 -14.55 24.12 10.54
CA ALA D 70 -13.29 23.40 10.50
C ALA D 70 -12.13 24.36 10.77
N ASP D 71 -10.98 23.77 11.11
CA ASP D 71 -9.83 24.57 11.50
C ASP D 71 -9.29 25.43 10.37
N ASP D 72 -9.53 25.05 9.11
CA ASP D 72 -9.11 25.87 7.98
C ASP D 72 -10.08 27.00 7.67
N GLY D 73 -11.14 27.15 8.46
CA GLY D 73 -12.11 28.20 8.27
C GLY D 73 -13.37 27.81 7.54
N ARG D 74 -13.44 26.58 7.03
CA ARG D 74 -14.61 26.17 6.27
C ARG D 74 -15.75 25.79 7.20
N GLN D 75 -16.95 25.73 6.62
CA GLN D 75 -18.13 25.23 7.29
C GLN D 75 -18.39 23.80 6.83
N VAL D 76 -18.28 22.85 7.75
CA VAL D 76 -18.48 21.44 7.46
C VAL D 76 -19.72 20.97 8.22
N PHE D 77 -20.66 20.36 7.51
CA PHE D 77 -21.88 19.84 8.12
C PHE D 77 -21.58 18.46 8.71
N VAL D 78 -21.05 18.46 9.93
CA VAL D 78 -20.67 17.21 10.58
C VAL D 78 -21.90 16.35 10.90
N SER D 79 -23.08 16.98 11.05
CA SER D 79 -24.29 16.21 11.35
C SER D 79 -24.58 15.19 10.26
N ARG D 80 -24.30 15.54 9.01
CA ARG D 80 -24.48 14.59 7.91
C ARG D 80 -23.64 13.35 8.13
N TYR D 81 -22.36 13.52 8.47
CA TYR D 81 -21.48 12.37 8.68
C TYR D 81 -21.87 11.59 9.92
N ILE D 82 -22.33 12.28 10.97
CA ILE D 82 -22.67 11.61 12.22
C ILE D 82 -23.83 10.63 12.01
N THR D 83 -24.85 11.05 11.27
CA THR D 83 -25.98 10.16 11.01
C THR D 83 -25.72 9.23 9.84
N TRP D 84 -24.85 9.61 8.90
CA TRP D 84 -24.42 8.69 7.86
C TRP D 84 -23.85 7.41 8.45
N THR D 85 -23.17 7.54 9.60
CA THR D 85 -22.61 6.38 10.29
C THR D 85 -23.68 5.37 10.68
N PHE D 86 -24.94 5.81 10.81
CA PHE D 86 -26.03 4.94 11.22
C PHE D 86 -26.95 4.54 10.08
N THR D 87 -27.25 5.45 9.16
CA THR D 87 -28.20 5.14 8.09
C THR D 87 -27.60 4.22 7.03
N THR D 88 -26.33 4.44 6.68
CA THR D 88 -25.70 3.64 5.62
C THR D 88 -25.50 2.17 6.01
N PRO D 89 -25.20 1.83 7.27
CA PRO D 89 -25.22 0.40 7.64
C PRO D 89 -26.62 -0.20 7.58
N LEU D 90 -27.67 0.60 7.87
CA LEU D 90 -29.03 0.08 7.75
C LEU D 90 -29.40 -0.20 6.30
N LEU D 91 -28.93 0.64 5.38
CA LEU D 91 -29.14 0.37 3.96
C LEU D 91 -28.43 -0.91 3.55
N LEU D 92 -27.17 -1.08 3.96
CA LEU D 92 -26.42 -2.27 3.61
C LEU D 92 -26.97 -3.51 4.32
N LEU D 93 -27.61 -3.32 5.47
CA LEU D 93 -28.27 -4.43 6.15
C LEU D 93 -29.40 -4.99 5.29
N GLY D 94 -30.12 -4.11 4.58
CA GLY D 94 -31.18 -4.57 3.71
C GLY D 94 -30.69 -5.50 2.63
N LEU D 95 -29.62 -5.12 1.93
CA LEU D 95 -29.01 -6.01 0.94
C LEU D 95 -28.55 -7.32 1.57
N ALA D 96 -28.05 -7.25 2.81
CA ALA D 96 -27.57 -8.45 3.48
C ALA D 96 -28.71 -9.42 3.78
N THR D 97 -29.79 -8.92 4.39
CA THR D 97 -30.92 -9.79 4.70
C THR D 97 -31.65 -10.25 3.44
N THR D 98 -31.57 -9.48 2.35
CA THR D 98 -32.12 -9.95 1.09
C THR D 98 -31.35 -11.17 0.57
N ALA D 99 -30.04 -11.21 0.81
CA ALA D 99 -29.24 -12.33 0.33
C ALA D 99 -29.25 -13.51 1.31
N LEU D 100 -29.44 -13.26 2.60
CA LEU D 100 -29.33 -14.30 3.62
C LEU D 100 -30.62 -14.54 4.39
N GLY D 101 -31.72 -13.88 4.05
CA GLY D 101 -32.95 -14.04 4.79
C GLY D 101 -32.96 -13.24 6.07
N SER D 102 -34.11 -13.28 6.75
CA SER D 102 -34.28 -12.59 8.03
C SER D 102 -34.93 -13.56 9.00
N PRO D 103 -34.31 -13.86 10.15
CA PRO D 103 -33.02 -13.31 10.58
C PRO D 103 -31.82 -13.93 9.86
N ILE D 104 -30.67 -13.27 9.95
CA ILE D 104 -29.45 -13.78 9.33
C ILE D 104 -29.06 -15.08 10.02
N THR D 105 -28.99 -16.16 9.24
CA THR D 105 -28.71 -17.49 9.80
C THR D 105 -27.36 -18.04 9.37
N ARG D 106 -26.57 -17.29 8.61
CA ARG D 106 -25.24 -17.74 8.20
C ARG D 106 -24.46 -16.55 7.68
N ARG D 107 -23.14 -16.69 7.67
CA ARG D 107 -22.21 -15.68 7.16
C ARG D 107 -22.38 -14.33 7.87
N LYS D 108 -22.74 -14.37 9.16
CA LYS D 108 -22.80 -13.14 9.94
C LYS D 108 -21.49 -12.35 9.93
N PRO D 109 -20.31 -12.96 10.00
CA PRO D 109 -19.08 -12.15 9.94
C PRO D 109 -18.94 -11.31 8.67
N VAL D 110 -19.47 -11.75 7.54
CA VAL D 110 -19.38 -10.90 6.36
C VAL D 110 -20.39 -9.76 6.43
N VAL D 111 -21.53 -9.97 7.10
CA VAL D 111 -22.47 -8.88 7.34
C VAL D 111 -21.86 -7.84 8.27
N ALA D 112 -21.16 -8.29 9.31
CA ALA D 112 -20.50 -7.36 10.21
C ALA D 112 -19.34 -6.65 9.51
N GLY D 113 -18.61 -7.37 8.65
CA GLY D 113 -17.56 -6.74 7.88
C GLY D 113 -18.09 -5.75 6.86
N LEU D 114 -19.27 -6.00 6.30
CA LEU D 114 -19.92 -5.02 5.45
C LEU D 114 -20.22 -3.75 6.24
N ILE D 115 -20.86 -3.89 7.40
CA ILE D 115 -21.15 -2.74 8.25
C ILE D 115 -19.86 -2.10 8.75
N GLY D 116 -18.88 -2.93 9.13
CA GLY D 116 -17.63 -2.39 9.66
C GLY D 116 -16.88 -1.55 8.65
N ALA D 117 -16.78 -2.04 7.41
CA ALA D 117 -16.10 -1.27 6.38
C ALA D 117 -16.87 -0.01 6.01
N ASP D 118 -18.20 -0.01 6.19
CA ASP D 118 -19.00 1.15 5.87
C ASP D 118 -18.82 2.26 6.90
N ILE D 119 -18.86 1.90 8.18
CA ILE D 119 -18.65 2.87 9.25
C ILE D 119 -17.28 3.52 9.10
N ILE D 120 -16.26 2.72 8.79
CA ILE D 120 -14.92 3.26 8.58
C ILE D 120 -14.91 4.20 7.38
N MET D 121 -15.70 3.88 6.35
CA MET D 121 -15.78 4.75 5.18
C MET D 121 -16.33 6.12 5.54
N ILE D 122 -17.43 6.16 6.31
CA ILE D 122 -18.02 7.45 6.67
C ILE D 122 -17.14 8.18 7.68
N LEU D 123 -16.62 7.45 8.67
CA LEU D 123 -15.84 8.08 9.72
C LEU D 123 -14.54 8.69 9.18
N THR D 124 -13.84 7.96 8.30
CA THR D 124 -12.64 8.53 7.70
C THR D 124 -12.98 9.61 6.69
N GLY D 125 -14.18 9.56 6.10
CA GLY D 125 -14.64 10.66 5.27
C GLY D 125 -14.87 11.93 6.05
N LEU D 126 -15.33 11.80 7.30
CA LEU D 126 -15.47 12.97 8.17
C LEU D 126 -14.12 13.60 8.47
N VAL D 127 -13.11 12.78 8.80
CA VAL D 127 -11.77 13.28 9.03
C VAL D 127 -11.24 13.99 7.79
N ALA D 128 -11.48 13.41 6.61
CA ALA D 128 -11.08 14.07 5.36
C ALA D 128 -11.84 15.38 5.17
N ALA D 129 -13.12 15.41 5.53
CA ALA D 129 -13.88 16.64 5.41
C ALA D 129 -13.42 17.70 6.40
N LEU D 130 -12.95 17.29 7.57
CA LEU D 130 -12.46 18.21 8.58
C LEU D 130 -10.99 18.57 8.41
N SER D 131 -10.25 17.82 7.59
CA SER D 131 -8.85 18.17 7.35
C SER D 131 -8.76 19.42 6.48
N PRO D 132 -7.69 20.20 6.61
CA PRO D 132 -7.61 21.49 5.91
C PRO D 132 -7.49 21.31 4.40
N SER D 133 -8.01 22.30 3.67
CA SER D 133 -7.93 22.26 2.22
C SER D 133 -6.48 22.39 1.77
N GLY D 134 -6.16 21.70 0.67
CA GLY D 134 -4.81 21.76 0.15
C GLY D 134 -3.78 21.07 1.01
N SER D 135 -4.20 20.19 1.91
CA SER D 135 -3.30 19.42 2.75
C SER D 135 -3.28 17.97 2.30
N HIS D 136 -2.19 17.28 2.68
CA HIS D 136 -2.08 15.86 2.34
C HIS D 136 -2.94 14.99 3.24
N GLU D 137 -3.12 15.39 4.51
CA GLU D 137 -3.94 14.61 5.43
C GLU D 137 -5.35 14.40 4.87
N LYS D 138 -5.91 15.44 4.25
CA LYS D 138 -7.26 15.35 3.71
C LYS D 138 -7.37 14.23 2.68
N TRP D 139 -6.40 14.14 1.77
CA TRP D 139 -6.47 13.18 0.68
C TRP D 139 -5.93 11.81 1.05
N ILE D 140 -5.15 11.70 2.13
CA ILE D 140 -4.86 10.39 2.69
C ILE D 140 -6.14 9.75 3.21
N TRP D 141 -6.88 10.48 4.03
CA TRP D 141 -8.14 9.96 4.57
C TRP D 141 -9.19 9.79 3.48
N TYR D 142 -9.14 10.62 2.44
CA TYR D 142 -10.00 10.38 1.28
C TYR D 142 -9.64 9.06 0.61
N GLY D 143 -8.36 8.76 0.51
CA GLY D 143 -7.94 7.48 -0.05
C GLY D 143 -8.25 6.32 0.87
N VAL D 144 -8.08 6.52 2.18
CA VAL D 144 -8.48 5.51 3.16
C VAL D 144 -9.97 5.22 3.05
N SER D 145 -10.78 6.28 3.00
CA SER D 145 -12.23 6.11 2.88
C SER D 145 -12.60 5.44 1.57
N SER D 146 -11.90 5.78 0.48
CA SER D 146 -12.17 5.13 -0.80
C SER D 146 -11.82 3.66 -0.76
N GLY D 147 -10.77 3.30 -0.02
CA GLY D 147 -10.43 1.89 0.13
C GLY D 147 -11.51 1.11 0.86
N ALA D 148 -12.11 1.72 1.88
CA ALA D 148 -13.24 1.08 2.55
C ALA D 148 -14.45 1.00 1.63
N PHE D 149 -14.61 1.98 0.73
CA PHE D 149 -15.68 1.91 -0.26
C PHE D 149 -15.51 0.72 -1.18
N LEU D 150 -14.28 0.48 -1.66
CA LEU D 150 -14.01 -0.68 -2.50
C LEU D 150 -14.28 -1.98 -1.75
N ALA D 151 -14.02 -2.01 -0.44
CA ALA D 151 -14.35 -3.18 0.35
C ALA D 151 -15.86 -3.40 0.38
N VAL D 152 -16.63 -2.34 0.55
CA VAL D 152 -18.09 -2.45 0.47
C VAL D 152 -18.50 -2.95 -0.91
N TYR D 153 -17.89 -2.39 -1.96
CA TYR D 153 -18.16 -2.86 -3.32
C TYR D 153 -17.83 -4.33 -3.48
N TYR D 154 -16.67 -4.75 -2.95
CA TYR D 154 -16.28 -6.15 -3.10
C TYR D 154 -17.24 -7.08 -2.38
N LEU D 155 -17.62 -6.75 -1.15
CA LEU D 155 -18.52 -7.63 -0.39
C LEU D 155 -19.89 -7.70 -1.04
N ILE D 156 -20.36 -6.58 -1.59
CA ILE D 156 -21.67 -6.58 -2.25
C ILE D 156 -21.63 -7.41 -3.53
N CYS D 157 -20.53 -7.32 -4.28
CA CYS D 157 -20.40 -8.05 -5.53
C CYS D 157 -19.79 -9.43 -5.37
N GLY D 158 -19.29 -9.77 -4.18
CA GLY D 158 -18.61 -11.02 -3.97
C GLY D 158 -19.35 -11.99 -3.08
N PRO D 159 -19.07 -11.94 -1.76
CA PRO D 159 -19.71 -12.90 -0.85
C PRO D 159 -21.22 -12.82 -0.82
N LEU D 160 -21.79 -11.63 -0.62
CA LEU D 160 -23.24 -11.49 -0.53
C LEU D 160 -23.93 -11.94 -1.82
N LEU D 161 -23.33 -11.62 -2.97
CA LEU D 161 -23.90 -12.06 -4.24
C LEU D 161 -23.86 -13.58 -4.36
N LEU D 162 -22.77 -14.20 -3.90
CA LEU D 162 -22.69 -15.66 -3.92
C LEU D 162 -23.69 -16.29 -2.96
N GLU D 163 -23.95 -15.65 -1.82
CA GLU D 163 -24.93 -16.17 -0.89
C GLU D 163 -26.37 -15.88 -1.33
N ALA D 164 -26.56 -14.80 -2.09
CA ALA D 164 -27.89 -14.52 -2.64
C ALA D 164 -28.32 -15.60 -3.62
N ARG D 165 -27.38 -16.19 -4.35
CA ARG D 165 -27.72 -17.25 -5.30
C ARG D 165 -28.27 -18.48 -4.58
N VAL D 166 -27.65 -18.88 -3.47
CA VAL D 166 -28.06 -20.11 -2.81
C VAL D 166 -29.32 -19.92 -1.97
N THR D 167 -29.70 -18.68 -1.66
CA THR D 167 -30.93 -18.44 -0.90
C THR D 167 -32.16 -18.72 -1.74
N GLY D 168 -32.14 -18.33 -3.01
CA GLY D 168 -33.27 -18.56 -3.89
C GLY D 168 -33.21 -17.65 -5.09
N ALA D 169 -34.05 -17.99 -6.07
CA ALA D 169 -34.10 -17.20 -7.30
C ALA D 169 -34.67 -15.81 -7.04
N ASP D 170 -35.79 -15.73 -6.33
CA ASP D 170 -36.40 -14.44 -6.04
C ASP D 170 -35.50 -13.57 -5.17
N HIS D 171 -34.73 -14.17 -4.27
CA HIS D 171 -33.81 -13.40 -3.45
C HIS D 171 -32.61 -12.92 -4.26
N ARG D 172 -32.14 -13.71 -5.22
CA ARG D 172 -31.03 -13.28 -6.06
C ARG D 172 -31.45 -12.15 -6.99
N ARG D 173 -32.61 -12.29 -7.64
CA ARG D 173 -33.11 -11.23 -8.51
C ARG D 173 -33.31 -9.94 -7.74
N LEU D 174 -33.92 -10.02 -6.55
CA LEU D 174 -34.13 -8.81 -5.75
C LEU D 174 -32.81 -8.20 -5.30
N TYR D 175 -31.89 -9.03 -4.82
CA TYR D 175 -30.60 -8.52 -4.38
C TYR D 175 -29.85 -7.85 -5.52
N LEU D 176 -29.74 -8.54 -6.65
CA LEU D 176 -29.00 -7.98 -7.79
C LEU D 176 -29.66 -6.70 -8.30
N ARG D 177 -30.99 -6.64 -8.26
CA ARG D 177 -31.70 -5.45 -8.69
C ARG D 177 -31.45 -4.27 -7.76
N ASN D 178 -31.50 -4.51 -6.44
CA ASN D 178 -31.29 -3.43 -5.49
C ASN D 178 -29.81 -3.07 -5.33
N ALA D 179 -28.91 -4.06 -5.44
CA ALA D 179 -27.50 -3.77 -5.23
C ALA D 179 -26.92 -2.93 -6.36
N VAL D 180 -27.44 -3.06 -7.58
CA VAL D 180 -26.89 -2.26 -8.68
C VAL D 180 -27.39 -0.82 -8.60
N VAL D 181 -28.63 -0.61 -8.14
CA VAL D 181 -29.16 0.74 -8.03
C VAL D 181 -28.51 1.48 -6.88
N LEU D 182 -28.25 0.78 -5.77
CA LEU D 182 -27.56 1.39 -4.64
C LEU D 182 -26.12 1.74 -5.00
N SER D 183 -25.41 0.81 -5.64
CA SER D 183 -24.00 1.03 -5.92
C SER D 183 -23.77 2.12 -6.95
N VAL D 184 -24.71 2.29 -7.89
CA VAL D 184 -24.61 3.40 -8.84
C VAL D 184 -24.80 4.73 -8.12
N ILE D 185 -25.78 4.80 -7.21
CA ILE D 185 -26.04 6.04 -6.49
C ILE D 185 -24.87 6.37 -5.57
N TRP D 186 -24.34 5.37 -4.86
CA TRP D 186 -23.29 5.61 -3.88
C TRP D 186 -21.98 6.04 -4.51
N PHE D 187 -21.76 5.73 -5.79
CA PHE D 187 -20.52 6.14 -6.45
C PHE D 187 -20.42 7.65 -6.54
N LEU D 188 -21.56 8.35 -6.63
CA LEU D 188 -21.53 9.81 -6.81
C LEU D 188 -21.16 10.55 -5.52
N TYR D 189 -21.20 9.87 -4.37
CA TYR D 189 -20.86 10.56 -3.12
C TYR D 189 -19.39 10.98 -3.07
N PRO D 190 -18.41 10.10 -3.30
CA PRO D 190 -17.02 10.58 -3.35
C PRO D 190 -16.75 11.54 -4.51
N VAL D 191 -17.53 11.45 -5.59
CA VAL D 191 -17.41 12.43 -6.67
C VAL D 191 -17.77 13.83 -6.17
N ASN D 192 -18.88 13.94 -5.43
CA ASN D 192 -19.27 15.22 -4.87
C ASN D 192 -18.30 15.69 -3.80
N PHE D 193 -17.69 14.76 -3.05
CA PHE D 193 -16.66 15.15 -2.10
C PHE D 193 -15.43 15.68 -2.83
N LEU D 194 -15.01 14.98 -3.88
CA LEU D 194 -13.79 15.36 -4.60
C LEU D 194 -13.91 16.76 -5.18
N LEU D 195 -15.03 17.05 -5.84
CA LEU D 195 -15.21 18.33 -6.52
C LEU D 195 -15.87 19.39 -5.66
N GLY D 196 -16.46 19.00 -4.52
CA GLY D 196 -17.15 19.96 -3.67
C GLY D 196 -16.20 20.83 -2.87
N ASN D 197 -16.80 21.69 -2.04
CA ASN D 197 -16.01 22.63 -1.24
C ASN D 197 -15.32 21.96 -0.07
N GLU D 198 -15.61 20.70 0.20
CA GLU D 198 -14.85 19.91 1.17
C GLU D 198 -13.80 19.05 0.49
N GLY D 199 -13.46 19.35 -0.76
CA GLY D 199 -12.42 18.65 -1.49
C GLY D 199 -11.61 19.60 -2.34
N LEU D 200 -11.61 19.40 -3.65
CA LEU D 200 -10.86 20.27 -4.55
C LEU D 200 -11.46 21.68 -4.60
N GLY D 201 -12.77 21.79 -4.44
CA GLY D 201 -13.40 23.09 -4.45
C GLY D 201 -13.78 23.57 -5.83
N GLN D 202 -14.21 22.65 -6.70
CA GLN D 202 -14.71 23.05 -8.01
C GLN D 202 -15.93 23.95 -7.86
N TRP D 203 -16.97 23.45 -7.21
CA TRP D 203 -18.13 24.27 -6.86
C TRP D 203 -18.13 24.54 -5.36
N GLY D 204 -18.92 25.54 -4.97
CA GLY D 204 -18.91 26.04 -3.61
C GLY D 204 -19.70 25.18 -2.65
N GLY D 205 -19.90 25.73 -1.45
CA GLY D 205 -20.60 24.98 -0.41
C GLY D 205 -22.09 24.84 -0.66
N THR D 206 -22.68 25.79 -1.38
CA THR D 206 -24.10 25.71 -1.71
C THR D 206 -24.37 24.54 -2.66
N ALA D 207 -23.57 24.44 -3.74
CA ALA D 207 -23.74 23.34 -4.67
C ALA D 207 -23.39 22.01 -4.03
N THR D 208 -22.31 21.97 -3.23
CA THR D 208 -21.94 20.75 -2.52
C THR D 208 -23.08 20.26 -1.64
N THR D 209 -23.66 21.17 -0.86
CA THR D 209 -24.81 20.82 -0.02
C THR D 209 -25.99 20.38 -0.87
N ALA D 210 -26.23 21.08 -1.98
CA ALA D 210 -27.35 20.73 -2.86
C ALA D 210 -27.21 19.32 -3.42
N ILE D 211 -25.99 18.95 -3.85
CA ILE D 211 -25.79 17.62 -4.42
C ILE D 211 -25.92 16.55 -3.35
N TYR D 212 -25.44 16.83 -2.12
CA TYR D 212 -25.59 15.88 -1.03
C TYR D 212 -27.05 15.67 -0.67
N THR D 213 -27.85 16.74 -0.72
CA THR D 213 -29.28 16.61 -0.44
C THR D 213 -29.95 15.72 -1.48
N LEU D 214 -29.69 15.99 -2.77
CA LEU D 214 -30.30 15.20 -3.84
C LEU D 214 -29.83 13.76 -3.81
N LEU D 215 -28.55 13.53 -3.52
CA LEU D 215 -28.04 12.17 -3.41
C LEU D 215 -28.72 11.44 -2.24
N ASP D 216 -28.91 12.13 -1.12
CA ASP D 216 -29.56 11.49 0.03
C ASP D 216 -31.03 11.21 -0.25
N LEU D 217 -31.72 12.13 -0.94
CA LEU D 217 -33.09 11.83 -1.36
C LEU D 217 -33.13 10.66 -2.33
N ALA D 218 -32.10 10.49 -3.15
CA ALA D 218 -32.07 9.40 -4.11
C ALA D 218 -31.67 8.08 -3.46
N SER D 219 -30.73 8.11 -2.51
CA SER D 219 -30.23 6.90 -1.88
C SER D 219 -31.09 6.42 -0.72
N LYS D 220 -31.96 7.27 -0.18
CA LYS D 220 -32.79 6.90 0.96
C LYS D 220 -34.28 6.88 0.63
N ALA D 221 -34.79 7.91 -0.04
CA ALA D 221 -36.21 7.94 -0.39
C ALA D 221 -36.47 7.22 -1.71
N ALA D 222 -35.81 7.67 -2.78
CA ALA D 222 -36.03 7.06 -4.09
C ALA D 222 -35.64 5.59 -4.09
N TYR D 223 -34.42 5.27 -3.66
CA TYR D 223 -34.00 3.88 -3.56
C TYR D 223 -34.83 3.14 -2.52
N GLY D 224 -35.21 3.82 -1.43
CA GLY D 224 -35.94 3.14 -0.37
C GLY D 224 -37.28 2.60 -0.84
N PHE D 225 -38.05 3.44 -1.54
CA PHE D 225 -39.33 2.98 -2.07
C PHE D 225 -39.13 2.00 -3.22
N PHE D 226 -38.02 2.13 -3.96
CA PHE D 226 -37.71 1.15 -4.99
C PHE D 226 -37.36 -0.20 -4.37
N ALA D 227 -36.61 -0.19 -3.27
CA ALA D 227 -36.20 -1.45 -2.65
C ALA D 227 -37.37 -2.12 -1.93
N ILE D 228 -38.16 -1.35 -1.19
CA ILE D 228 -39.22 -1.95 -0.38
C ILE D 228 -40.35 -2.49 -1.25
N THR D 229 -40.59 -1.87 -2.41
CA THR D 229 -41.59 -2.42 -3.33
C THR D 229 -41.12 -3.72 -3.94
N GLY D 230 -39.81 -3.91 -4.06
CA GLY D 230 -39.30 -5.21 -4.45
C GLY D 230 -39.46 -6.24 -3.35
N VAL D 231 -39.30 -5.82 -2.09
CA VAL D 231 -39.57 -6.71 -0.97
C VAL D 231 -41.05 -7.10 -0.95
N ARG D 232 -41.93 -6.14 -1.22
CA ARG D 232 -43.35 -6.45 -1.30
C ARG D 232 -43.64 -7.40 -2.46
N ALA D 233 -42.91 -7.24 -3.58
CA ALA D 233 -43.10 -8.14 -4.71
C ALA D 233 -42.59 -9.55 -4.40
N LEU D 234 -41.42 -9.65 -3.76
CA LEU D 234 -40.89 -10.95 -3.37
C LEU D 234 -41.84 -11.66 -2.40
N THR D 235 -42.42 -10.91 -1.46
CA THR D 235 -43.33 -11.50 -0.50
C THR D 235 -44.59 -12.00 -1.17
N ASP D 236 -45.08 -11.28 -2.19
CA ASP D 236 -46.24 -11.74 -2.94
C ASP D 236 -45.93 -13.00 -3.73
N ARG D 237 -44.74 -13.08 -4.33
CA ARG D 237 -44.35 -14.27 -5.08
C ARG D 237 -44.28 -15.49 -4.18
N ALA D 238 -43.78 -15.32 -2.95
CA ALA D 238 -43.69 -16.42 -2.01
C ALA D 238 -45.04 -16.87 -1.48
N GLY D 239 -46.12 -16.17 -1.82
CA GLY D 239 -47.44 -16.57 -1.38
C GLY D 239 -47.71 -16.34 0.08
N ALA D 240 -47.12 -15.30 0.67
CA ALA D 240 -47.33 -15.01 2.07
C ALA D 240 -48.78 -14.59 2.33
N PRO D 241 -49.31 -14.88 3.51
CA PRO D 241 -50.72 -14.57 3.77
C PRO D 241 -50.96 -13.07 3.83
N ALA D 242 -52.16 -12.66 3.43
CA ALA D 242 -52.57 -11.26 3.46
C ALA D 242 -52.95 -10.85 4.89
N LEU D 243 -51.99 -11.02 5.79
CA LEU D 243 -52.20 -10.78 7.22
C LEU D 243 -50.93 -10.19 7.79
N THR D 244 -51.03 -9.01 8.39
CA THR D 244 -49.86 -8.39 9.00
C THR D 244 -49.45 -9.16 10.26
N LEU D 245 -48.23 -8.87 10.73
CA LEU D 245 -47.72 -9.58 11.89
C LEU D 245 -48.49 -9.21 13.16
N ASP D 246 -48.96 -7.97 13.25
CA ASP D 246 -49.78 -7.59 14.40
C ASP D 246 -51.14 -8.27 14.36
N GLU D 247 -51.76 -8.33 13.17
CA GLU D 247 -53.03 -9.03 13.05
C GLU D 247 -52.87 -10.51 13.35
N ALA D 248 -51.74 -11.10 12.93
CA ALA D 248 -51.49 -12.50 13.24
C ALA D 248 -51.13 -12.71 14.71
N ALA D 249 -50.57 -11.69 15.35
CA ALA D 249 -50.28 -11.80 16.78
C ALA D 249 -51.54 -11.61 17.61
N ARG D 250 -52.45 -10.74 17.16
CA ARG D 250 -53.71 -10.56 17.87
C ARG D 250 -54.55 -11.84 17.82
N ARG D 251 -54.51 -12.55 16.69
CA ARG D 251 -55.30 -13.78 16.57
C ARG D 251 -54.70 -14.91 17.40
N ALA D 252 -53.38 -14.95 17.54
CA ALA D 252 -52.73 -15.98 18.34
C ALA D 252 -52.90 -15.76 19.84
N GLY D 253 -53.55 -14.68 20.26
CA GLY D 253 -53.75 -14.40 21.67
C GLY D 253 -55.19 -14.04 22.01
N MET E 1 -9.84 19.47 11.43
CA MET E 1 -8.79 18.81 12.20
C MET E 1 -7.40 19.14 11.64
N ASN E 2 -6.93 20.36 11.89
CA ASN E 2 -5.57 20.71 11.53
C ASN E 2 -4.59 19.93 12.41
N PRO E 3 -3.60 19.26 11.83
CA PRO E 3 -2.70 18.42 12.63
C PRO E 3 -1.92 19.24 13.65
N ARG E 4 -1.86 18.73 14.88
CA ARG E 4 -1.08 19.33 15.95
C ARG E 4 0.34 18.79 15.93
N PRO E 5 1.34 19.63 16.20
CA PRO E 5 2.73 19.17 16.12
C PRO E 5 3.05 18.13 17.17
N ILE E 6 3.89 17.16 16.79
CA ILE E 6 4.33 16.10 17.67
C ILE E 6 5.85 16.06 17.63
N GLU E 7 6.46 15.79 18.78
CA GLU E 7 7.92 15.70 18.84
C GLU E 7 8.40 14.55 17.96
N PRO E 8 9.57 14.68 17.32
CA PRO E 8 9.98 13.65 16.33
C PRO E 8 10.11 12.25 16.91
N ALA E 9 10.61 12.12 18.14
CA ALA E 9 10.77 10.80 18.74
C ALA E 9 9.42 10.10 18.91
N THR E 10 8.41 10.84 19.36
CA THR E 10 7.09 10.24 19.54
C THR E 10 6.46 9.89 18.20
N GLU E 11 6.53 10.81 17.23
CA GLU E 11 5.93 10.57 15.92
C GLU E 11 6.56 9.37 15.22
N ALA E 12 7.87 9.15 15.42
CA ALA E 12 8.53 8.02 14.79
C ALA E 12 8.04 6.69 15.37
N TRP E 13 7.74 6.67 16.67
CA TRP E 13 7.16 5.46 17.26
C TRP E 13 5.76 5.20 16.74
N LEU E 14 4.98 6.26 16.48
CA LEU E 14 3.63 6.08 15.97
C LEU E 14 3.65 5.58 14.53
N TRP E 15 4.62 6.03 13.73
CA TRP E 15 4.69 5.58 12.34
C TRP E 15 5.08 4.11 12.24
N VAL E 16 5.92 3.63 13.16
CA VAL E 16 6.23 2.20 13.17
C VAL E 16 4.99 1.42 13.61
N GLY E 17 4.10 2.04 14.39
CA GLY E 17 2.84 1.41 14.70
C GLY E 17 1.93 1.32 13.47
N VAL E 18 1.94 2.37 12.65
CA VAL E 18 1.20 2.33 11.39
C VAL E 18 1.71 1.21 10.50
N ALA E 19 3.04 1.12 10.36
CA ALA E 19 3.62 0.09 9.51
C ALA E 19 3.37 -1.31 10.07
N GLY E 20 3.43 -1.44 11.40
CA GLY E 20 3.18 -2.74 12.00
C GLY E 20 1.74 -3.18 11.87
N MET E 21 0.80 -2.26 12.08
CA MET E 21 -0.61 -2.61 11.98
C MET E 21 -1.03 -2.87 10.54
N ALA E 22 -0.48 -2.10 9.60
CA ALA E 22 -0.79 -2.32 8.19
C ALA E 22 -0.28 -3.67 7.72
N LEU E 23 0.99 -3.98 8.01
CA LEU E 23 1.57 -5.25 7.61
C LEU E 23 0.79 -6.42 8.19
N ALA E 24 0.42 -6.32 9.47
CA ALA E 24 -0.31 -7.41 10.12
C ALA E 24 -1.73 -7.55 9.57
N ALA E 25 -2.40 -6.41 9.30
CA ALA E 25 -3.75 -6.48 8.77
C ALA E 25 -3.78 -7.11 7.39
N ILE E 26 -2.74 -6.89 6.59
CA ILE E 26 -2.69 -7.48 5.25
C ILE E 26 -2.55 -8.99 5.34
N VAL E 27 -1.60 -9.48 6.15
CA VAL E 27 -1.43 -10.91 6.31
C VAL E 27 -2.69 -11.53 6.92
N MET E 28 -3.33 -10.81 7.85
CA MET E 28 -4.54 -11.33 8.48
C MET E 28 -5.68 -11.46 7.48
N LEU E 29 -5.76 -10.56 6.51
CA LEU E 29 -6.80 -10.67 5.49
C LEU E 29 -6.67 -11.97 4.69
N ALA E 30 -5.46 -12.50 4.58
CA ALA E 30 -5.28 -13.80 3.92
C ALA E 30 -5.97 -14.91 4.72
N PHE E 31 -5.94 -14.81 6.05
CA PHE E 31 -6.70 -15.77 6.86
C PHE E 31 -8.19 -15.64 6.64
N VAL E 32 -8.67 -14.41 6.38
CA VAL E 32 -10.09 -14.22 6.10
C VAL E 32 -10.50 -14.94 4.82
N LYS E 33 -9.67 -14.83 3.78
CA LYS E 33 -10.00 -15.44 2.49
C LYS E 33 -10.04 -16.96 2.59
N ARG E 34 -9.13 -17.55 3.36
CA ARG E 34 -9.03 -18.99 3.50
C ARG E 34 -9.87 -19.55 4.65
N ALA E 35 -10.82 -18.77 5.17
CA ALA E 35 -11.68 -19.25 6.24
C ALA E 35 -12.56 -20.38 5.75
N ARG E 36 -12.63 -21.47 6.54
CA ARG E 36 -13.29 -22.69 6.10
C ARG E 36 -14.57 -23.00 6.87
N THR E 37 -14.78 -22.38 8.03
CA THR E 37 -15.92 -22.67 8.89
C THR E 37 -16.47 -21.35 9.41
N PRO E 38 -17.71 -21.35 9.93
CA PRO E 38 -18.20 -20.14 10.61
C PRO E 38 -17.32 -19.70 11.77
N PHE E 39 -16.85 -20.66 12.58
CA PHE E 39 -15.97 -20.31 13.69
C PHE E 39 -14.66 -19.71 13.19
N GLU E 40 -14.08 -20.29 12.14
CA GLU E 40 -12.82 -19.78 11.63
C GLU E 40 -12.99 -18.43 10.95
N GLU E 41 -14.14 -18.21 10.29
CA GLU E 41 -14.36 -16.94 9.63
C GLU E 41 -14.61 -15.83 10.64
N SER E 42 -15.40 -16.12 11.69
CA SER E 42 -15.69 -15.12 12.71
C SER E 42 -14.41 -14.65 13.40
N GLN E 43 -13.54 -15.59 13.76
CA GLN E 43 -12.29 -15.23 14.42
C GLN E 43 -11.37 -14.46 13.49
N ALA E 44 -11.37 -14.81 12.20
CA ALA E 44 -10.46 -14.17 11.25
C ALA E 44 -10.88 -12.73 10.95
N VAL E 45 -12.18 -12.52 10.72
CA VAL E 45 -12.65 -11.16 10.44
C VAL E 45 -12.51 -10.28 11.67
N SER E 46 -12.67 -10.85 12.87
CA SER E 46 -12.52 -10.07 14.09
C SER E 46 -11.08 -9.59 14.25
N GLN E 47 -10.12 -10.51 14.13
CA GLN E 47 -8.72 -10.12 14.24
C GLN E 47 -8.31 -9.15 13.14
N PHE E 48 -8.93 -9.25 11.96
CA PHE E 48 -8.60 -8.34 10.88
C PHE E 48 -9.03 -6.92 11.21
N PHE E 49 -10.26 -6.74 11.70
CA PHE E 49 -10.74 -5.41 12.02
C PHE E 49 -10.01 -4.83 13.24
N VAL E 50 -9.53 -5.69 14.14
CA VAL E 50 -8.67 -5.21 15.22
C VAL E 50 -7.43 -4.54 14.65
N LEU E 51 -6.77 -5.22 13.69
CA LEU E 51 -5.60 -4.64 13.05
C LEU E 51 -5.96 -3.46 12.17
N LEU E 52 -7.06 -3.58 11.41
CA LEU E 52 -7.46 -2.52 10.48
C LEU E 52 -7.79 -1.23 11.23
N ILE E 53 -8.57 -1.34 12.32
CA ILE E 53 -8.94 -0.16 13.09
C ILE E 53 -7.73 0.42 13.80
N ALA E 54 -6.84 -0.45 14.30
CA ALA E 54 -5.62 0.04 14.94
C ALA E 54 -4.68 0.70 13.94
N PHE E 55 -4.73 0.26 12.66
CA PHE E 55 -3.96 0.94 11.63
C PHE E 55 -4.41 2.39 11.47
N GLY E 56 -5.72 2.61 11.42
CA GLY E 56 -6.22 3.96 11.24
C GLY E 56 -5.96 4.85 12.44
N THR E 57 -6.00 4.29 13.65
CA THR E 57 -5.81 5.12 14.84
C THR E 57 -4.35 5.53 14.99
N TYR E 58 -3.41 4.65 14.64
CA TYR E 58 -2.01 5.06 14.63
C TYR E 58 -1.72 5.98 13.44
N LEU E 59 -2.39 5.76 12.31
CA LEU E 59 -2.31 6.72 11.21
C LEU E 59 -2.78 8.08 11.65
N ALA E 60 -3.93 8.13 12.34
CA ALA E 60 -4.45 9.40 12.84
C ALA E 60 -3.48 10.04 13.84
N MET E 61 -2.91 9.23 14.74
CA MET E 61 -1.96 9.76 15.71
C MET E 61 -0.66 10.19 15.05
N ALA E 62 -0.18 9.42 14.06
CA ALA E 62 1.05 9.79 13.37
C ALA E 62 0.86 11.08 12.57
N LEU E 63 -0.30 11.25 11.94
CA LEU E 63 -0.63 12.47 11.20
C LEU E 63 -0.90 13.66 12.10
N GLY E 64 -0.65 13.60 13.40
CA GLY E 64 -0.97 14.71 14.28
C GLY E 64 -2.44 15.03 14.38
N GLN E 65 -3.31 14.13 13.95
CA GLN E 65 -4.75 14.36 13.99
C GLN E 65 -5.46 13.48 15.01
N GLY E 66 -4.72 12.89 15.95
CA GLY E 66 -5.33 11.96 16.89
C GLY E 66 -5.01 12.25 18.34
N SER E 67 -4.81 13.52 18.66
CA SER E 67 -4.55 13.91 20.05
C SER E 67 -5.10 15.30 20.31
N LEU E 68 -5.40 15.57 21.58
CA LEU E 68 -5.79 16.89 22.02
C LEU E 68 -5.04 17.21 23.31
N THR E 69 -5.12 18.48 23.72
CA THR E 69 -4.47 18.94 24.94
C THR E 69 -5.52 19.03 26.04
N ALA E 70 -5.32 18.28 27.11
CA ALA E 70 -6.22 18.30 28.24
C ALA E 70 -6.16 19.65 28.95
N ASP E 71 -7.17 19.91 29.78
CA ASP E 71 -7.27 21.20 30.47
C ASP E 71 -6.10 21.45 31.40
N ASP E 72 -5.42 20.40 31.86
CA ASP E 72 -4.26 20.55 32.73
C ASP E 72 -2.97 20.80 31.97
N GLY E 73 -3.01 20.84 30.64
CA GLY E 73 -1.86 21.15 29.82
C GLY E 73 -1.23 19.97 29.11
N ARG E 74 -1.50 18.76 29.57
CA ARG E 74 -0.89 17.58 28.96
C ARG E 74 -1.52 17.30 27.59
N GLN E 75 -0.79 16.53 26.80
CA GLN E 75 -1.24 16.08 25.49
C GLN E 75 -1.66 14.62 25.59
N VAL E 76 -2.91 14.32 25.25
CA VAL E 76 -3.46 12.98 25.36
C VAL E 76 -3.87 12.51 23.97
N PHE E 77 -3.44 11.28 23.62
CA PHE E 77 -3.82 10.67 22.35
C PHE E 77 -5.19 10.01 22.52
N VAL E 78 -6.23 10.83 22.38
CA VAL E 78 -7.60 10.33 22.54
C VAL E 78 -7.94 9.35 21.43
N SER E 79 -7.28 9.45 20.27
CA SER E 79 -7.54 8.52 19.18
C SER E 79 -7.30 7.08 19.61
N ARG E 80 -6.26 6.87 20.42
CA ARG E 80 -5.98 5.53 20.92
C ARG E 80 -7.11 5.02 21.81
N TYR E 81 -7.62 5.89 22.69
CA TYR E 81 -8.73 5.50 23.56
C TYR E 81 -10.02 5.29 22.76
N ILE E 82 -10.24 6.12 21.74
CA ILE E 82 -11.49 6.03 20.99
C ILE E 82 -11.59 4.71 20.24
N THR E 83 -10.49 4.27 19.63
CA THR E 83 -10.52 3.01 18.89
C THR E 83 -10.31 1.80 19.79
N TRP E 84 -9.66 1.97 20.95
CA TRP E 84 -9.64 0.91 21.95
C TRP E 84 -11.06 0.48 22.30
N THR E 85 -11.99 1.43 22.34
CA THR E 85 -13.38 1.12 22.68
C THR E 85 -13.97 0.07 21.75
N PHE E 86 -13.44 -0.06 20.54
CA PHE E 86 -13.95 -1.02 19.56
C PHE E 86 -13.06 -2.24 19.37
N THR E 87 -11.74 -2.09 19.45
CA THR E 87 -10.87 -3.22 19.18
C THR E 87 -10.79 -4.19 20.36
N THR E 88 -10.80 -3.66 21.59
CA THR E 88 -10.70 -4.51 22.77
C THR E 88 -11.91 -5.44 22.94
N PRO E 89 -13.14 -5.00 22.64
CA PRO E 89 -14.25 -5.98 22.65
C PRO E 89 -14.10 -7.05 21.57
N LEU E 90 -13.58 -6.69 20.40
CA LEU E 90 -13.38 -7.67 19.34
C LEU E 90 -12.36 -8.73 19.76
N LEU E 91 -11.34 -8.33 20.51
CA LEU E 91 -10.41 -9.31 21.06
C LEU E 91 -11.12 -10.22 22.05
N LEU E 92 -11.91 -9.64 22.96
CA LEU E 92 -12.65 -10.46 23.92
C LEU E 92 -13.71 -11.30 23.25
N LEU E 93 -14.30 -10.81 22.16
CA LEU E 93 -15.23 -11.64 21.40
C LEU E 93 -14.55 -12.88 20.86
N GLY E 94 -13.26 -12.79 20.54
CA GLY E 94 -12.53 -13.96 20.10
C GLY E 94 -12.47 -15.03 21.18
N LEU E 95 -12.11 -14.63 22.41
CA LEU E 95 -12.09 -15.57 23.52
C LEU E 95 -13.48 -16.13 23.78
N ALA E 96 -14.50 -15.27 23.77
CA ALA E 96 -15.86 -15.71 24.07
C ALA E 96 -16.34 -16.73 23.05
N THR E 97 -16.12 -16.47 21.76
CA THR E 97 -16.55 -17.41 20.74
C THR E 97 -15.72 -18.69 20.77
N THR E 98 -14.48 -18.62 21.26
CA THR E 98 -13.71 -19.84 21.46
C THR E 98 -14.31 -20.70 22.56
N ALA E 99 -14.87 -20.06 23.59
CA ALA E 99 -15.47 -20.79 24.69
C ALA E 99 -16.90 -21.23 24.37
N LEU E 100 -17.63 -20.46 23.56
CA LEU E 100 -19.05 -20.71 23.34
C LEU E 100 -19.39 -21.10 21.90
N GLY E 101 -18.39 -21.20 21.02
CA GLY E 101 -18.67 -21.55 19.63
C GLY E 101 -19.21 -20.38 18.84
N SER E 102 -19.19 -20.48 17.51
CA SER E 102 -19.73 -19.44 16.63
C SER E 102 -20.78 -20.06 15.71
N PRO E 103 -22.01 -19.55 15.69
CA PRO E 103 -22.49 -18.41 16.48
C PRO E 103 -22.65 -18.74 17.97
N ILE E 104 -22.73 -17.70 18.80
CA ILE E 104 -22.90 -17.89 20.24
C ILE E 104 -24.28 -18.50 20.47
N THR E 105 -24.31 -19.76 20.93
CA THR E 105 -25.56 -20.48 21.12
C THR E 105 -26.07 -20.44 22.56
N ARG E 106 -25.23 -20.04 23.52
CA ARG E 106 -25.66 -20.01 24.91
C ARG E 106 -24.81 -18.99 25.66
N ARG E 107 -25.34 -18.56 26.80
CA ARG E 107 -24.65 -17.62 27.69
C ARG E 107 -24.31 -16.32 26.98
N LYS E 108 -25.23 -15.87 26.11
CA LYS E 108 -25.03 -14.60 25.42
C LYS E 108 -24.92 -13.40 26.37
N PRO E 109 -25.68 -13.33 27.47
CA PRO E 109 -25.50 -12.17 28.38
C PRO E 109 -24.12 -12.07 29.00
N VAL E 110 -23.40 -13.18 29.16
CA VAL E 110 -22.04 -13.09 29.70
C VAL E 110 -21.07 -12.54 28.67
N VAL E 111 -21.40 -12.63 27.38
CA VAL E 111 -20.57 -12.01 26.35
C VAL E 111 -20.78 -10.51 26.32
N ALA E 112 -22.04 -10.07 26.47
CA ALA E 112 -22.33 -8.64 26.51
C ALA E 112 -21.72 -7.99 27.75
N GLY E 113 -21.79 -8.67 28.89
CA GLY E 113 -21.12 -8.18 30.09
C GLY E 113 -19.62 -8.12 29.95
N LEU E 114 -19.04 -9.07 29.21
CA LEU E 114 -17.61 -8.99 28.88
C LEU E 114 -17.33 -7.77 28.02
N ILE E 115 -18.11 -7.59 26.95
CA ILE E 115 -17.96 -6.42 26.09
C ILE E 115 -18.28 -5.15 26.89
N GLY E 116 -19.34 -5.20 27.69
CA GLY E 116 -19.76 -4.00 28.42
C GLY E 116 -18.75 -3.58 29.47
N ALA E 117 -18.24 -4.52 30.25
CA ALA E 117 -17.24 -4.18 31.26
C ALA E 117 -15.96 -3.67 30.62
N ASP E 118 -15.57 -4.25 29.49
CA ASP E 118 -14.37 -3.80 28.80
C ASP E 118 -14.53 -2.38 28.26
N ILE E 119 -15.68 -2.08 27.66
CA ILE E 119 -15.93 -0.73 27.15
C ILE E 119 -15.86 0.28 28.29
N ILE E 120 -16.45 -0.05 29.44
CA ILE E 120 -16.39 0.83 30.60
C ILE E 120 -14.96 1.03 31.05
N MET E 121 -14.15 -0.04 31.04
CA MET E 121 -12.75 0.07 31.41
C MET E 121 -12.01 1.07 30.52
N ILE E 122 -12.25 1.01 29.20
CA ILE E 122 -11.59 1.93 28.28
C ILE E 122 -12.10 3.35 28.49
N LEU E 123 -13.42 3.50 28.58
CA LEU E 123 -14.01 4.83 28.68
C LEU E 123 -13.61 5.53 29.99
N THR E 124 -13.74 4.82 31.11
CA THR E 124 -13.31 5.40 32.39
C THR E 124 -11.80 5.61 32.42
N GLY E 125 -11.05 4.77 31.70
CA GLY E 125 -9.62 5.01 31.57
C GLY E 125 -9.32 6.29 30.83
N LEU E 126 -10.14 6.61 29.82
CA LEU E 126 -9.99 7.89 29.12
C LEU E 126 -10.27 9.06 30.04
N VAL E 127 -11.34 8.97 30.84
CA VAL E 127 -11.65 10.02 31.79
C VAL E 127 -10.51 10.22 32.77
N ALA E 128 -9.88 9.12 33.20
CA ALA E 128 -8.72 9.22 34.07
C ALA E 128 -7.57 9.93 33.38
N ALA E 129 -7.30 9.56 32.13
CA ALA E 129 -6.24 10.21 31.37
C ALA E 129 -6.51 11.71 31.20
N LEU E 130 -7.77 12.07 30.93
CA LEU E 130 -8.14 13.47 30.75
C LEU E 130 -8.24 14.24 32.07
N SER E 131 -8.25 13.55 33.21
CA SER E 131 -8.32 14.18 34.51
C SER E 131 -6.97 14.82 34.87
N PRO E 132 -6.98 15.88 35.69
CA PRO E 132 -5.72 16.57 36.00
C PRO E 132 -4.74 15.69 36.74
N SER E 133 -3.46 15.82 36.39
CA SER E 133 -2.42 15.06 37.05
C SER E 133 -2.23 15.57 38.48
N GLY E 134 -2.15 14.63 39.43
CA GLY E 134 -2.06 14.98 40.82
C GLY E 134 -3.39 15.15 41.53
N SER E 135 -4.50 15.09 40.81
CA SER E 135 -5.82 15.27 41.38
C SER E 135 -6.39 13.93 41.85
N HIS E 136 -7.39 14.02 42.73
CA HIS E 136 -8.01 12.81 43.26
C HIS E 136 -8.87 12.13 42.20
N GLU E 137 -9.63 12.90 41.42
CA GLU E 137 -10.55 12.30 40.45
C GLU E 137 -9.81 11.51 39.39
N LYS E 138 -8.54 11.82 39.13
CA LYS E 138 -7.73 11.00 38.24
C LYS E 138 -7.69 9.55 38.71
N TRP E 139 -7.32 9.34 39.98
CA TRP E 139 -7.18 8.01 40.52
C TRP E 139 -8.48 7.42 41.04
N ILE E 140 -9.51 8.23 41.21
CA ILE E 140 -10.86 7.68 41.37
C ILE E 140 -11.28 6.95 40.11
N TRP E 141 -11.06 7.58 38.95
CA TRP E 141 -11.41 6.96 37.68
C TRP E 141 -10.43 5.86 37.29
N TYR E 142 -9.15 5.99 37.67
CA TYR E 142 -8.21 4.90 37.44
C TYR E 142 -8.65 3.65 38.18
N GLY E 143 -9.06 3.79 39.45
CA GLY E 143 -9.53 2.65 40.20
C GLY E 143 -10.83 2.09 39.67
N VAL E 144 -11.73 2.96 39.21
CA VAL E 144 -12.97 2.49 38.59
C VAL E 144 -12.65 1.66 37.35
N SER E 145 -11.73 2.14 36.52
CA SER E 145 -11.30 1.37 35.35
C SER E 145 -10.63 0.07 35.78
N SER E 146 -9.81 0.13 36.84
CA SER E 146 -9.19 -1.09 37.34
C SER E 146 -10.23 -2.07 37.89
N GLY E 147 -11.34 -1.55 38.42
CA GLY E 147 -12.42 -2.41 38.85
C GLY E 147 -13.05 -3.16 37.69
N ALA E 148 -13.28 -2.46 36.57
CA ALA E 148 -13.78 -3.13 35.38
C ALA E 148 -12.73 -4.09 34.80
N PHE E 149 -11.45 -3.77 34.93
CA PHE E 149 -10.41 -4.70 34.50
C PHE E 149 -10.48 -6.00 35.27
N LEU E 150 -10.72 -5.92 36.59
CA LEU E 150 -10.90 -7.12 37.39
C LEU E 150 -12.15 -7.88 36.98
N ALA E 151 -13.20 -7.15 36.59
CA ALA E 151 -14.41 -7.82 36.13
C ALA E 151 -14.18 -8.56 34.81
N VAL E 152 -13.33 -8.01 33.94
CA VAL E 152 -12.98 -8.69 32.70
C VAL E 152 -12.22 -9.97 33.00
N TYR E 153 -11.24 -9.89 33.92
CA TYR E 153 -10.50 -11.07 34.34
C TYR E 153 -11.44 -12.13 34.93
N TYR E 154 -12.38 -11.71 35.79
CA TYR E 154 -13.29 -12.67 36.42
C TYR E 154 -14.13 -13.40 35.40
N LEU E 155 -14.63 -12.69 34.38
CA LEU E 155 -15.43 -13.34 33.35
C LEU E 155 -14.58 -14.29 32.51
N ILE E 156 -13.32 -13.91 32.24
CA ILE E 156 -12.42 -14.78 31.50
C ILE E 156 -12.05 -16.00 32.32
N CYS E 157 -11.72 -15.81 33.60
CA CYS E 157 -11.28 -16.90 34.45
C CYS E 157 -12.42 -17.68 35.09
N GLY E 158 -13.66 -17.22 34.96
CA GLY E 158 -14.78 -17.84 35.63
C GLY E 158 -15.80 -18.45 34.68
N PRO E 159 -16.83 -17.67 34.32
CA PRO E 159 -17.90 -18.22 33.48
C PRO E 159 -17.42 -18.73 32.13
N LEU E 160 -16.68 -17.92 31.38
CA LEU E 160 -16.24 -18.32 30.05
C LEU E 160 -15.32 -19.55 30.11
N LEU E 161 -14.46 -19.63 31.13
CA LEU E 161 -13.63 -20.81 31.28
C LEU E 161 -14.46 -22.04 31.63
N LEU E 162 -15.50 -21.86 32.46
CA LEU E 162 -16.39 -22.97 32.77
C LEU E 162 -17.15 -23.42 31.53
N GLU E 163 -17.53 -22.48 30.66
CA GLU E 163 -18.27 -22.83 29.45
C GLU E 163 -17.37 -23.42 28.38
N ALA E 164 -16.10 -23.00 28.33
CA ALA E 164 -15.17 -23.58 27.36
C ALA E 164 -14.98 -25.07 27.62
N ARG E 165 -14.96 -25.48 28.89
CA ARG E 165 -14.85 -26.89 29.22
C ARG E 165 -16.05 -27.69 28.73
N VAL E 166 -17.22 -27.06 28.66
CA VAL E 166 -18.41 -27.75 28.18
C VAL E 166 -18.43 -27.83 26.66
N THR E 167 -17.80 -26.85 25.98
CA THR E 167 -17.88 -26.81 24.53
C THR E 167 -17.10 -27.97 23.90
N GLY E 168 -15.91 -28.26 24.39
CA GLY E 168 -15.15 -29.35 23.83
C GLY E 168 -13.71 -29.33 24.30
N ALA E 169 -12.99 -30.38 23.93
CA ALA E 169 -11.60 -30.53 24.35
C ALA E 169 -10.72 -29.45 23.74
N ASP E 170 -10.71 -29.35 22.41
CA ASP E 170 -9.87 -28.35 21.74
C ASP E 170 -10.33 -26.93 22.06
N HIS E 171 -11.64 -26.73 22.19
CA HIS E 171 -12.14 -25.40 22.52
C HIS E 171 -11.66 -24.96 23.89
N ARG E 172 -11.60 -25.89 24.85
CA ARG E 172 -11.07 -25.56 26.17
C ARG E 172 -9.57 -25.29 26.10
N ARG E 173 -8.83 -26.11 25.36
CA ARG E 173 -7.39 -25.93 25.27
C ARG E 173 -7.04 -24.63 24.55
N LEU E 174 -7.70 -24.35 23.43
CA LEU E 174 -7.44 -23.12 22.70
C LEU E 174 -7.83 -21.89 23.50
N TYR E 175 -8.98 -21.95 24.20
CA TYR E 175 -9.40 -20.82 25.02
C TYR E 175 -8.39 -20.52 26.11
N LEU E 176 -8.04 -21.55 26.90
CA LEU E 176 -7.07 -21.36 27.97
C LEU E 176 -5.71 -20.91 27.43
N ARG E 177 -5.34 -21.40 26.25
CA ARG E 177 -4.09 -20.99 25.61
C ARG E 177 -4.12 -19.50 25.29
N ASN E 178 -5.20 -19.03 24.65
CA ASN E 178 -5.27 -17.63 24.26
C ASN E 178 -5.59 -16.71 25.42
N ALA E 179 -6.30 -17.21 26.45
CA ALA E 179 -6.71 -16.35 27.55
C ALA E 179 -5.53 -15.98 28.44
N VAL E 180 -4.62 -16.92 28.70
CA VAL E 180 -3.47 -16.61 29.55
C VAL E 180 -2.55 -15.62 28.85
N VAL E 181 -2.41 -15.74 27.53
CA VAL E 181 -1.53 -14.83 26.79
C VAL E 181 -2.12 -13.42 26.78
N LEU E 182 -3.42 -13.32 26.49
CA LEU E 182 -4.08 -12.02 26.49
C LEU E 182 -4.04 -11.37 27.87
N SER E 183 -4.21 -12.18 28.93
CA SER E 183 -4.25 -11.63 30.28
C SER E 183 -2.91 -11.05 30.70
N VAL E 184 -1.81 -11.70 30.32
CA VAL E 184 -0.49 -11.18 30.66
C VAL E 184 -0.21 -9.87 29.93
N ILE E 185 -0.55 -9.81 28.64
CA ILE E 185 -0.26 -8.61 27.85
C ILE E 185 -1.15 -7.46 28.30
N TRP E 186 -2.43 -7.71 28.53
CA TRP E 186 -3.35 -6.65 28.92
C TRP E 186 -3.00 -6.07 30.29
N PHE E 187 -2.39 -6.87 31.16
CA PHE E 187 -2.04 -6.37 32.49
C PHE E 187 -1.01 -5.26 32.43
N LEU E 188 -0.19 -5.22 31.37
CA LEU E 188 0.84 -4.19 31.25
C LEU E 188 0.25 -2.83 30.92
N TYR E 189 -0.97 -2.77 30.38
CA TYR E 189 -1.57 -1.49 30.02
C TYR E 189 -1.79 -0.59 31.23
N PRO E 190 -2.44 -1.02 32.33
CA PRO E 190 -2.54 -0.14 33.50
C PRO E 190 -1.19 0.15 34.15
N VAL E 191 -0.18 -0.71 33.95
CA VAL E 191 1.16 -0.41 34.46
C VAL E 191 1.76 0.77 33.70
N ASN E 192 1.61 0.80 32.39
CA ASN E 192 2.11 1.93 31.62
C ASN E 192 1.33 3.20 31.96
N PHE E 193 0.03 3.09 32.21
CA PHE E 193 -0.75 4.25 32.62
C PHE E 193 -0.30 4.76 33.99
N LEU E 194 -0.09 3.84 34.94
CA LEU E 194 0.27 4.23 36.29
C LEU E 194 1.62 4.94 36.32
N LEU E 195 2.57 4.50 35.49
CA LEU E 195 3.92 5.04 35.51
C LEU E 195 4.20 6.00 34.36
N GLY E 196 3.33 6.07 33.35
CA GLY E 196 3.53 6.97 32.24
C GLY E 196 3.07 8.39 32.54
N ASN E 197 3.20 9.25 31.53
CA ASN E 197 2.84 10.65 31.70
C ASN E 197 1.34 10.86 31.81
N GLU E 198 0.55 9.82 31.59
CA GLU E 198 -0.89 9.88 31.86
C GLU E 198 -1.21 9.70 33.35
N GLY E 199 -0.24 9.29 34.15
CA GLY E 199 -0.47 9.06 35.57
C GLY E 199 0.58 9.70 36.46
N LEU E 200 1.31 8.88 37.21
CA LEU E 200 2.32 9.42 38.13
C LEU E 200 3.42 10.14 37.37
N GLY E 201 3.80 9.62 36.21
CA GLY E 201 4.81 10.27 35.40
C GLY E 201 6.22 9.91 35.76
N GLN E 202 6.48 8.62 35.96
CA GLN E 202 7.86 8.18 36.18
C GLN E 202 8.69 8.30 34.90
N TRP E 203 8.06 8.06 33.74
CA TRP E 203 8.69 8.33 32.46
C TRP E 203 7.80 9.24 31.62
N GLY E 204 8.43 9.96 30.70
CA GLY E 204 7.77 11.01 29.96
C GLY E 204 6.82 10.49 28.90
N GLY E 205 6.40 11.41 28.04
CA GLY E 205 5.38 11.09 27.05
C GLY E 205 5.88 10.21 25.92
N THR E 206 7.15 10.33 25.55
CA THR E 206 7.69 9.49 24.49
C THR E 206 7.72 8.03 24.92
N ALA E 207 8.18 7.77 26.15
CA ALA E 207 8.21 6.40 26.66
C ALA E 207 6.80 5.83 26.77
N THR E 208 5.84 6.64 27.22
CA THR E 208 4.46 6.18 27.33
C THR E 208 3.90 5.80 25.97
N THR E 209 4.09 6.68 24.98
CA THR E 209 3.59 6.39 23.63
C THR E 209 4.33 5.20 23.02
N ALA E 210 5.64 5.11 23.24
CA ALA E 210 6.42 4.00 22.70
C ALA E 210 5.96 2.67 23.28
N ILE E 211 5.77 2.62 24.61
CA ILE E 211 5.33 1.39 25.25
C ILE E 211 3.90 1.03 24.83
N TYR E 212 3.04 2.04 24.68
CA TYR E 212 1.70 1.78 24.15
C TYR E 212 1.77 1.21 22.75
N THR E 213 2.66 1.74 21.90
CA THR E 213 2.83 1.20 20.56
C THR E 213 3.27 -0.26 20.61
N LEU E 214 4.26 -0.56 21.44
CA LEU E 214 4.75 -1.94 21.56
C LEU E 214 3.67 -2.85 22.14
N LEU E 215 2.95 -2.39 23.16
CA LEU E 215 1.89 -3.20 23.74
C LEU E 215 0.79 -3.49 22.72
N ASP E 216 0.38 -2.48 21.96
CA ASP E 216 -0.63 -2.70 20.93
C ASP E 216 -0.11 -3.63 19.84
N LEU E 217 1.15 -3.48 19.46
CA LEU E 217 1.74 -4.42 18.50
C LEU E 217 1.79 -5.83 19.05
N ALA E 218 1.93 -5.98 20.37
CA ALA E 218 1.95 -7.30 20.97
C ALA E 218 0.55 -7.86 21.16
N SER E 219 -0.39 -7.04 21.63
CA SER E 219 -1.73 -7.53 21.94
C SER E 219 -2.61 -7.66 20.71
N LYS E 220 -2.25 -7.02 19.60
CA LYS E 220 -3.04 -7.09 18.37
C LYS E 220 -2.36 -7.88 17.28
N ALA E 221 -1.12 -7.55 16.93
CA ALA E 221 -0.44 -8.24 15.84
C ALA E 221 0.17 -9.55 16.32
N ALA E 222 0.98 -9.50 17.38
CA ALA E 222 1.63 -10.72 17.87
C ALA E 222 0.61 -11.71 18.41
N TYR E 223 -0.28 -11.25 19.29
CA TYR E 223 -1.32 -12.14 19.82
C TYR E 223 -2.29 -12.57 18.74
N GLY E 224 -2.61 -11.68 17.80
CA GLY E 224 -3.57 -12.01 16.76
C GLY E 224 -3.16 -13.23 15.95
N PHE E 225 -1.90 -13.25 15.48
CA PHE E 225 -1.43 -14.39 14.71
C PHE E 225 -1.21 -15.61 15.59
N PHE E 226 -0.89 -15.39 16.88
CA PHE E 226 -0.84 -16.51 17.81
C PHE E 226 -2.22 -17.12 18.01
N ALA E 227 -3.25 -16.28 18.07
CA ALA E 227 -4.61 -16.78 18.29
C ALA E 227 -5.22 -17.38 17.03
N ILE E 228 -4.92 -16.78 15.86
CA ILE E 228 -5.57 -17.25 14.64
C ILE E 228 -4.93 -18.55 14.14
N THR E 229 -3.64 -18.77 14.42
CA THR E 229 -3.04 -20.06 14.10
C THR E 229 -3.54 -21.14 15.06
N GLY E 230 -3.82 -20.77 16.32
CA GLY E 230 -4.48 -21.69 17.21
C GLY E 230 -5.88 -22.04 16.75
N VAL E 231 -6.59 -21.06 16.19
CA VAL E 231 -7.89 -21.34 15.58
C VAL E 231 -7.73 -22.24 14.36
N ARG E 232 -6.68 -22.01 13.56
CA ARG E 232 -6.41 -22.86 12.41
C ARG E 232 -6.13 -24.30 12.84
N ALA E 233 -5.38 -24.46 13.94
CA ALA E 233 -5.05 -25.80 14.43
C ALA E 233 -6.31 -26.53 14.90
N LEU E 234 -7.15 -25.85 15.68
CA LEU E 234 -8.42 -26.44 16.09
C LEU E 234 -9.27 -26.79 14.88
N THR E 235 -9.32 -25.90 13.89
CA THR E 235 -10.07 -26.19 12.67
C THR E 235 -9.44 -27.35 11.90
N ASP E 236 -8.10 -27.43 11.89
CA ASP E 236 -7.43 -28.57 11.28
C ASP E 236 -7.69 -29.85 12.06
N ARG E 237 -7.60 -29.78 13.39
CA ARG E 237 -7.88 -30.95 14.21
C ARG E 237 -9.34 -31.36 14.15
N ALA E 238 -10.23 -30.43 13.80
CA ALA E 238 -11.63 -30.75 13.52
C ALA E 238 -11.82 -31.34 12.13
N GLY E 239 -10.75 -31.47 11.35
CA GLY E 239 -10.83 -32.09 10.05
C GLY E 239 -11.60 -31.30 9.01
N ALA E 240 -11.86 -30.02 9.27
CA ALA E 240 -12.67 -29.15 8.39
C ALA E 240 -12.21 -29.23 6.95
N PRO E 241 -13.11 -29.04 5.99
CA PRO E 241 -12.76 -29.24 4.58
C PRO E 241 -11.73 -28.22 4.10
N ALA E 242 -11.08 -28.57 3.00
CA ALA E 242 -10.11 -27.69 2.36
C ALA E 242 -10.77 -26.57 1.55
N LEU E 243 -12.09 -26.63 1.37
CA LEU E 243 -12.81 -25.62 0.61
C LEU E 243 -13.33 -24.54 1.54
N THR E 244 -13.18 -23.29 1.11
CA THR E 244 -13.54 -22.15 1.94
C THR E 244 -15.05 -21.89 1.87
N LEU E 245 -15.51 -20.93 2.67
CA LEU E 245 -16.93 -20.60 2.71
C LEU E 245 -17.38 -19.96 1.40
N ASP E 246 -16.56 -19.11 0.81
CA ASP E 246 -16.89 -18.52 -0.49
C ASP E 246 -17.02 -19.60 -1.56
N GLU E 247 -16.07 -20.54 -1.58
CA GLU E 247 -16.12 -21.64 -2.54
C GLU E 247 -17.32 -22.54 -2.29
N ALA E 248 -17.75 -22.66 -1.04
CA ALA E 248 -18.94 -23.45 -0.74
C ALA E 248 -20.21 -22.76 -1.23
N ALA E 249 -20.21 -21.42 -1.26
CA ALA E 249 -21.34 -20.69 -1.80
C ALA E 249 -21.42 -20.82 -3.32
N ARG E 250 -20.27 -20.93 -3.99
CA ARG E 250 -20.28 -21.14 -5.43
C ARG E 250 -20.92 -22.48 -5.79
N ARG E 251 -20.50 -23.55 -5.12
CA ARG E 251 -20.99 -24.88 -5.46
C ARG E 251 -22.44 -25.08 -5.05
N ALA E 252 -22.89 -24.37 -4.01
CA ALA E 252 -24.28 -24.48 -3.57
C ALA E 252 -25.24 -23.71 -4.46
N GLY E 253 -24.74 -22.86 -5.35
CA GLY E 253 -25.59 -22.10 -6.25
C GLY E 253 -26.06 -22.92 -7.42
N MET F 1 20.14 -24.07 -12.89
CA MET F 1 21.57 -24.01 -13.16
C MET F 1 22.34 -25.08 -12.40
N ASN F 2 22.04 -26.34 -12.68
CA ASN F 2 22.83 -27.43 -12.12
C ASN F 2 24.22 -27.45 -12.76
N PRO F 3 25.27 -27.74 -11.99
CA PRO F 3 26.62 -27.74 -12.56
C PRO F 3 26.76 -28.76 -13.68
N ARG F 4 27.39 -28.33 -14.77
CA ARG F 4 27.65 -29.18 -15.92
C ARG F 4 29.05 -29.77 -15.85
N PRO F 5 29.23 -31.02 -16.28
CA PRO F 5 30.56 -31.64 -16.21
C PRO F 5 31.58 -30.89 -17.07
N ILE F 6 32.81 -30.82 -16.56
CA ILE F 6 33.91 -30.15 -17.23
C ILE F 6 35.14 -31.06 -17.16
N GLU F 7 35.94 -31.06 -18.23
CA GLU F 7 37.16 -31.82 -18.25
C GLU F 7 38.07 -31.37 -17.11
N PRO F 8 38.72 -32.31 -16.39
CA PRO F 8 39.51 -31.91 -15.20
C PRO F 8 40.62 -30.92 -15.49
N ALA F 9 41.37 -31.08 -16.59
CA ALA F 9 42.43 -30.13 -16.89
C ALA F 9 41.86 -28.76 -17.24
N THR F 10 40.68 -28.71 -17.86
CA THR F 10 40.02 -27.44 -18.13
C THR F 10 39.53 -26.80 -16.83
N GLU F 11 38.96 -27.60 -15.93
CA GLU F 11 38.50 -27.07 -14.65
C GLU F 11 39.66 -26.55 -13.82
N ALA F 12 40.84 -27.19 -13.91
CA ALA F 12 42.01 -26.73 -13.18
C ALA F 12 42.43 -25.33 -13.62
N TRP F 13 42.41 -25.09 -14.94
CA TRP F 13 42.75 -23.75 -15.43
C TRP F 13 41.73 -22.70 -15.01
N LEU F 14 40.46 -23.10 -14.89
CA LEU F 14 39.45 -22.15 -14.43
C LEU F 14 39.67 -21.75 -12.98
N TRP F 15 40.15 -22.68 -12.15
CA TRP F 15 40.37 -22.37 -10.73
C TRP F 15 41.56 -21.43 -10.54
N VAL F 16 42.61 -21.57 -11.36
CA VAL F 16 43.72 -20.63 -11.26
C VAL F 16 43.26 -19.24 -11.67
N GLY F 17 42.22 -19.15 -12.51
CA GLY F 17 41.60 -17.86 -12.76
C GLY F 17 40.81 -17.36 -11.56
N VAL F 18 40.15 -18.28 -10.84
CA VAL F 18 39.43 -17.90 -9.63
C VAL F 18 40.39 -17.34 -8.59
N ALA F 19 41.44 -18.10 -8.28
CA ALA F 19 42.39 -17.67 -7.26
C ALA F 19 43.10 -16.39 -7.66
N GLY F 20 43.46 -16.26 -8.94
CA GLY F 20 44.16 -15.06 -9.38
C GLY F 20 43.28 -13.83 -9.34
N MET F 21 42.06 -13.93 -9.86
CA MET F 21 41.15 -12.79 -9.86
C MET F 21 40.71 -12.42 -8.44
N ALA F 22 40.59 -13.42 -7.55
CA ALA F 22 40.16 -13.14 -6.18
C ALA F 22 41.23 -12.36 -5.41
N LEU F 23 42.48 -12.81 -5.51
CA LEU F 23 43.56 -12.11 -4.82
C LEU F 23 43.81 -10.73 -5.43
N ALA F 24 43.69 -10.62 -6.75
CA ALA F 24 43.91 -9.32 -7.39
C ALA F 24 42.82 -8.32 -7.00
N ALA F 25 41.58 -8.78 -6.89
CA ALA F 25 40.49 -7.88 -6.53
C ALA F 25 40.61 -7.39 -5.09
N ILE F 26 41.09 -8.26 -4.19
CA ILE F 26 41.27 -7.86 -2.80
C ILE F 26 42.38 -6.82 -2.68
N VAL F 27 43.49 -7.02 -3.39
CA VAL F 27 44.58 -6.06 -3.36
C VAL F 27 44.16 -4.74 -4.02
N MET F 28 43.41 -4.82 -5.12
CA MET F 28 42.96 -3.61 -5.80
C MET F 28 42.00 -2.80 -4.93
N LEU F 29 41.23 -3.46 -4.06
CA LEU F 29 40.32 -2.75 -3.17
C LEU F 29 41.08 -1.83 -2.22
N ALA F 30 42.34 -2.17 -1.91
CA ALA F 30 43.16 -1.27 -1.10
C ALA F 30 43.52 -0.01 -1.85
N PHE F 31 43.75 -0.12 -3.17
CA PHE F 31 43.97 1.07 -3.98
C PHE F 31 42.74 1.97 -4.02
N VAL F 32 41.55 1.37 -3.85
CA VAL F 32 40.33 2.17 -3.79
C VAL F 32 40.30 2.99 -2.50
N LYS F 33 40.58 2.34 -1.37
CA LYS F 33 40.49 3.03 -0.08
C LYS F 33 41.60 4.06 0.08
N ARG F 34 42.72 3.89 -0.62
CA ARG F 34 43.84 4.81 -0.51
C ARG F 34 43.78 5.96 -1.51
N ALA F 35 42.71 6.06 -2.30
CA ALA F 35 42.61 7.09 -3.32
C ALA F 35 42.52 8.47 -2.70
N ARG F 36 43.24 9.43 -3.29
CA ARG F 36 43.29 10.79 -2.77
C ARG F 36 42.68 11.84 -3.68
N THR F 37 42.47 11.52 -4.95
CA THR F 37 41.90 12.45 -5.92
C THR F 37 40.73 11.78 -6.63
N PRO F 38 39.83 12.56 -7.23
CA PRO F 38 38.79 11.94 -8.06
C PRO F 38 39.35 11.06 -9.16
N PHE F 39 40.42 11.51 -9.83
CA PHE F 39 41.04 10.69 -10.86
C PHE F 39 41.56 9.37 -10.30
N GLU F 40 42.16 9.42 -9.10
CA GLU F 40 42.69 8.20 -8.50
C GLU F 40 41.58 7.26 -8.07
N GLU F 41 40.42 7.80 -7.66
CA GLU F 41 39.34 6.95 -7.20
C GLU F 41 38.59 6.32 -8.38
N SER F 42 38.33 7.10 -9.42
CA SER F 42 37.66 6.57 -10.60
C SER F 42 38.45 5.41 -11.21
N GLN F 43 39.77 5.59 -11.36
CA GLN F 43 40.61 4.53 -11.90
C GLN F 43 40.63 3.31 -10.99
N ALA F 44 40.57 3.53 -9.67
CA ALA F 44 40.73 2.42 -8.74
C ALA F 44 39.49 1.52 -8.72
N VAL F 45 38.30 2.11 -8.59
CA VAL F 45 37.11 1.28 -8.52
C VAL F 45 36.81 0.63 -9.87
N SER F 46 37.23 1.27 -10.97
CA SER F 46 37.11 0.64 -12.28
C SER F 46 37.89 -0.66 -12.33
N GLN F 47 39.19 -0.60 -11.99
CA GLN F 47 40.01 -1.80 -11.99
C GLN F 47 39.52 -2.82 -10.98
N PHE F 48 38.98 -2.37 -9.84
CA PHE F 48 38.47 -3.31 -8.85
C PHE F 48 37.30 -4.11 -9.39
N PHE F 49 36.34 -3.41 -10.02
CA PHE F 49 35.19 -4.12 -10.57
C PHE F 49 35.58 -4.95 -11.78
N VAL F 50 36.65 -4.58 -12.48
CA VAL F 50 37.21 -5.47 -13.49
C VAL F 50 37.63 -6.79 -12.86
N LEU F 51 38.42 -6.72 -11.78
CA LEU F 51 38.87 -7.93 -11.10
C LEU F 51 37.72 -8.65 -10.40
N LEU F 52 36.80 -7.90 -9.82
CA LEU F 52 35.72 -8.51 -9.04
C LEU F 52 34.77 -9.29 -9.94
N ILE F 53 34.37 -8.68 -11.06
CA ILE F 53 33.48 -9.37 -12.00
C ILE F 53 34.19 -10.54 -12.65
N ALA F 54 35.50 -10.44 -12.87
CA ALA F 54 36.25 -11.56 -13.43
C ALA F 54 36.36 -12.70 -12.44
N PHE F 55 36.39 -12.40 -11.14
CA PHE F 55 36.40 -13.46 -10.14
C PHE F 55 35.11 -14.28 -10.20
N GLY F 56 33.97 -13.61 -10.24
CA GLY F 56 32.70 -14.32 -10.25
C GLY F 56 32.48 -15.13 -11.51
N THR F 57 32.96 -14.65 -12.65
CA THR F 57 32.74 -15.40 -13.89
C THR F 57 33.65 -16.60 -13.99
N TYR F 58 34.86 -16.53 -13.44
CA TYR F 58 35.71 -17.72 -13.38
C TYR F 58 35.24 -18.69 -12.31
N LEU F 59 34.67 -18.16 -11.21
CA LEU F 59 34.02 -19.01 -10.23
C LEU F 59 32.84 -19.73 -10.87
N ALA F 60 32.00 -19.00 -11.60
CA ALA F 60 30.87 -19.62 -12.28
C ALA F 60 31.33 -20.69 -13.26
N MET F 61 32.39 -20.40 -14.03
CA MET F 61 32.90 -21.38 -14.98
C MET F 61 33.51 -22.57 -14.27
N ALA F 62 34.26 -22.34 -13.18
CA ALA F 62 34.89 -23.45 -12.48
C ALA F 62 33.86 -24.32 -11.76
N LEU F 63 32.73 -23.74 -11.33
CA LEU F 63 31.68 -24.50 -10.68
C LEU F 63 30.82 -25.27 -11.67
N GLY F 64 31.11 -25.19 -12.97
CA GLY F 64 30.29 -25.85 -13.95
C GLY F 64 29.01 -25.12 -14.29
N GLN F 65 28.93 -23.83 -14.01
CA GLN F 65 27.71 -23.05 -14.20
C GLN F 65 27.93 -21.87 -15.13
N GLY F 66 28.98 -21.88 -15.93
CA GLY F 66 29.27 -20.74 -16.78
C GLY F 66 29.39 -21.08 -18.26
N SER F 67 28.80 -22.20 -18.67
CA SER F 67 28.91 -22.63 -20.05
C SER F 67 27.62 -23.33 -20.48
N LEU F 68 27.47 -23.46 -21.79
CA LEU F 68 26.39 -24.24 -22.36
C LEU F 68 26.89 -24.90 -23.63
N THR F 69 26.09 -25.80 -24.17
CA THR F 69 26.41 -26.53 -25.38
C THR F 69 25.81 -25.79 -26.58
N ALA F 70 26.66 -25.42 -27.53
CA ALA F 70 26.17 -24.83 -28.77
C ALA F 70 25.45 -25.89 -29.60
N ASP F 71 24.63 -25.42 -30.54
CA ASP F 71 23.83 -26.34 -31.35
C ASP F 71 24.69 -27.30 -32.16
N ASP F 72 25.94 -26.92 -32.46
CA ASP F 72 26.84 -27.78 -33.20
C ASP F 72 27.50 -28.84 -32.32
N GLY F 73 27.42 -28.70 -31.00
CA GLY F 73 27.90 -29.70 -30.08
C GLY F 73 29.01 -29.23 -29.16
N ARG F 74 29.64 -28.09 -29.47
CA ARG F 74 30.78 -27.63 -28.68
C ARG F 74 30.34 -27.07 -27.34
N GLN F 75 31.27 -27.06 -26.39
CA GLN F 75 31.08 -26.42 -25.11
C GLN F 75 31.63 -25.00 -25.18
N VAL F 76 30.76 -24.01 -25.00
CA VAL F 76 31.14 -22.60 -25.06
C VAL F 76 30.91 -21.99 -23.68
N PHE F 77 31.96 -21.38 -23.13
CA PHE F 77 31.88 -20.71 -21.82
C PHE F 77 31.28 -19.32 -22.03
N VAL F 78 29.96 -19.29 -22.15
CA VAL F 78 29.25 -18.05 -22.43
C VAL F 78 29.41 -17.05 -21.30
N SER F 79 29.65 -17.54 -20.07
CA SER F 79 29.84 -16.64 -18.93
C SER F 79 31.00 -15.68 -19.18
N ARG F 80 32.08 -16.18 -19.79
CA ARG F 80 33.21 -15.32 -20.13
C ARG F 80 32.76 -14.14 -20.98
N TYR F 81 31.99 -14.41 -22.04
CA TYR F 81 31.53 -13.35 -22.92
C TYR F 81 30.56 -12.42 -22.21
N ILE F 82 29.71 -12.98 -21.34
CA ILE F 82 28.71 -12.17 -20.63
C ILE F 82 29.39 -11.10 -19.78
N THR F 83 30.39 -11.50 -18.99
CA THR F 83 31.09 -10.55 -18.14
C THR F 83 32.14 -9.75 -18.90
N TRP F 84 32.65 -10.27 -20.02
CA TRP F 84 33.50 -9.47 -20.88
C TRP F 84 32.80 -8.20 -21.34
N THR F 85 31.49 -8.28 -21.56
CA THR F 85 30.71 -7.11 -21.98
C THR F 85 30.75 -5.99 -20.95
N PHE F 86 31.05 -6.30 -19.69
CA PHE F 86 31.10 -5.30 -18.63
C PHE F 86 32.51 -4.97 -18.17
N THR F 87 33.45 -5.92 -18.23
CA THR F 87 34.80 -5.65 -17.75
C THR F 87 35.67 -4.97 -18.79
N THR F 88 35.41 -5.20 -20.08
CA THR F 88 36.25 -4.57 -21.09
C THR F 88 35.92 -3.09 -21.30
N PRO F 89 34.66 -2.64 -21.19
CA PRO F 89 34.43 -1.19 -21.19
C PRO F 89 35.04 -0.48 -20.00
N LEU F 90 35.08 -1.14 -18.84
CA LEU F 90 35.67 -0.51 -17.66
C LEU F 90 37.18 -0.33 -17.82
N LEU F 91 37.85 -1.28 -18.47
CA LEU F 91 39.27 -1.11 -18.76
C LEU F 91 39.50 0.08 -19.68
N LEU F 92 38.69 0.18 -20.75
CA LEU F 92 38.83 1.29 -21.69
C LEU F 92 38.39 2.60 -21.06
N LEU F 93 37.44 2.56 -20.12
CA LEU F 93 37.09 3.75 -19.36
C LEU F 93 38.31 4.31 -18.64
N GLY F 94 39.15 3.43 -18.09
CA GLY F 94 40.39 3.88 -17.48
C GLY F 94 41.27 4.65 -18.45
N LEU F 95 41.42 4.14 -19.68
CA LEU F 95 42.17 4.86 -20.70
C LEU F 95 41.51 6.20 -21.01
N ALA F 96 40.18 6.22 -21.08
CA ALA F 96 39.47 7.45 -21.44
C ALA F 96 39.67 8.52 -20.37
N THR F 97 39.55 8.16 -19.10
CA THR F 97 39.71 9.14 -18.04
C THR F 97 41.17 9.54 -17.85
N THR F 98 42.12 8.69 -18.22
CA THR F 98 43.51 9.10 -18.20
C THR F 98 43.78 10.16 -19.25
N ALA F 99 43.09 10.06 -20.39
CA ALA F 99 43.27 11.02 -21.47
C ALA F 99 42.46 12.30 -21.26
N LEU F 100 41.33 12.20 -20.58
CA LEU F 100 40.40 13.33 -20.45
C LEU F 100 40.17 13.78 -19.01
N GLY F 101 40.85 13.19 -18.03
CA GLY F 101 40.64 13.55 -16.65
C GLY F 101 39.37 12.98 -16.07
N SER F 102 39.25 13.08 -14.75
CA SER F 102 38.07 12.61 -14.03
C SER F 102 37.55 13.75 -13.17
N PRO F 103 36.29 14.17 -13.33
CA PRO F 103 35.35 13.56 -14.27
C PRO F 103 35.59 13.98 -15.72
N ILE F 104 35.10 13.18 -16.66
CA ILE F 104 35.26 13.46 -18.09
C ILE F 104 34.47 14.72 -18.42
N THR F 105 35.18 15.78 -18.81
CA THR F 105 34.58 17.08 -19.05
C THR F 105 34.45 17.43 -20.53
N ARG F 106 34.95 16.59 -21.43
CA ARG F 106 34.84 16.84 -22.86
C ARG F 106 34.97 15.53 -23.61
N ARG F 107 34.52 15.54 -24.86
CA ARG F 107 34.60 14.39 -25.76
C ARG F 107 33.91 13.16 -25.16
N LYS F 108 32.78 13.36 -24.50
CA LYS F 108 32.01 12.23 -24.01
C LYS F 108 31.51 11.33 -25.14
N PRO F 109 31.08 11.83 -26.30
CA PRO F 109 30.69 10.91 -27.38
C PRO F 109 31.81 9.98 -27.83
N VAL F 110 33.08 10.39 -27.74
CA VAL F 110 34.14 9.48 -28.14
C VAL F 110 34.36 8.41 -27.06
N VAL F 111 34.06 8.72 -25.80
CA VAL F 111 34.14 7.71 -24.75
C VAL F 111 33.00 6.72 -24.89
N ALA F 112 31.78 7.22 -25.11
CA ALA F 112 30.63 6.35 -25.32
C ALA F 112 30.80 5.51 -26.58
N GLY F 113 31.38 6.10 -27.63
CA GLY F 113 31.65 5.34 -28.84
C GLY F 113 32.70 4.27 -28.61
N LEU F 114 33.70 4.57 -27.77
CA LEU F 114 34.69 3.56 -27.39
C LEU F 114 34.01 2.39 -26.68
N ILE F 115 33.23 2.68 -25.64
CA ILE F 115 32.53 1.64 -24.90
C ILE F 115 31.57 0.89 -25.83
N GLY F 116 30.87 1.63 -26.70
CA GLY F 116 29.91 1.00 -27.59
C GLY F 116 30.58 0.09 -28.61
N ALA F 117 31.68 0.55 -29.22
CA ALA F 117 32.41 -0.30 -30.16
C ALA F 117 32.98 -1.53 -29.47
N ASP F 118 33.33 -1.42 -28.19
CA ASP F 118 33.87 -2.57 -27.46
C ASP F 118 32.77 -3.57 -27.12
N ILE F 119 31.59 -3.08 -26.71
CA ILE F 119 30.48 -3.98 -26.40
C ILE F 119 30.05 -4.75 -27.63
N ILE F 120 29.96 -4.05 -28.77
CA ILE F 120 29.62 -4.72 -30.03
C ILE F 120 30.65 -5.79 -30.36
N MET F 121 31.93 -5.52 -30.07
CA MET F 121 32.98 -6.51 -30.35
C MET F 121 32.77 -7.79 -29.56
N ILE F 122 32.57 -7.69 -28.25
CA ILE F 122 32.40 -8.88 -27.43
C ILE F 122 31.09 -9.59 -27.78
N LEU F 123 30.01 -8.81 -27.96
CA LEU F 123 28.71 -9.41 -28.23
C LEU F 123 28.71 -10.16 -29.56
N THR F 124 29.25 -9.54 -30.61
CA THR F 124 29.35 -10.24 -31.88
C THR F 124 30.37 -11.38 -31.82
N GLY F 125 31.39 -11.26 -30.97
CA GLY F 125 32.29 -12.37 -30.74
C GLY F 125 31.62 -13.56 -30.08
N LEU F 126 30.63 -13.29 -29.22
CA LEU F 126 29.84 -14.38 -28.63
C LEU F 126 29.06 -15.12 -29.71
N VAL F 127 28.44 -14.38 -30.63
CA VAL F 127 27.69 -15.01 -31.71
C VAL F 127 28.60 -15.87 -32.57
N ALA F 128 29.81 -15.37 -32.86
CA ALA F 128 30.77 -16.16 -33.61
C ALA F 128 31.18 -17.42 -32.83
N ALA F 129 31.26 -17.30 -31.51
CA ALA F 129 31.63 -18.45 -30.69
C ALA F 129 30.51 -19.49 -30.63
N LEU F 130 29.25 -19.05 -30.72
CA LEU F 130 28.12 -19.97 -30.70
C LEU F 130 27.71 -20.44 -32.09
N SER F 131 28.21 -19.80 -33.14
CA SER F 131 27.94 -20.26 -34.50
C SER F 131 28.64 -21.58 -34.75
N PRO F 132 28.14 -22.37 -35.71
CA PRO F 132 28.70 -23.72 -35.92
C PRO F 132 30.13 -23.69 -36.41
N SER F 133 30.86 -24.76 -36.12
CA SER F 133 32.21 -24.93 -36.64
C SER F 133 32.17 -25.20 -38.14
N GLY F 134 33.08 -24.56 -38.88
CA GLY F 134 33.11 -24.74 -40.31
C GLY F 134 31.98 -24.07 -41.06
N SER F 135 31.22 -23.20 -40.40
CA SER F 135 30.16 -22.42 -41.04
C SER F 135 30.69 -21.06 -41.47
N HIS F 136 29.90 -20.38 -42.30
CA HIS F 136 30.22 -19.02 -42.71
C HIS F 136 29.70 -18.00 -41.72
N GLU F 137 28.61 -18.30 -41.02
CA GLU F 137 28.09 -17.38 -40.02
C GLU F 137 29.14 -17.08 -38.96
N LYS F 138 29.94 -18.08 -38.59
CA LYS F 138 30.96 -17.90 -37.57
C LYS F 138 31.98 -16.85 -37.97
N TRP F 139 32.43 -16.89 -39.23
CA TRP F 139 33.50 -16.00 -39.68
C TRP F 139 32.98 -14.65 -40.17
N ILE F 140 31.71 -14.56 -40.54
CA ILE F 140 31.10 -13.25 -40.75
C ILE F 140 31.12 -12.47 -39.44
N TRP F 141 30.61 -13.08 -38.37
CA TRP F 141 30.59 -12.40 -37.07
C TRP F 141 32.00 -12.23 -36.51
N TYR F 142 32.90 -13.18 -36.78
CA TYR F 142 34.31 -12.95 -36.46
C TYR F 142 34.84 -11.74 -37.21
N GLY F 143 34.43 -11.58 -38.48
CA GLY F 143 34.83 -10.39 -39.22
C GLY F 143 34.20 -9.12 -38.68
N VAL F 144 32.91 -9.19 -38.31
CA VAL F 144 32.26 -8.03 -37.72
C VAL F 144 32.93 -7.65 -36.40
N SER F 145 33.22 -8.65 -35.57
CA SER F 145 33.86 -8.38 -34.28
C SER F 145 35.26 -7.79 -34.48
N SER F 146 36.00 -8.29 -35.48
CA SER F 146 37.30 -7.70 -35.78
C SER F 146 37.17 -6.26 -36.27
N GLY F 147 36.07 -5.95 -36.97
CA GLY F 147 35.84 -4.57 -37.37
C GLY F 147 35.67 -3.64 -36.19
N ALA F 148 34.88 -4.06 -35.20
CA ALA F 148 34.73 -3.28 -33.97
C ALA F 148 36.04 -3.21 -33.19
N PHE F 149 36.86 -4.27 -33.27
CA PHE F 149 38.18 -4.23 -32.65
C PHE F 149 39.04 -3.13 -33.26
N LEU F 150 39.02 -3.02 -34.60
CA LEU F 150 39.76 -1.96 -35.28
C LEU F 150 39.24 -0.59 -34.89
N ALA F 151 37.92 -0.48 -34.70
CA ALA F 151 37.35 0.79 -34.23
C ALA F 151 37.88 1.15 -32.86
N VAL F 152 37.99 0.17 -31.96
CA VAL F 152 38.60 0.41 -30.65
C VAL F 152 40.03 0.89 -30.83
N TYR F 153 40.81 0.18 -31.64
CA TYR F 153 42.19 0.55 -31.89
C TYR F 153 42.30 1.97 -32.45
N TYR F 154 41.41 2.33 -33.39
CA TYR F 154 41.46 3.66 -33.98
C TYR F 154 41.17 4.73 -32.94
N LEU F 155 40.14 4.52 -32.11
CA LEU F 155 39.79 5.52 -31.10
C LEU F 155 40.89 5.68 -30.07
N ILE F 156 41.59 4.60 -29.72
CA ILE F 156 42.65 4.68 -28.74
C ILE F 156 43.86 5.41 -29.30
N CYS F 157 44.25 5.11 -30.54
CA CYS F 157 45.41 5.71 -31.16
C CYS F 157 45.12 7.02 -31.88
N GLY F 158 43.84 7.41 -31.97
CA GLY F 158 43.47 8.59 -32.71
C GLY F 158 42.98 9.72 -31.82
N PRO F 159 41.66 9.87 -31.73
CA PRO F 159 41.11 11.02 -30.98
C PRO F 159 41.45 11.01 -29.50
N LEU F 160 41.43 9.84 -28.85
CA LEU F 160 41.75 9.78 -27.43
C LEU F 160 43.21 10.12 -27.18
N LEU F 161 44.11 9.64 -28.05
CA LEU F 161 45.51 10.01 -27.94
C LEU F 161 45.73 11.49 -28.21
N LEU F 162 45.02 12.04 -29.19
CA LEU F 162 45.07 13.48 -29.44
C LEU F 162 44.55 14.27 -28.25
N GLU F 163 43.58 13.71 -27.52
CA GLU F 163 43.03 14.39 -26.34
C GLU F 163 43.93 14.23 -25.13
N ALA F 164 44.72 13.15 -25.07
CA ALA F 164 45.60 12.95 -23.92
C ALA F 164 46.65 14.03 -23.81
N ARG F 165 47.26 14.42 -24.93
CA ARG F 165 48.26 15.48 -24.91
C ARG F 165 47.67 16.84 -24.57
N VAL F 166 46.38 17.04 -24.82
CA VAL F 166 45.74 18.30 -24.44
C VAL F 166 45.58 18.39 -22.93
N THR F 167 45.29 17.26 -22.27
CA THR F 167 45.13 17.26 -20.82
C THR F 167 46.42 17.65 -20.10
N GLY F 168 47.54 17.14 -20.57
CA GLY F 168 48.82 17.45 -19.97
C GLY F 168 49.87 16.44 -20.34
N ALA F 169 51.12 16.81 -20.06
CA ALA F 169 52.24 15.92 -20.38
C ALA F 169 52.21 14.67 -19.51
N ASP F 170 51.83 14.80 -18.23
CA ASP F 170 51.76 13.64 -17.35
C ASP F 170 50.64 12.70 -17.78
N HIS F 171 49.47 13.25 -18.10
CA HIS F 171 48.37 12.41 -18.56
C HIS F 171 48.66 11.80 -19.93
N ARG F 172 49.50 12.46 -20.74
CA ARG F 172 49.87 11.90 -22.04
C ARG F 172 50.78 10.69 -21.87
N ARG F 173 51.81 10.80 -21.03
CA ARG F 173 52.74 9.69 -20.83
C ARG F 173 52.02 8.49 -20.22
N LEU F 174 51.20 8.72 -19.19
CA LEU F 174 50.45 7.64 -18.57
C LEU F 174 49.55 6.95 -19.60
N TYR F 175 48.82 7.74 -20.39
CA TYR F 175 47.91 7.17 -21.38
C TYR F 175 48.67 6.34 -22.40
N LEU F 176 49.76 6.88 -22.94
CA LEU F 176 50.51 6.17 -23.97
C LEU F 176 51.20 4.94 -23.41
N ARG F 177 51.62 5.00 -22.14
CA ARG F 177 52.25 3.85 -21.50
C ARG F 177 51.26 2.72 -21.26
N ASN F 178 50.03 3.05 -20.84
CA ASN F 178 49.03 2.02 -20.55
C ASN F 178 48.32 1.53 -21.82
N ALA F 179 48.10 2.41 -22.79
CA ALA F 179 47.41 2.00 -24.01
C ALA F 179 48.25 1.04 -24.85
N VAL F 180 49.57 1.22 -24.84
CA VAL F 180 50.45 0.31 -25.59
C VAL F 180 50.38 -1.10 -25.00
N VAL F 181 50.50 -1.20 -23.67
CA VAL F 181 50.46 -2.50 -23.02
C VAL F 181 49.09 -3.15 -23.21
N LEU F 182 48.03 -2.37 -23.01
CA LEU F 182 46.68 -2.90 -23.19
C LEU F 182 46.46 -3.39 -24.62
N SER F 183 46.92 -2.61 -25.61
CA SER F 183 46.66 -2.96 -27.00
C SER F 183 47.46 -4.19 -27.43
N VAL F 184 48.65 -4.39 -26.87
CA VAL F 184 49.43 -5.58 -27.19
C VAL F 184 48.79 -6.82 -26.60
N ILE F 185 48.27 -6.72 -25.36
CA ILE F 185 47.66 -7.87 -24.72
C ILE F 185 46.33 -8.22 -25.39
N TRP F 186 45.52 -7.21 -25.71
CA TRP F 186 44.21 -7.46 -26.31
C TRP F 186 44.30 -8.08 -27.70
N PHE F 187 45.42 -7.89 -28.40
CA PHE F 187 45.52 -8.44 -29.75
C PHE F 187 45.54 -9.96 -29.74
N LEU F 188 46.04 -10.57 -28.66
CA LEU F 188 46.13 -12.03 -28.61
C LEU F 188 44.78 -12.70 -28.44
N TYR F 189 43.76 -11.96 -28.02
CA TYR F 189 42.42 -12.56 -27.85
C TYR F 189 41.86 -13.08 -29.15
N PRO F 190 41.72 -12.28 -30.22
CA PRO F 190 41.23 -12.85 -31.48
C PRO F 190 42.12 -13.92 -32.07
N VAL F 191 43.42 -13.88 -31.77
CA VAL F 191 44.32 -14.94 -32.22
C VAL F 191 43.94 -16.26 -31.57
N ASN F 192 43.63 -16.24 -30.27
CA ASN F 192 43.22 -17.46 -29.58
C ASN F 192 41.89 -17.97 -30.11
N PHE F 193 40.92 -17.07 -30.28
CA PHE F 193 39.65 -17.47 -30.89
C PHE F 193 39.87 -18.09 -32.27
N LEU F 194 40.72 -17.48 -33.08
CA LEU F 194 40.95 -17.96 -34.43
C LEU F 194 41.52 -19.38 -34.42
N LEU F 195 42.44 -19.66 -33.50
CA LEU F 195 43.11 -20.95 -33.47
C LEU F 195 42.53 -21.91 -32.43
N GLY F 196 41.74 -21.41 -31.48
CA GLY F 196 41.15 -22.26 -30.47
C GLY F 196 40.01 -23.10 -31.00
N ASN F 197 39.40 -23.86 -30.08
CA ASN F 197 38.32 -24.76 -30.47
C ASN F 197 36.99 -24.04 -30.72
N GLU F 198 36.89 -22.76 -30.38
CA GLU F 198 35.76 -21.95 -30.82
C GLU F 198 36.02 -21.26 -32.15
N GLY F 199 37.00 -21.74 -32.91
CA GLY F 199 37.32 -21.20 -34.22
C GLY F 199 37.75 -22.27 -35.20
N LEU F 200 39.02 -22.22 -35.63
CA LEU F 200 39.51 -23.18 -36.61
C LEU F 200 39.81 -24.53 -35.98
N GLY F 201 40.15 -24.56 -34.68
CA GLY F 201 40.45 -25.81 -34.02
C GLY F 201 41.88 -26.24 -34.08
N GLN F 202 42.83 -25.29 -34.08
CA GLN F 202 44.24 -25.66 -34.01
C GLN F 202 44.56 -26.40 -32.71
N TRP F 203 44.02 -25.91 -31.60
CA TRP F 203 44.12 -26.60 -30.33
C TRP F 203 42.72 -26.76 -29.73
N GLY F 204 42.64 -27.59 -28.69
CA GLY F 204 41.35 -27.97 -28.12
C GLY F 204 40.85 -26.98 -27.09
N GLY F 205 39.76 -27.37 -26.44
CA GLY F 205 39.11 -26.49 -25.48
C GLY F 205 39.92 -26.24 -24.23
N THR F 206 40.71 -27.22 -23.79
CA THR F 206 41.56 -27.03 -22.62
C THR F 206 42.60 -25.95 -22.88
N ALA F 207 43.35 -26.09 -23.98
CA ALA F 207 44.35 -25.07 -24.33
C ALA F 207 43.69 -23.73 -24.60
N THR F 208 42.49 -23.73 -25.19
CA THR F 208 41.77 -22.49 -25.42
C THR F 208 41.40 -21.83 -24.11
N THR F 209 40.86 -22.61 -23.16
CA THR F 209 40.51 -22.08 -21.85
C THR F 209 41.74 -21.59 -21.10
N ALA F 210 42.84 -22.35 -21.20
CA ALA F 210 44.08 -21.96 -20.51
C ALA F 210 44.58 -20.63 -21.03
N ILE F 211 44.65 -20.47 -22.36
CA ILE F 211 45.15 -19.23 -22.95
C ILE F 211 44.25 -18.06 -22.57
N TYR F 212 42.93 -18.29 -22.57
CA TYR F 212 42.01 -17.24 -22.13
C TYR F 212 42.20 -16.89 -20.66
N THR F 213 42.49 -17.90 -19.83
CA THR F 213 42.76 -17.64 -18.42
C THR F 213 43.99 -16.77 -18.25
N LEU F 214 45.11 -17.18 -18.86
CA LEU F 214 46.34 -16.42 -18.76
C LEU F 214 46.17 -15.02 -19.36
N LEU F 215 45.47 -14.93 -20.49
CA LEU F 215 45.23 -13.62 -21.10
C LEU F 215 44.38 -12.74 -20.20
N ASP F 216 43.41 -13.34 -19.49
CA ASP F 216 42.58 -12.57 -18.57
C ASP F 216 43.40 -12.09 -17.38
N LEU F 217 44.21 -12.96 -16.79
CA LEU F 217 45.07 -12.56 -15.69
C LEU F 217 46.02 -11.43 -16.11
N ALA F 218 46.48 -11.47 -17.36
CA ALA F 218 47.41 -10.45 -17.84
C ALA F 218 46.69 -9.13 -18.10
N SER F 219 45.57 -9.17 -18.82
CA SER F 219 44.86 -7.95 -19.18
C SER F 219 44.15 -7.31 -17.98
N LYS F 220 43.82 -8.09 -16.95
CA LYS F 220 43.07 -7.58 -15.81
C LYS F 220 43.94 -7.42 -14.57
N ALA F 221 44.59 -8.48 -14.10
CA ALA F 221 45.40 -8.40 -12.90
C ALA F 221 46.76 -7.75 -13.18
N ALA F 222 47.52 -8.32 -14.12
CA ALA F 222 48.85 -7.79 -14.42
C ALA F 222 48.76 -6.36 -14.94
N TYR F 223 47.94 -6.13 -15.97
CA TYR F 223 47.79 -4.78 -16.51
C TYR F 223 47.15 -3.85 -15.48
N GLY F 224 46.20 -4.37 -14.70
CA GLY F 224 45.51 -3.52 -13.74
C GLY F 224 46.45 -2.91 -12.71
N PHE F 225 47.31 -3.74 -12.13
CA PHE F 225 48.27 -3.22 -11.16
C PHE F 225 49.38 -2.43 -11.84
N PHE F 226 49.73 -2.79 -13.08
CA PHE F 226 50.61 -1.94 -13.87
C PHE F 226 49.99 -0.57 -14.09
N ALA F 227 48.71 -0.53 -14.46
CA ALA F 227 48.05 0.73 -14.76
C ALA F 227 47.83 1.56 -13.50
N ILE F 228 47.26 0.96 -12.46
CA ILE F 228 46.86 1.74 -11.29
C ILE F 228 48.07 2.30 -10.56
N THR F 229 49.22 1.63 -10.63
CA THR F 229 50.43 2.23 -10.08
C THR F 229 50.92 3.39 -10.94
N GLY F 230 50.55 3.42 -12.22
CA GLY F 230 50.86 4.57 -13.03
C GLY F 230 50.04 5.79 -12.65
N VAL F 231 48.77 5.58 -12.28
CA VAL F 231 47.93 6.71 -11.90
C VAL F 231 48.32 7.21 -10.51
N ARG F 232 48.87 6.34 -9.67
CA ARG F 232 49.33 6.80 -8.36
C ARG F 232 50.62 7.59 -8.49
N ALA F 233 51.52 7.17 -9.39
CA ALA F 233 52.72 7.96 -9.65
C ALA F 233 52.37 9.31 -10.28
N LEU F 234 51.31 9.37 -11.08
CA LEU F 234 50.86 10.64 -11.64
C LEU F 234 50.37 11.58 -10.55
N THR F 235 49.57 11.07 -9.61
CA THR F 235 49.09 11.91 -8.51
C THR F 235 50.25 12.32 -7.60
N ASP F 236 51.19 11.40 -7.34
CA ASP F 236 52.39 11.75 -6.58
C ASP F 236 53.18 12.84 -7.29
N ARG F 237 53.32 12.72 -8.61
CA ARG F 237 54.07 13.72 -9.37
C ARG F 237 53.38 15.07 -9.35
N ALA F 238 52.06 15.09 -9.42
CA ALA F 238 51.29 16.33 -9.42
C ALA F 238 51.01 16.85 -8.02
N GLY F 239 51.67 16.30 -7.00
CA GLY F 239 51.43 16.71 -5.64
C GLY F 239 50.03 16.39 -5.17
N ALA F 240 49.78 15.12 -4.83
CA ALA F 240 48.47 14.71 -4.37
C ALA F 240 48.32 15.01 -2.88
N PRO F 241 47.09 15.22 -2.41
CA PRO F 241 46.89 15.48 -0.99
C PRO F 241 47.37 14.31 -0.13
N ALA F 242 47.77 14.65 1.10
CA ALA F 242 48.19 13.64 2.07
C ALA F 242 47.02 12.90 2.70
N LEU F 243 45.78 13.24 2.33
CA LEU F 243 44.58 12.63 2.87
C LEU F 243 43.87 11.85 1.78
N THR F 244 43.31 10.69 2.15
CA THR F 244 42.42 9.99 1.23
C THR F 244 41.08 10.71 1.15
N LEU F 245 40.28 10.31 0.15
CA LEU F 245 38.97 10.94 -0.02
C LEU F 245 38.09 10.76 1.21
N ASP F 246 38.09 9.56 1.80
CA ASP F 246 37.32 9.33 3.02
C ASP F 246 37.85 10.16 4.18
N GLU F 247 39.18 10.21 4.34
CA GLU F 247 39.77 11.00 5.41
C GLU F 247 39.51 12.49 5.20
N ALA F 248 39.50 12.95 3.94
CA ALA F 248 39.18 14.34 3.68
C ALA F 248 37.72 14.65 3.95
N ALA F 249 36.83 13.70 3.69
CA ALA F 249 35.43 13.89 4.04
C ALA F 249 35.21 13.78 5.53
N ARG F 250 36.09 13.06 6.24
CA ARG F 250 35.99 12.98 7.69
C ARG F 250 36.43 14.29 8.34
N ARG F 251 37.47 14.93 7.81
CA ARG F 251 37.90 16.22 8.35
C ARG F 251 36.84 17.29 8.12
N ALA F 252 36.28 17.34 6.93
CA ALA F 252 35.25 18.33 6.60
C ALA F 252 33.88 17.99 7.16
N GLY F 253 33.74 16.85 7.83
CA GLY F 253 32.48 16.47 8.43
C GLY F 253 32.56 16.40 9.94
N GLY F 254 33.78 16.34 10.47
CA GLY F 254 33.97 16.33 11.91
C GLY F 254 34.02 17.73 12.49
N THR F 255 33.78 17.81 13.80
CA THR F 255 33.74 19.09 14.49
C THR F 255 34.23 18.97 15.92
C1 LFA G . 23.96 -11.35 4.80
C2 LFA G . 23.50 -11.19 6.23
C3 LFA G . 21.99 -11.13 6.37
C4 LFA G . 21.27 -12.45 6.42
C5 LFA G . 21.73 -13.35 7.53
C6 LFA G . 20.64 -14.13 8.21
C7 LFA G . 21.09 -14.84 9.46
C8 LFA G . 21.75 -13.93 10.48
CL CL H . 11.41 -5.08 -9.06
C1 OLA I . 9.83 -17.28 -18.68
O1 OLA I . 8.87 -16.52 -18.97
O2 OLA I . 9.82 -18.46 -19.10
C2 OLA I . 10.97 -16.79 -17.82
C3 OLA I . 11.90 -15.92 -18.66
C4 OLA I . 11.95 -14.49 -18.12
C5 OLA I . 10.55 -13.89 -18.09
C6 OLA I . 10.56 -12.53 -17.38
C7 OLA I . 9.73 -11.50 -18.15
C8 OLA I . 9.82 -10.15 -17.47
C9 OLA I . 9.22 -9.09 -18.36
C10 OLA I . 9.14 -7.71 -17.89
C11 OLA I . 8.59 -7.44 -16.50
C12 OLA I . 8.90 -6.00 -16.12
C13 OLA I . 8.02 -5.01 -16.88
C14 OLA I . 8.76 -3.70 -17.07
C15 OLA I . 8.00 -2.54 -16.45
C16 OLA I . 6.58 -2.44 -16.99
C17 OLA I . 5.98 -1.08 -16.65
C18 OLA I . 4.51 -0.99 -17.05
C1 OLA J . 20.35 12.18 -11.65
O1 OLA J . 19.90 13.33 -11.47
O2 OLA J . 21.33 11.80 -10.97
C2 OLA J . 19.73 11.26 -12.68
C3 OLA J . 18.82 10.25 -11.99
C4 OLA J . 17.47 10.16 -12.69
C5 OLA J . 16.63 9.00 -12.16
C6 OLA J . 15.91 8.27 -13.30
C7 OLA J . 15.97 6.76 -13.10
C8 OLA J . 16.17 6.00 -14.40
C9 OLA J . 14.83 5.72 -15.03
C10 OLA J . 14.44 4.34 -15.38
C11 OLA J . 15.38 3.40 -16.09
C12 OLA J . 14.74 2.02 -16.15
C13 OLA J . 15.41 1.14 -17.21
C14 OLA J . 14.38 0.26 -17.92
C15 OLA J . 13.83 -0.82 -17.02
C16 OLA J . 13.96 -2.21 -17.66
C17 OLA J . 13.18 -3.26 -16.88
C18 OLA J . 13.68 -4.66 -17.21
C1 OLA K . 0.92 -18.17 3.21
O1 OLA K . 1.52 -19.24 3.47
O2 OLA K . -0.20 -18.24 2.65
C2 OLA K . 1.53 -16.84 3.56
C3 OLA K . 1.39 -16.60 5.06
C4 OLA K . 2.71 -16.13 5.67
C5 OLA K . 2.79 -14.60 5.66
C6 OLA K . 4.20 -14.12 5.96
C7 OLA K . 4.37 -13.79 7.45
C8 OLA K . 5.48 -12.78 7.69
C9 OLA K . 5.22 -11.56 6.85
C10 OLA K . 6.33 -10.67 6.47
C11 OLA K . 7.23 -10.06 7.52
C12 OLA K . 8.36 -9.30 6.82
C13 OLA K . 7.82 -8.36 5.76
C14 OLA K . 7.67 -6.94 6.29
C15 OLA K . 9.04 -6.27 6.48
C16 OLA K . 8.93 -5.08 7.41
C17 OLA K . 10.24 -4.32 7.48
C18 OLA K . 10.18 -3.23 8.55
C1 OLA L . 6.67 16.18 -15.90
O1 OLA L . 6.43 17.05 -16.76
O2 OLA L . 7.38 16.48 -14.92
C2 OLA L . 6.10 14.78 -16.03
C3 OLA L . 4.68 14.75 -15.51
C4 OLA L . 4.22 13.32 -15.25
C5 OLA L . 4.48 12.44 -16.46
C6 OLA L . 3.40 11.38 -16.64
C7 OLA L . 3.25 10.99 -18.11
C8 OLA L . 2.13 9.98 -18.29
C9 OLA L . 1.75 9.91 -19.75
C10 OLA L . 0.54 9.17 -20.17
C11 OLA L . 0.33 7.77 -19.66
C12 OLA L . -1.09 7.33 -20.01
C13 OLA L . -1.32 5.86 -19.64
C14 OLA L . -2.48 5.27 -20.44
C15 OLA L . -3.78 6.02 -20.17
C16 OLA L . -4.97 5.20 -20.63
C17 OLA L . -6.29 5.84 -20.21
C18 OLA L . -7.45 4.89 -20.43
C1 OLA M . 13.05 6.84 12.11
O1 OLA M . 13.70 5.80 11.85
O2 OLA M . 13.65 7.79 12.64
C2 OLA M . 11.58 6.94 11.77
C3 OLA M . 10.89 5.59 11.98
C4 OLA M . 10.03 5.22 10.78
C5 OLA M . 9.18 4.00 11.09
C6 OLA M . 8.89 3.14 9.86
C7 OLA M . 8.89 3.95 8.57
C8 OLA M . 8.10 3.21 7.50
C9 OLA M . 9.03 2.36 6.65
C10 OLA M . 8.57 1.04 6.17
C11 OLA M . 8.13 0.02 7.19
C12 OLA M . 7.77 -1.31 6.53
C13 OLA M . 6.34 -1.30 5.97
C14 OLA M . 5.55 -2.48 6.52
C15 OLA M . 4.65 -3.11 5.46
C16 OLA M . 3.73 -2.08 4.80
C17 OLA M . 2.68 -2.77 3.93
C18 OLA M . 1.99 -1.77 3.01
C1 OLA N . 4.91 -25.02 -1.44
O1 OLA N . 5.23 -25.11 -2.65
O2 OLA N . 5.56 -25.68 -0.61
C2 OLA N . 3.76 -24.15 -1.01
C3 OLA N . 3.48 -24.33 0.47
C4 OLA N . 3.57 -22.99 1.21
C5 OLA N . 3.12 -23.12 2.67
C6 OLA N . 4.17 -22.54 3.61
C7 OLA N . 4.50 -23.47 4.76
C8 OLA N . 4.86 -22.68 6.02
C9 OLA N . 3.83 -21.61 6.25
C10 OLA N . 4.24 -20.22 6.57
C11 OLA N . 5.32 -19.94 7.59
C12 OLA N . 5.81 -18.51 7.40
C13 OLA N . 6.71 -18.07 8.54
C14 OLA N . 6.91 -16.55 8.56
C15 OLA N . 7.75 -16.14 9.77
C16 OLA N . 8.14 -14.67 9.70
C17 OLA N . 9.01 -14.38 8.48
C18 OLA N . 9.64 -13.00 8.55
C1 OLA O . 33.79 1.60 -3.97
O1 OLA O . 34.23 2.66 -3.48
O2 OLA O . 33.03 1.67 -4.97
C2 OLA O . 34.17 0.26 -3.40
C3 OLA O . 33.25 -0.83 -3.92
C4 OLA O . 32.68 -1.65 -2.77
C5 OLA O . 33.13 -3.10 -2.84
C6 OLA O . 32.02 -3.98 -3.42
C7 OLA O . 32.53 -5.37 -3.79
C8 OLA O . 32.23 -6.42 -2.72
C9 OLA O . 32.18 -7.78 -3.39
C10 OLA O . 31.68 -8.97 -2.67
C11 OLA O . 32.57 -9.78 -1.75
C12 OLA O . 32.05 -11.21 -1.75
C13 OLA O . 32.81 -12.10 -0.78
C14 OLA O . 32.87 -13.54 -1.30
C15 OLA O . 32.69 -14.55 -0.18
C16 OLA O . 32.53 -15.97 -0.73
C17 OLA O . 31.64 -16.81 0.17
C18 OLA O . 31.52 -18.24 -0.33
C1 OLA P . 35.94 3.34 -0.27
O1 OLA P . 35.70 3.81 -1.40
O2 OLA P . 35.59 3.98 0.74
C2 OLA P . 36.67 2.01 -0.11
C3 OLA P . 35.65 0.88 -0.17
C4 OLA P . 36.12 -0.34 0.62
C5 OLA P . 35.20 -1.53 0.35
C6 OLA P . 35.13 -2.49 1.53
C7 OLA P . 33.90 -3.40 1.41
C8 OLA P . 34.13 -4.77 2.02
C9 OLA P . 32.87 -5.59 1.86
C10 OLA P . 32.64 -6.80 2.66
C11 OLA P . 33.27 -8.14 2.30
C12 OLA P . 33.22 -9.05 3.52
C13 OLA P . 32.76 -10.46 3.15
C14 OLA P . 32.36 -11.23 4.40
C15 OLA P . 32.09 -12.71 4.10
C16 OLA P . 30.62 -12.94 3.73
C17 OLA P . 30.45 -14.22 2.93
C18 OLA P . 30.97 -15.43 3.70
C1 OLA Q . 23.40 -28.03 2.26
O1 OLA Q . 22.14 -28.04 2.39
O2 OLA Q . 23.92 -28.29 1.16
C2 OLA Q . 24.29 -27.72 3.44
C3 OLA Q . 25.29 -26.64 3.03
C4 OLA Q . 25.31 -25.50 4.04
C5 OLA Q . 23.90 -25.02 4.33
C6 OLA Q . 23.83 -24.34 5.69
C7 OLA Q . 23.13 -22.99 5.51
C8 OLA Q . 23.95 -22.07 4.62
C9 OLA Q . 23.75 -20.67 5.15
C10 OLA Q . 24.88 -19.74 5.23
C11 OLA Q . 26.26 -20.29 4.94
C12 OLA Q . 26.58 -19.98 3.48
C13 OLA Q . 27.11 -18.58 3.20
C14 OLA Q . 27.41 -17.78 4.47
C15 OLA Q . 26.97 -16.34 4.32
C16 OLA Q . 27.00 -15.61 5.66
C17 OLA Q . 25.70 -14.85 5.89
C18 OLA Q . 24.54 -15.81 6.15
C1 RET R . 19.01 -12.48 -2.03
C2 RET R . 19.53 -13.90 -1.79
C3 RET R . 21.04 -14.00 -1.71
C4 RET R . 21.60 -13.09 -0.65
C5 RET R . 20.94 -11.74 -0.57
C6 RET R . 19.81 -11.44 -1.23
C7 RET R . 19.04 -10.25 -0.94
C8 RET R . 19.02 -9.16 -1.67
C9 RET R . 18.26 -7.94 -1.41
C10 RET R . 17.19 -7.66 -2.20
C11 RET R . 16.32 -6.52 -2.14
C12 RET R . 15.39 -6.27 -3.06
C13 RET R . 14.48 -5.13 -3.10
C14 RET R . 13.53 -5.09 -4.06
C15 RET R . 12.55 -4.06 -4.27
C16 RET R . 19.11 -12.18 -3.53
C17 RET R . 17.53 -12.44 -1.63
C18 RET R . 21.78 -10.72 0.13
C19 RET R . 18.71 -7.05 -0.30
C20 RET R . 14.68 -4.05 -2.08
C1 LFA S . 0.17 5.22 -28.67
C2 LFA S . -0.45 3.87 -28.95
C3 LFA S . -0.78 3.65 -30.40
C4 LFA S . -1.71 2.49 -30.65
C5 LFA S . -2.23 2.42 -32.06
C6 LFA S . -3.40 1.49 -32.26
C7 LFA S . -4.00 1.54 -33.64
CL CL T . 17.79 -1.74 -33.96
C1 OLA U . 9.71 12.75 -15.84
O1 OLA U . 9.73 13.99 -15.67
O2 OLA U . 10.78 12.11 -15.97
C2 OLA U . 8.39 12.01 -15.86
C3 OLA U . 8.62 10.53 -16.19
C4 OLA U . 7.54 10.00 -17.12
C5 OLA U . 7.62 8.47 -17.21
C6 OLA U . 6.26 7.81 -17.03
C7 OLA U . 6.28 6.40 -17.60
C8 OLA U . 4.99 5.64 -17.31
C9 OLA U . 4.79 4.60 -18.39
C10 OLA U . 3.53 3.88 -18.55
C11 OLA U . 3.46 2.40 -18.33
C12 OLA U . 2.10 1.87 -18.75
C13 OLA U . 1.35 1.28 -17.56
C14 OLA U . 0.11 0.50 -17.98
C15 OLA U . -0.60 1.15 -19.15
C16 OLA U . -2.10 1.18 -18.94
C17 OLA U . -2.85 0.47 -20.05
C18 OLA U . -2.93 -1.02 -19.79
C1 OLA V . 25.31 13.89 -24.38
O1 OLA V . 25.11 15.09 -24.65
O2 OLA V . 24.44 13.24 -23.76
C2 OLA V . 26.60 13.23 -24.78
C3 OLA V . 26.45 11.71 -24.70
C4 OLA V . 26.02 11.14 -26.04
C5 OLA V . 27.08 10.23 -26.64
C6 OLA V . 26.50 9.35 -27.73
C7 OLA V . 26.25 7.93 -27.21
C8 OLA V . 26.24 6.89 -28.32
C9 OLA V . 27.18 5.78 -27.92
C10 OLA V . 26.90 4.36 -28.22
C11 OLA V . 26.04 3.55 -27.28
C12 OLA V . 26.14 2.08 -27.65
C13 OLA V . 25.67 1.18 -26.52
C14 OLA V . 24.99 -0.09 -27.05
C15 OLA V . 26.01 -1.10 -27.51
C16 OLA V . 25.41 -2.14 -28.45
C17 OLA V . 24.26 -2.90 -27.80
C18 OLA V . 23.83 -4.07 -28.67
C1 OLA W . 18.48 -18.81 -30.39
O1 OLA W . 19.34 -18.86 -29.49
O2 OLA W . 17.51 -19.58 -30.35
C2 OLA W . 18.61 -17.81 -31.51
C3 OLA W . 18.12 -16.44 -31.05
C4 OLA W . 19.22 -15.40 -31.16
C5 OLA W . 18.79 -14.07 -30.56
C6 OLA W . 19.20 -12.92 -31.47
C7 OLA W . 20.65 -12.53 -31.24
C8 OLA W . 20.99 -11.20 -31.90
C9 OLA W . 22.36 -10.77 -31.44
C10 OLA W . 22.88 -9.43 -31.78
C11 OLA W . 22.54 -8.80 -33.11
C12 OLA W . 23.69 -7.92 -33.56
C13 OLA W . 24.13 -6.96 -32.46
C14 OLA W . 25.41 -6.23 -32.85
C15 OLA W . 25.11 -5.07 -33.80
C16 OLA W . 26.38 -4.33 -34.23
C17 OLA W . 27.07 -5.03 -35.40
C18 OLA W . 28.10 -4.11 -36.06
C1 OLA X . 30.12 15.12 -48.85
O1 OLA X . 29.66 16.18 -49.33
O2 OLA X . 30.91 15.19 -47.89
C2 OLA X . 29.73 13.78 -49.42
C3 OLA X . 28.36 13.35 -48.90
C4 OLA X . 27.87 12.13 -49.67
C5 OLA X . 26.40 11.83 -49.39
C6 OLA X . 26.11 10.34 -49.53
C7 OLA X . 25.03 10.06 -50.57
C8 OLA X . 24.84 8.55 -50.73
C9 OLA X . 23.66 8.22 -51.60
C10 OLA X . 23.56 6.86 -52.17
C11 OLA X . 24.65 6.39 -53.10
C12 OLA X . 24.93 4.89 -52.92
C13 OLA X . 23.82 4.02 -53.51
C14 OLA X . 24.05 2.56 -53.15
C15 OLA X . 23.22 1.63 -54.02
C16 OLA X . 21.73 1.94 -53.91
C17 OLA X . 20.88 0.76 -54.35
C18 OLA X . 19.41 1.10 -54.34
C1 RET Y . 5.33 -2.29 -30.30
C2 RET Y . 4.13 -3.19 -29.99
C3 RET Y . 3.44 -2.88 -28.67
C4 RET Y . 2.99 -1.43 -28.60
C5 RET Y . 3.92 -0.46 -29.29
C6 RET Y . 5.04 -0.84 -29.91
C7 RET Y . 5.82 0.10 -30.69
C8 RET Y . 7.05 0.53 -30.40
C9 RET Y . 7.85 1.46 -31.17
C10 RET Y . 8.98 1.01 -31.76
C11 RET Y . 9.92 1.77 -32.55
C12 RET Y . 11.04 1.24 -33.06
C13 RET Y . 12.05 1.90 -33.85
C14 RET Y . 13.11 1.20 -34.31
C15 RET Y . 14.21 1.68 -35.10
C16 RET Y . 6.53 -2.81 -29.50
C17 RET Y . 5.65 -2.40 -31.80
C18 RET Y . 3.58 0.97 -28.95
C19 RET Y . 7.40 2.88 -31.25
C20 RET Y . 11.89 3.39 -34.10
C1 LFA Z . -45.85 12.24 25.42
C2 LFA Z . -45.35 13.66 25.34
C3 LFA Z . -44.79 14.16 26.65
C4 LFA Z . -45.75 13.97 27.79
C5 LFA Z . -45.27 14.50 29.12
C6 LFA Z . -45.20 16.00 29.20
C7 LFA Z . -46.52 16.69 28.93
C8 LFA Z . -46.57 18.13 29.38
C1 LFA AA . -43.32 26.10 24.45
C2 LFA AA . -43.52 24.81 25.22
C3 LFA AA . -44.21 23.73 24.41
C4 LFA AA . -44.63 22.50 25.20
C5 LFA AA . -45.62 21.63 24.47
C6 LFA AA . -46.38 20.65 25.35
C7 LFA AA . -45.63 19.39 25.70
C8 LFA AA . -45.48 18.42 24.54
C9 LFA AA . -46.74 17.67 24.19
C10 LFA AA . -46.61 16.75 23.00
C11 LFA AA . -46.78 17.44 21.66
C12 LFA AA . -48.22 17.85 21.36
C3 LFA BA . -30.05 -11.44 46.41
C4 LFA BA . -31.18 -12.04 45.59
C5 LFA BA . -30.72 -13.06 44.58
C6 LFA BA . -31.83 -13.74 43.81
C7 LFA BA . -32.68 -14.67 44.64
C8 LFA BA . -31.90 -15.78 45.30
C9 LFA BA . -32.75 -16.74 46.11
C1 LFA CA . -30.56 19.88 49.01
C2 LFA CA . -29.64 19.30 50.05
C3 LFA CA . -29.16 17.90 49.75
C4 LFA CA . -30.25 16.86 49.69
C5 LFA CA . -29.75 15.44 49.63
C6 LFA CA . -30.76 14.41 50.10
CL CL DA . -27.67 6.49 33.05
C1 OLA EA . -30.68 -11.40 24.79
O1 OLA EA . -31.61 -11.91 25.46
O2 OLA EA . -30.94 -10.96 23.64
C2 OLA EA . -29.28 -11.32 25.34
C3 OLA EA . -28.96 -9.87 25.67
C4 OLA EA . -28.16 -9.75 26.96
C5 OLA EA . -28.33 -8.35 27.56
C6 OLA EA . -27.01 -7.83 28.14
C7 OLA EA . -27.05 -6.31 28.30
C8 OLA EA . -25.68 -5.73 28.63
C9 OLA EA . -25.12 -5.07 27.39
C10 OLA EA . -23.89 -4.27 27.41
C11 OLA EA . -23.90 -2.82 27.83
C12 OLA EA . -23.01 -2.04 26.86
C13 OLA EA . -22.81 -0.59 27.27
C14 OLA EA . -21.36 -0.32 27.67
C15 OLA EA . -21.22 0.92 28.53
C16 OLA EA . -21.57 2.19 27.76
C17 OLA EA . -21.12 3.43 28.54
C18 OLA EA . -21.29 4.70 27.72
C1 OLA FA . -16.36 18.21 30.98
O1 OLA FA . -16.19 19.11 30.11
O2 OLA FA . -15.49 18.06 31.86
C2 OLA FA . -17.58 17.34 30.95
C3 OLA FA . -18.04 17.12 29.51
C4 OLA FA . -18.05 15.63 29.16
C5 OLA FA . -18.97 14.87 30.09
C6 OLA FA . -18.44 13.46 30.33
C7 OLA FA . -19.31 12.43 29.61
C8 OLA FA . -19.05 11.01 30.12
C9 OLA FA . -18.89 11.04 31.63
C10 OLA FA . -18.55 9.80 32.35
C11 OLA FA . -19.13 8.48 31.89
C12 OLA FA . -19.04 7.48 33.03
C13 OLA FA . -19.06 6.05 32.50
C14 OLA FA . -20.16 5.24 33.18
C15 OLA FA . -19.73 3.79 33.35
C16 OLA FA . -18.82 3.64 34.57
C17 OLA FA . -19.29 2.47 35.42
C18 OLA FA . -18.38 2.27 36.64
C1 OLA GA . -21.23 -9.57 34.48
O1 OLA GA . -20.91 -10.41 35.35
O2 OLA GA . -21.65 -9.97 33.38
C2 OLA GA . -21.10 -8.09 34.78
C3 OLA GA . -19.92 -7.86 35.72
C4 OLA GA . -18.97 -6.82 35.14
C5 OLA GA . -19.45 -5.40 35.43
C6 OLA GA . -18.33 -4.51 35.96
C7 OLA GA . -18.13 -4.67 37.46
C8 OLA GA . -18.01 -3.33 38.17
C9 OLA GA . -17.12 -2.39 37.39
C10 OLA GA . -16.21 -1.46 38.08
C11 OLA GA . -16.48 -0.99 39.49
C12 OLA GA . -15.30 -0.12 39.92
C13 OLA GA . -15.23 0.03 41.45
C14 OLA GA . -14.37 1.24 41.80
C15 OLA GA . -13.42 0.94 42.96
C16 OLA GA . -12.37 2.04 43.10
C17 OLA GA . -13.00 3.35 43.57
C18 OLA GA . -11.95 4.46 43.63
C1 RET HA . -36.64 14.44 27.77
C2 RET HA . -36.99 15.86 27.30
C3 RET HA . -37.56 15.92 25.89
C4 RET HA . -38.79 15.05 25.75
C5 RET HA . -38.73 13.76 26.52
C6 RET HA . -37.71 13.44 27.33
C7 RET HA . -37.78 12.30 28.22
C8 RET HA . -37.09 11.18 28.15
C9 RET HA . -37.16 10.04 29.04
C10 RET HA . -36.10 9.75 29.83
C11 RET HA . -35.96 8.67 30.76
C12 RET HA . -34.79 8.25 31.22
C13 RET HA . -34.54 7.16 32.14
C14 RET HA . -33.36 7.11 32.81
C15 RET HA . -32.92 6.12 33.76
C16 RET HA . -35.28 14.06 27.18
C17 RET HA . -36.53 14.46 29.30
C18 RET HA . -39.81 12.80 26.10
C19 RET HA . -38.43 9.24 29.05
C20 RET HA . -35.58 6.10 32.27
C1 LFA IA . 1.87 19.54 -2.21
C2 LFA IA . 2.24 18.53 -3.27
C3 LFA IA . 3.24 17.50 -2.79
C4 LFA IA . 3.62 16.45 -3.80
C5 LFA IA . 2.47 15.64 -4.36
C6 LFA IA . 1.71 14.82 -3.35
C7 LFA IA . 0.55 14.05 -3.94
CL CL JA . -28.39 10.36 7.54
C1 OLA KA . -15.39 -10.90 5.53
O1 OLA KA . -15.99 -11.22 4.49
O2 OLA KA . -14.95 -11.80 6.28
C2 OLA KA . -15.21 -9.45 5.92
C3 OLA KA . -14.05 -8.85 5.14
C4 OLA KA . -13.91 -7.37 5.46
C5 OLA KA . -13.14 -6.63 4.39
C6 OLA KA . -12.88 -5.18 4.77
C7 OLA KA . -11.58 -4.68 4.17
C8 OLA KA . -11.32 -3.22 4.48
C9 OLA KA . -9.89 -2.90 4.07
C10 OLA KA . -9.32 -1.57 4.29
C11 OLA KA . -9.80 -0.39 3.47
C12 OLA KA . -9.01 0.85 3.85
C13 OLA KA . -7.51 0.67 3.61
C14 OLA KA . -7.00 1.67 2.57
C15 OLA KA . -5.57 1.35 2.17
C16 OLA KA . -4.94 2.53 1.43
C17 OLA KA . -4.48 3.61 2.42
C18 OLA KA . -4.04 4.86 1.68
C1 OLA LA . -32.77 -8.78 11.24
O1 OLA LA . -32.75 -8.74 9.99
O2 OLA LA . -32.04 -9.61 11.82
C2 OLA LA . -33.67 -7.85 12.04
C3 OLA LA . -32.95 -6.54 12.34
C4 OLA LA . -33.62 -5.36 11.65
C5 OLA LA . -33.12 -4.03 12.21
C6 OLA LA . -33.84 -2.84 11.59
C7 OLA LA . -34.23 -1.78 12.62
C8 OLA LA . -33.03 -0.97 13.11
C9 OLA LA . -33.52 0.32 13.74
C10 OLA LA . -32.57 1.34 14.21
C11 OLA LA . -31.58 1.01 15.30
C12 OLA LA . -30.43 2.02 15.31
C13 OLA LA . -30.78 3.28 16.11
C14 OLA LA . -30.10 4.50 15.48
C15 OLA LA . -29.89 5.64 16.48
C16 OLA LA . -29.60 6.93 15.75
C17 OLA LA . -28.53 7.77 16.46
C18 OLA LA . -28.32 9.10 15.75
C1 OLA MA . -22.22 23.01 17.19
O1 OLA MA . -21.24 23.17 16.44
O2 OLA MA . -22.18 23.49 18.35
C2 OLA MA . -23.42 22.23 16.72
C3 OLA MA . -22.97 20.98 15.99
C4 OLA MA . -23.76 19.77 16.46
C5 OLA MA . -23.40 18.52 15.66
C6 OLA MA . -24.64 17.95 14.98
C7 OLA MA . -25.29 16.87 15.83
C8 OLA MA . -26.67 16.51 15.30
C9 OLA MA . -27.01 15.09 15.66
C10 OLA MA . -28.22 14.46 15.13
C11 OLA MA . -29.56 15.11 15.33
C12 OLA MA . -30.64 14.23 14.72
C13 OLA MA . -30.46 12.76 15.09
C14 OLA MA . -31.63 11.92 14.57
C15 OLA MA . -32.95 12.52 15.01
C16 OLA MA . -34.12 11.74 14.47
C17 OLA MA . -35.41 12.55 14.54
C18 OLA MA . -36.63 11.70 14.22
C1 OLA NA . -25.31 27.39 -7.03
O1 OLA NA . -24.55 27.35 -8.02
O2 OLA NA . -25.75 28.50 -6.65
C2 OLA NA . -25.67 26.12 -6.29
C3 OLA NA . -26.82 25.42 -7.02
C4 OLA NA . -26.37 24.08 -7.58
C5 OLA NA . -27.50 23.41 -8.35
C6 OLA NA . -27.18 21.95 -8.66
C7 OLA NA . -28.37 21.05 -8.36
C8 OLA NA . -28.50 19.92 -9.38
C9 OLA NA . -27.15 19.37 -9.74
C10 OLA NA . -27.00 17.96 -10.11
C11 OLA NA . -27.53 16.89 -9.19
C12 OLA NA . -26.84 15.55 -9.47
C13 OLA NA . -27.23 14.50 -8.45
C14 OLA NA . -28.15 13.44 -9.04
C15 OLA NA . -28.81 12.59 -7.96
C16 OLA NA . -29.48 11.36 -8.55
C17 OLA NA . -28.48 10.26 -8.82
C18 OLA NA . -29.14 9.08 -9.54
C1 OLA OA . 6.15 17.66 3.89
O1 OLA OA . 5.99 18.52 2.98
O2 OLA OA . 6.86 17.92 4.88
C2 OLA OA . 5.47 16.31 3.76
C3 OLA OA . 5.82 15.71 2.42
C4 OLA OA . 4.59 15.44 1.57
C5 OLA OA . 3.56 14.59 2.31
C6 OLA OA . 2.74 13.78 1.30
C7 OLA OA . 2.01 12.62 1.96
C8 OLA OA . 1.44 11.66 0.92
C9 OLA OA . 1.38 10.28 1.53
C10 OLA OA . 1.41 9.07 0.71
C11 OLA OA . 0.18 8.49 0.09
C12 OLA OA . 0.45 6.99 -0.13
C13 OLA OA . -0.61 6.30 -0.97
C14 OLA OA . -0.50 4.79 -0.82
C15 OLA OA . -0.83 4.08 -2.13
C16 OLA OA . -0.85 2.57 -1.95
C17 OLA OA . 0.44 2.07 -1.32
C18 OLA OA . 0.47 0.55 -1.24
C1 OLA PA . -33.35 32.17 5.04
O1 OLA PA . -33.30 31.88 6.25
O2 OLA PA . -33.53 33.36 4.70
C2 OLA PA . -33.19 31.09 3.98
C3 OLA PA . -34.08 29.89 4.29
C4 OLA PA . -35.13 29.73 3.21
C5 OLA PA . -35.86 28.39 3.32
C6 OLA PA . -36.50 28.04 1.97
C7 OLA PA . -36.45 26.54 1.68
C8 OLA PA . -37.73 25.85 2.14
C9 OLA PA . -37.84 24.48 1.51
C10 OLA PA . -38.93 23.59 1.95
C11 OLA PA . -39.44 23.72 3.36
C12 OLA PA . -40.45 22.61 3.66
C13 OLA PA . -40.76 22.54 5.14
C14 OLA PA . -40.69 21.09 5.62
C15 OLA PA . -41.56 20.85 6.85
C16 OLA PA . -42.03 19.40 6.88
C17 OLA PA . -42.62 18.99 5.54
C18 OLA PA . -43.33 17.65 5.62
C1 OLA QA . -14.57 -13.05 1.92
O1 OLA QA . -15.39 -13.39 2.81
O2 OLA QA . -14.93 -13.05 0.73
C2 OLA QA . -13.16 -12.67 2.30
C3 OLA QA . -12.41 -12.15 1.08
C4 OLA QA . -11.46 -11.01 1.46
C5 OLA QA . -12.14 -9.65 1.39
C6 OLA QA . -11.43 -8.76 0.38
C7 OLA QA . -11.03 -7.41 0.98
C8 OLA QA . -10.71 -6.39 -0.12
C9 OLA QA . -10.72 -5.02 0.50
C10 OLA QA . -10.49 -3.81 -0.31
C11 OLA QA . -9.13 -3.50 -0.90
C12 OLA QA . -8.93 -1.99 -0.81
C13 OLA QA . -7.76 -1.50 -1.66
C14 OLA QA . -7.37 -0.09 -1.23
C15 OLA QA . -7.45 0.89 -2.41
C16 OLA QA . -7.20 2.32 -1.98
C17 OLA QA . -7.51 3.29 -3.11
C18 OLA QA . -6.84 4.65 -2.85
C1 RET RA . -17.10 10.27 1.29
C2 RET RA . -15.79 11.01 1.01
C3 RET RA . -14.56 10.12 1.09
C4 RET RA . -14.66 8.94 0.14
C5 RET RA . -16.04 8.35 0.02
C6 RET RA . -17.12 8.90 0.61
C7 RET RA . -18.46 8.46 0.28
C8 RET RA . -19.23 7.68 1.00
C9 RET RA . -20.58 7.25 0.68
C10 RET RA . -21.64 7.84 1.28
C11 RET RA . -23.03 7.55 1.11
C12 RET RA . -23.97 7.97 1.97
C13 RET RA . -25.40 7.71 1.90
C14 RET RA . -26.22 8.37 2.75
C15 RET RA . -27.65 8.25 2.85
C16 RET RA . -17.25 10.11 2.81
C17 RET RA . -18.26 11.13 0.77
C18 RET RA . -16.03 6.98 -0.60
C19 RET RA . -20.74 6.11 -0.30
C20 RET RA . -25.89 6.71 0.89
C1 LFA SA . 3.35 14.48 9.45
C2 LFA SA . 3.39 13.48 8.32
C3 LFA SA . 3.30 14.09 6.93
C4 LFA SA . 3.51 13.09 5.82
C5 LFA SA . 2.46 11.99 5.78
C6 LFA SA . 2.91 10.72 5.09
C7 LFA SA . 4.13 10.10 5.73
C8 LFA SA . 4.46 8.71 5.24
C9 LFA SA . 5.60 8.09 6.01
C10 LFA SA . 5.82 6.60 5.77
C11 LFA SA . 4.63 5.73 6.10
C12 LFA SA . 4.96 4.26 6.24
C13 LFA SA . 3.77 3.36 6.44
C14 LFA SA . 2.89 3.21 5.22
C15 LFA SA . 1.82 2.15 5.36
C1 LFA TA . -4.42 -10.16 1.07
C2 LFA TA . -4.13 -11.65 1.02
C3 LFA TA . -3.67 -12.13 -0.33
C4 LFA TA . -3.30 -13.59 -0.41
C5 LFA TA . -4.47 -14.54 -0.24
C6 LFA TA . -4.08 -16.00 -0.29
C7 LFA TA . -5.25 -16.96 -0.25
C1 LFA UA . 5.47 -10.72 21.82
C2 LFA UA . 4.54 -10.76 23.01
C3 LFA UA . 3.73 -12.04 23.07
C4 LFA UA . 2.91 -12.31 21.84
C5 LFA UA . 2.19 -13.64 21.85
C6 LFA UA . 3.09 -14.80 22.17
C7 LFA UA . 2.36 -16.11 22.39
C8 LFA UA . 3.24 -17.25 22.84
C9 LFA UA . 3.82 -17.08 24.22
C10 LFA UA . 4.47 -18.33 24.76
C11 LFA UA . 3.52 -19.48 24.94
C1 LFA VA . 3.81 -11.94 15.34
C2 LFA VA . 4.91 -12.69 16.04
C3 LFA VA . 4.71 -14.18 16.10
C4 LFA VA . 3.64 -14.66 17.07
C5 LFA VA . 3.24 -16.10 16.87
C6 LFA VA . 2.49 -16.34 15.57
C7 LFA VA . 2.04 -17.75 15.37
C8 LFA VA . 3.17 -18.74 15.22
C9 LFA VA . 2.91 -20.08 15.87
C10 LFA VA . 2.54 -19.97 17.33
C11 LFA VA . 2.70 -21.26 18.11
CL CL WA . -7.22 0.46 18.53
C1 OLA XA . -20.00 -14.56 16.06
O1 OLA XA . -20.77 -14.20 16.97
O2 OLA XA . -19.22 -15.53 16.28
C2 OLA XA . -20.00 -13.88 14.72
C3 OLA XA . -20.31 -12.39 14.92
C4 OLA XA . -19.64 -11.53 13.85
C5 OLA XA . -18.13 -11.72 13.87
C6 OLA XA . -17.44 -10.47 14.39
C7 OLA XA . -16.96 -9.58 13.26
C8 OLA XA . -17.09 -8.10 13.60
C9 OLA XA . -16.31 -7.28 12.60
C10 OLA XA . -15.98 -5.88 12.86
C11 OLA XA . -17.06 -4.83 12.98
C12 OLA XA . -16.40 -3.49 13.28
C13 OLA XA . -17.43 -2.37 13.39
C14 OLA XA . -16.88 -1.21 14.24
C15 OLA XA . -16.00 -0.28 13.41
C16 OLA XA . -15.32 0.74 14.32
C17 OLA XA . -14.87 1.97 13.54
C18 OLA XA . -14.19 2.98 14.46
C1 OLA YA . -8.84 15.35 17.84
O1 OLA YA . -9.94 15.81 18.18
O2 OLA YA . -7.87 16.13 17.71
C2 OLA YA . -8.66 13.87 17.58
C3 OLA YA . -9.61 13.47 16.44
C4 OLA YA . -10.38 12.20 16.77
C5 OLA YA . -9.42 11.08 17.17
C6 OLA YA . -9.62 9.85 16.29
C7 OLA YA . -9.80 10.21 14.83
C8 OLA YA . -10.42 9.05 14.06
C9 OLA YA . -9.37 7.99 13.83
C10 OLA YA . -9.73 6.80 13.05
C11 OLA YA . -11.11 6.22 13.23
C12 OLA YA . -11.27 5.00 12.33
C13 OLA YA . -10.18 3.98 12.62
C14 OLA YA . -10.13 2.91 11.53
C15 OLA YA . -9.58 3.48 10.23
C16 OLA YA . -9.26 2.36 9.26
C17 OLA YA . -8.18 2.78 8.27
C18 OLA YA . -8.06 1.76 7.14
C1 OLA ZA . 13.87 10.91 15.27
O1 OLA ZA . 13.14 10.98 14.26
O2 OLA ZA . 14.16 11.96 15.88
C2 OLA ZA . 14.40 9.59 15.75
C3 OLA ZA . 13.41 8.96 16.73
C4 OLA ZA . 14.14 8.30 17.89
C5 OLA ZA . 13.73 6.84 18.06
C6 OLA ZA . 12.24 6.64 17.81
C7 OLA ZA . 12.01 5.71 16.62
C8 OLA ZA . 11.45 4.36 17.04
C9 OLA ZA . 12.57 3.49 17.56
C10 OLA ZA . 12.59 2.07 17.20
C11 OLA ZA . 11.44 1.53 16.38
C12 OLA ZA . 11.03 0.16 16.91
C13 OLA ZA . 12.11 -0.89 16.73
C14 OLA ZA . 11.93 -2.05 17.71
C15 OLA ZA . 11.05 -3.15 17.13
C16 OLA ZA . 9.57 -2.91 17.42
C17 OLA ZA . 8.68 -3.86 16.63
C18 OLA ZA . 8.83 -5.29 17.11
C1 OLA AB . 11.84 4.94 24.76
O1 OLA AB . 10.81 5.33 24.16
O2 OLA AB . 12.92 5.54 24.60
C2 OLA AB . 11.75 3.73 25.67
C3 OLA AB . 10.50 2.94 25.36
C4 OLA AB . 10.83 1.52 24.90
C5 OLA AB . 11.26 0.65 26.07
C6 OLA AB . 10.94 -0.82 25.81
C7 OLA AB . 9.74 -1.25 26.64
C8 OLA AB . 9.12 -2.55 26.16
C9 OLA AB . 7.84 -2.76 26.93
C10 OLA AB . 6.62 -3.12 26.22
C11 OLA AB . 6.16 -4.54 26.16
C12 OLA AB . 5.94 -4.94 24.70
C13 OLA AB . 5.26 -6.31 24.59
C14 OLA AB . 5.44 -7.14 25.85
C15 OLA AB . 4.42 -8.26 25.91
C16 OLA AB . 4.99 -9.46 26.65
C17 OLA AB . 3.88 -10.35 27.19
C18 OLA AB . 4.04 -11.79 26.68
C1 RET BB . -6.13 1.92 31.27
C2 RET BB . -5.93 2.91 32.42
C3 RET BB . -6.90 2.75 33.57
C4 RET BB . -6.86 1.34 34.14
C5 RET BB . -6.67 0.26 33.11
C6 RET BB . -6.43 0.51 31.81
C7 RET BB . -6.02 -0.53 30.90
C8 RET BB . -6.79 -1.09 29.97
C9 RET BB . -6.42 -2.12 29.03
C10 RET BB . -6.20 -1.79 27.74
C11 RET BB . -5.84 -2.65 26.65
C12 RET BB . -5.91 -2.29 25.37
C13 RET BB . -5.59 -3.09 24.20
C14 RET BB . -5.42 -2.49 23.00
C15 RET BB . -5.11 -3.11 21.74
C16 RET BB . -7.31 2.40 30.41
C17 RET BB . -4.87 1.90 30.41
C18 RET BB . -7.03 -1.11 33.64
C19 RET BB . -6.30 -3.53 29.54
C20 RET BB . -5.45 -4.58 24.40
CL CL CB . 35.21 -10.67 -17.18
C1 OLA DB . 34.02 8.66 -14.12
O1 OLA DB . 34.37 9.69 -13.52
O2 OLA DB . 34.60 8.35 -15.19
C2 OLA DB . 32.92 7.78 -13.58
C3 OLA DB . 33.49 6.81 -12.54
C4 OLA DB . 33.03 5.39 -12.81
C5 OLA DB . 33.66 4.40 -11.83
C6 OLA DB . 33.65 2.98 -12.38
C7 OLA DB . 32.81 2.04 -11.51
C8 OLA DB . 31.91 1.14 -12.35
C9 OLA DB . 31.34 0.05 -11.48
C10 OLA DB . 30.60 -1.09 -12.04
C11 OLA DB . 29.61 -0.89 -13.16
C12 OLA DB . 28.44 -1.85 -12.99
C13 OLA DB . 28.88 -3.31 -12.89
C14 OLA DB . 27.79 -4.25 -13.37
C15 OLA DB . 28.10 -5.69 -12.95
C16 OLA DB . 27.41 -6.69 -13.88
C17 OLA DB . 27.95 -8.11 -13.66
C18 OLA DB . 27.39 -9.07 -14.70
C1 OLA EB . 25.62 -20.65 -49.88
O1 OLA EB . 25.92 -21.69 -49.26
O2 OLA EB . 24.44 -20.47 -50.24
C2 OLA EB . 26.67 -19.60 -50.19
C3 OLA EB . 26.80 -18.63 -49.02
C4 OLA EB . 28.25 -18.20 -48.82
C5 OLA EB . 28.38 -17.20 -47.68
C6 OLA EB . 29.63 -16.34 -47.81
C7 OLA EB . 29.46 -15.03 -47.04
C8 OLA EB . 30.45 -13.96 -47.46
C9 OLA EB . 30.02 -12.66 -46.82
C10 OLA EB . 30.54 -11.35 -47.24
C11 OLA EB . 31.97 -10.95 -46.97
C12 OLA EB . 32.04 -9.42 -46.91
C13 OLA EB . 33.48 -8.90 -46.92
C14 OLA EB . 33.60 -7.60 -47.69
C15 OLA EB . 33.47 -6.39 -46.78
C16 OLA EB . 33.37 -5.08 -47.58
C17 OLA EB . 31.93 -4.78 -47.97
C18 OLA EB . 31.79 -3.40 -48.60
C1 OLA FB . 38.76 -35.32 -8.88
O1 OLA FB . 38.63 -36.56 -8.90
O2 OLA FB . 38.99 -34.74 -7.80
C2 OLA FB . 38.64 -34.53 -10.17
C3 OLA FB . 38.51 -33.04 -9.88
C4 OLA FB . 39.56 -32.25 -10.66
C5 OLA FB . 39.20 -30.77 -10.73
C6 OLA FB . 40.45 -29.89 -10.76
C7 OLA FB . 40.61 -29.13 -9.45
C8 OLA FB . 41.44 -27.86 -9.62
C9 OLA FB . 42.90 -28.20 -9.72
C10 OLA FB . 43.92 -27.31 -9.13
C11 OLA FB . 43.90 -25.82 -9.36
C12 OLA FB . 44.84 -25.16 -8.36
C13 OLA FB . 44.85 -23.63 -8.51
C14 OLA FB . 45.98 -23.03 -7.67
C15 OLA FB . 45.86 -21.51 -7.54
C16 OLA FB . 46.47 -20.81 -8.74
C17 OLA FB . 46.81 -19.35 -8.42
C18 OLA FB . 47.23 -18.59 -9.67
C1 OLA GB . 24.49 -20.81 -18.16
O1 OLA GB . 23.48 -21.54 -17.96
O2 OLA GB . 25.60 -21.35 -18.28
C2 OLA GB . 24.34 -19.31 -18.26
C3 OLA GB . 25.67 -18.67 -17.90
C4 OLA GB . 25.53 -17.85 -16.61
C5 OLA GB . 26.89 -17.45 -16.08
C6 OLA GB . 26.89 -16.01 -15.56
C7 OLA GB . 27.41 -16.00 -14.14
C8 OLA GB . 28.06 -14.67 -13.79
C9 OLA GB . 28.53 -14.74 -12.37
C10 OLA GB . 28.86 -13.51 -11.63
C11 OLA GB . 29.43 -12.32 -12.36
C12 OLA GB . 30.23 -11.45 -11.38
C13 OLA GB . 29.52 -11.31 -10.04
C14 OLA GB . 30.25 -12.05 -8.93
C15 OLA GB . 31.20 -11.14 -8.16
C16 OLA GB . 31.91 -11.95 -7.08
C17 OLA GB . 32.02 -11.15 -5.79
C18 OLA GB . 30.62 -10.77 -5.29
C1 OLA HB . 54.12 4.71 -6.88
O1 OLA HB . 54.83 5.46 -7.58
O2 OLA HB . 53.32 5.22 -6.07
C2 OLA HB . 54.23 3.20 -7.00
C3 OLA HB . 53.76 2.54 -5.71
C4 OLA HB . 52.34 2.03 -5.86
C5 OLA HB . 52.01 0.91 -4.87
C6 OLA HB . 53.07 -0.18 -4.85
C7 OLA HB . 53.04 -1.02 -6.11
C8 OLA HB . 52.90 -2.52 -5.83
C9 OLA HB . 51.45 -2.87 -5.66
C10 OLA HB . 51.01 -4.28 -5.61
C11 OLA HB . 50.98 -5.13 -6.85
C12 OLA HB . 50.64 -6.56 -6.43
C13 OLA HB . 50.21 -7.44 -7.60
C14 OLA HB . 49.26 -8.53 -7.13
C15 OLA HB . 49.05 -9.61 -8.19
C16 OLA HB . 47.85 -10.49 -7.83
C17 OLA HB . 47.64 -11.59 -8.85
C18 OLA HB . 48.64 -12.73 -8.65
C1 OLA IB . 33.20 7.31 -33.03
O1 OLA IB . 33.74 8.43 -33.12
O2 OLA IB . 32.70 6.97 -31.94
C2 OLA IB . 33.17 6.37 -34.23
C3 OLA IB . 32.57 5.03 -33.82
C4 OLA IB . 33.40 3.85 -34.33
C5 OLA IB . 32.70 2.53 -34.07
C6 OLA IB . 32.45 1.75 -35.36
C7 OLA IB . 32.29 0.26 -35.08
C8 OLA IB . 32.28 -0.57 -36.36
C9 OLA IB . 31.74 -1.95 -36.05
C10 OLA IB . 32.02 -3.10 -36.92
C11 OLA IB . 31.94 -2.98 -38.42
C12 OLA IB . 32.18 -4.37 -39.03
C13 OLA IB . 32.30 -4.31 -40.55
C14 OLA IB . 33.76 -4.25 -40.98
C15 OLA IB . 34.41 -5.63 -40.97
C16 OLA IB . 35.93 -5.51 -40.95
C17 OLA IB . 36.62 -6.85 -41.18
C18 OLA IB . 38.10 -6.77 -40.86
C1 OLA JB . 55.91 -1.20 -8.22
O1 OLA JB . 55.44 -0.08 -8.51
O2 OLA JB . 57.00 -1.27 -7.60
C2 OLA JB . 55.17 -2.47 -8.59
C3 OLA JB . 54.36 -2.25 -9.87
C4 OLA JB . 54.46 -3.47 -10.77
C5 OLA JB . 53.57 -3.30 -12.00
C6 OLA JB . 52.89 -4.61 -12.41
C7 OLA JB . 52.74 -5.58 -11.25
C8 OLA JB . 52.32 -6.96 -11.76
C9 OLA JB . 52.38 -7.95 -10.61
C10 OLA JB . 52.08 -9.37 -10.86
C11 OLA JB . 51.14 -9.75 -11.98
C12 OLA JB . 50.21 -10.86 -11.51
C13 OLA JB . 50.56 -12.20 -12.13
C14 OLA JB . 49.37 -12.73 -12.93
C15 OLA JB . 49.49 -12.34 -14.40
C16 OLA JB . 49.70 -13.58 -15.27
C17 OLA JB . 50.14 -13.20 -16.69
C18 OLA JB . 50.02 -14.40 -17.61
C1 RET KB . 36.94 -12.31 -29.85
C2 RET KB . 36.62 -13.14 -31.10
C3 RET KB . 36.11 -12.32 -32.27
C4 RET KB . 37.09 -11.21 -32.65
C5 RET KB . 37.76 -10.55 -31.47
C6 RET KB . 37.60 -10.98 -30.21
C7 RET KB . 38.42 -10.46 -29.13
C8 RET KB . 38.05 -9.56 -28.23
C9 RET KB . 38.85 -9.03 -27.14
C10 RET KB . 38.65 -9.49 -25.88
C11 RET KB . 39.32 -9.09 -24.69
C12 RET KB . 38.83 -9.33 -23.46
C13 RET KB . 39.41 -8.96 -22.19
C14 RET KB . 38.92 -9.50 -21.05
C15 RET KB . 39.35 -9.26 -19.70
C16 RET KB . 35.64 -12.06 -29.08
C17 RET KB . 37.88 -13.14 -28.96
C18 RET KB . 38.39 -9.24 -31.84
C19 RET KB . 39.87 -7.97 -27.47
C20 RET KB . 40.54 -7.95 -22.19
#